data_7FUW
# 
_entry.id   7FUW 
# 
_audit_conform.dict_name       mmcif_pdbx.dic 
_audit_conform.dict_version    5.392 
_audit_conform.dict_location   http://mmcif.pdb.org/dictionaries/ascii/mmcif_pdbx.dic 
# 
loop_
_database_2.database_id 
_database_2.database_code 
_database_2.pdbx_database_accession 
_database_2.pdbx_DOI 
PDB   7FUW         pdb_00007fuw 10.2210/pdb7fuw/pdb 
WWPDB D_1001405377 ?            ?                   
# 
loop_
_pdbx_audit_revision_history.ordinal 
_pdbx_audit_revision_history.data_content_type 
_pdbx_audit_revision_history.major_revision 
_pdbx_audit_revision_history.minor_revision 
_pdbx_audit_revision_history.revision_date 
1 'Structure model' 1 0 2023-03-29 
2 'Structure model' 1 1 2024-05-22 
# 
_pdbx_audit_revision_details.ordinal             1 
_pdbx_audit_revision_details.revision_ordinal    1 
_pdbx_audit_revision_details.data_content_type   'Structure model' 
_pdbx_audit_revision_details.provider            repository 
_pdbx_audit_revision_details.type                'Initial release' 
_pdbx_audit_revision_details.description         ? 
_pdbx_audit_revision_details.details             ? 
# 
_pdbx_audit_revision_group.ordinal             1 
_pdbx_audit_revision_group.revision_ordinal    2 
_pdbx_audit_revision_group.data_content_type   'Structure model' 
_pdbx_audit_revision_group.group               'Data collection' 
# 
loop_
_pdbx_audit_revision_category.ordinal 
_pdbx_audit_revision_category.revision_ordinal 
_pdbx_audit_revision_category.data_content_type 
_pdbx_audit_revision_category.category 
1 2 'Structure model' chem_comp_atom 
2 2 'Structure model' chem_comp_bond 
# 
_pdbx_database_status.entry_id                        7FUW 
_pdbx_database_status.status_code                     REL 
_pdbx_database_status.status_code_sf                  REL 
_pdbx_database_status.status_code_mr                  ? 
_pdbx_database_status.status_code_cs                  ? 
_pdbx_database_status.recvd_initial_deposition_date   2023-03-09 
_pdbx_database_status.status_code_nmr_data            ? 
_pdbx_database_status.deposit_site                    RCSB 
_pdbx_database_status.process_site                    RCSB 
_pdbx_database_status.SG_entry                        ? 
_pdbx_database_status.pdb_format_compatible           Y 
_pdbx_database_status.methods_development_category    ? 
# 
_pdbx_contact_author.id                 1 
_pdbx_contact_author.email              frank.von-delft@diamond.ac.uk 
_pdbx_contact_author.name_first         Frank 
_pdbx_contact_author.name_last          'von Delft' 
_pdbx_contact_author.role               'principal investigator/group leader' 
_pdbx_contact_author.identifier_ORCID   0000-0003-0378-0017 
_pdbx_contact_author.name_mi            ? 
# 
loop_
_audit_author.name 
_audit_author.pdbx_ordinal 
'Grosjean, H.'   1 
'Tomlinson, C.'  2 
'Bradshaw, W.J.' 3 
'Koekemoer, L.'  4 
'Krojer, T.'     5 
'Fearon, D.'     6 
'Biggin, P.C.'   7 
'von Delft, F.'  8 
# 
_citation.id                        primary 
_citation.title                     'PanDDA analysis group deposition' 
_citation.journal_abbrev            'To Be Published' 
_citation.journal_volume            ? 
_citation.page_first                ? 
_citation.page_last                 ? 
_citation.year                      ? 
_citation.journal_id_ASTM           ? 
_citation.country                   ? 
_citation.journal_id_ISSN           ? 
_citation.journal_id_CSD            0353 
_citation.book_publisher            ? 
_citation.pdbx_database_id_PubMed   ? 
_citation.pdbx_database_id_DOI      ? 
# 
loop_
_citation_author.citation_id 
_citation_author.name 
_citation_author.identifier_ORCID 
_citation_author.ordinal 
primary 'Grosjean, H.'   ? 1 
primary 'Tomlinson, C.'  ? 2 
primary 'Bradshaw, W.J.' ? 3 
primary 'Koekemoer, L.'  ? 4 
primary 'Krojer, T.'     ? 5 
primary 'Fearon, D.'     ? 6 
primary 'Biggin, P.C.'   ? 7 
primary 'von Delft, F.'  ? 8 
# 
loop_
_entity.id 
_entity.type 
_entity.src_method 
_entity.pdbx_description 
_entity.formula_weight 
_entity.pdbx_number_of_molecules 
_entity.pdbx_ec 
_entity.pdbx_mutation 
_entity.pdbx_fragment 
_entity.details 
1 polymer     man 'PH-interacting protein'                                                                                       
17627.859 1   ? ? ? ? 
2 non-polymer syn "(3S)-2-benzyl-N'-[4-(furan-2-carbonyl)piperazine-1-carbonyl]-1,2,3,4-tetrahydroisoquinoline-3-carbohydrazide" 
487.550   1   ? ? ? ? 
3 water       nat water                                                                                                          
18.015    209 ? ? ? ? 
# 
_entity_name_com.entity_id   1 
_entity_name_com.name        
'PHIP,DDB1- and CUL4-associated factor 14,IRS-1 PH domain-binding protein,WD repeat-containing protein 11' 
# 
_entity_poly.entity_id                      1 
_entity_poly.type                           'polypeptide(L)' 
_entity_poly.nstd_linkage                   no 
_entity_poly.nstd_monomer                   no 
_entity_poly.pdbx_seq_one_letter_code       
;MHHHHHHSSGVDLGTENLYFQSMSYDIQAWKKQCEELLNLIFQCEDSEPFRQPVDLLEYPDYRDIIDTPMDFATVRETLE
AGNYESPMELCKDVRLIFSNSKAYTPSKRSRIYSMSLRLSAFFEEHISSVLSDYKSALRFHKRNTITKR
;
_entity_poly.pdbx_seq_one_letter_code_can   
;MHHHHHHSSGVDLGTENLYFQSMSYDIQAWKKQCEELLNLIFQCEDSEPFRQPVDLLEYPDYRDIIDTPMDFATVRETLE
AGNYESPMELCKDVRLIFSNSKAYTPSKRSRIYSMSLRLSAFFEEHISSVLSDYKSALRFHKRNTITKR
;
_entity_poly.pdbx_strand_id                 A 
_entity_poly.pdbx_target_identifier         ? 
# 
loop_
_pdbx_entity_nonpoly.entity_id 
_pdbx_entity_nonpoly.name 
_pdbx_entity_nonpoly.comp_id 
2 "(3S)-2-benzyl-N'-[4-(furan-2-carbonyl)piperazine-1-carbonyl]-1,2,3,4-tetrahydroisoquinoline-3-carbohydrazide" ZJN 
3 water                                                                                                          HOH 
# 
loop_
_entity_poly_seq.entity_id 
_entity_poly_seq.num 
_entity_poly_seq.mon_id 
_entity_poly_seq.hetero 
1 1   MET n 
1 2   HIS n 
1 3   HIS n 
1 4   HIS n 
1 5   HIS n 
1 6   HIS n 
1 7   HIS n 
1 8   SER n 
1 9   SER n 
1 10  GLY n 
1 11  VAL n 
1 12  ASP n 
1 13  LEU n 
1 14  GLY n 
1 15  THR n 
1 16  GLU n 
1 17  ASN n 
1 18  LEU n 
1 19  TYR n 
1 20  PHE n 
1 21  GLN n 
1 22  SER n 
1 23  MET n 
1 24  SER n 
1 25  TYR n 
1 26  ASP n 
1 27  ILE n 
1 28  GLN n 
1 29  ALA n 
1 30  TRP n 
1 31  LYS n 
1 32  LYS n 
1 33  GLN n 
1 34  CYS n 
1 35  GLU n 
1 36  GLU n 
1 37  LEU n 
1 38  LEU n 
1 39  ASN n 
1 40  LEU n 
1 41  ILE n 
1 42  PHE n 
1 43  GLN n 
1 44  CYS n 
1 45  GLU n 
1 46  ASP n 
1 47  SER n 
1 48  GLU n 
1 49  PRO n 
1 50  PHE n 
1 51  ARG n 
1 52  GLN n 
1 53  PRO n 
1 54  VAL n 
1 55  ASP n 
1 56  LEU n 
1 57  LEU n 
1 58  GLU n 
1 59  TYR n 
1 60  PRO n 
1 61  ASP n 
1 62  TYR n 
1 63  ARG n 
1 64  ASP n 
1 65  ILE n 
1 66  ILE n 
1 67  ASP n 
1 68  THR n 
1 69  PRO n 
1 70  MET n 
1 71  ASP n 
1 72  PHE n 
1 73  ALA n 
1 74  THR n 
1 75  VAL n 
1 76  ARG n 
1 77  GLU n 
1 78  THR n 
1 79  LEU n 
1 80  GLU n 
1 81  ALA n 
1 82  GLY n 
1 83  ASN n 
1 84  TYR n 
1 85  GLU n 
1 86  SER n 
1 87  PRO n 
1 88  MET n 
1 89  GLU n 
1 90  LEU n 
1 91  CYS n 
1 92  LYS n 
1 93  ASP n 
1 94  VAL n 
1 95  ARG n 
1 96  LEU n 
1 97  ILE n 
1 98  PHE n 
1 99  SER n 
1 100 ASN n 
1 101 SER n 
1 102 LYS n 
1 103 ALA n 
1 104 TYR n 
1 105 THR n 
1 106 PRO n 
1 107 SER n 
1 108 LYS n 
1 109 ARG n 
1 110 SER n 
1 111 ARG n 
1 112 ILE n 
1 113 TYR n 
1 114 SER n 
1 115 MET n 
1 116 SER n 
1 117 LEU n 
1 118 ARG n 
1 119 LEU n 
1 120 SER n 
1 121 ALA n 
1 122 PHE n 
1 123 PHE n 
1 124 GLU n 
1 125 GLU n 
1 126 HIS n 
1 127 ILE n 
1 128 SER n 
1 129 SER n 
1 130 VAL n 
1 131 LEU n 
1 132 SER n 
1 133 ASP n 
1 134 TYR n 
1 135 LYS n 
1 136 SER n 
1 137 ALA n 
1 138 LEU n 
1 139 ARG n 
1 140 PHE n 
1 141 HIS n 
1 142 LYS n 
1 143 ARG n 
1 144 ASN n 
1 145 THR n 
1 146 ILE n 
1 147 THR n 
1 148 LYS n 
1 149 ARG n 
# 
_entity_src_gen.entity_id                          1 
_entity_src_gen.pdbx_src_id                        1 
_entity_src_gen.pdbx_alt_source_flag               sample 
_entity_src_gen.pdbx_seq_type                      'Biological sequence' 
_entity_src_gen.pdbx_beg_seq_num                   1 
_entity_src_gen.pdbx_end_seq_num                   149 
_entity_src_gen.gene_src_common_name               human 
_entity_src_gen.gene_src_genus                     ? 
_entity_src_gen.pdbx_gene_src_gene                 'PHIP, DCAF14, WDR11' 
_entity_src_gen.gene_src_species                   ? 
_entity_src_gen.gene_src_strain                    ? 
_entity_src_gen.gene_src_tissue                    ? 
_entity_src_gen.gene_src_tissue_fraction           ? 
_entity_src_gen.gene_src_details                   ? 
_entity_src_gen.pdbx_gene_src_fragment             ? 
_entity_src_gen.pdbx_gene_src_scientific_name      'Homo sapiens' 
_entity_src_gen.pdbx_gene_src_ncbi_taxonomy_id     9606 
_entity_src_gen.pdbx_gene_src_variant              ? 
_entity_src_gen.pdbx_gene_src_cell_line            ? 
_entity_src_gen.pdbx_gene_src_atcc                 ? 
_entity_src_gen.pdbx_gene_src_organ                ? 
_entity_src_gen.pdbx_gene_src_organelle            ? 
_entity_src_gen.pdbx_gene_src_cell                 ? 
_entity_src_gen.pdbx_gene_src_cellular_location    ? 
_entity_src_gen.host_org_common_name               ? 
_entity_src_gen.pdbx_host_org_scientific_name      'Escherichia coli' 
_entity_src_gen.pdbx_host_org_ncbi_taxonomy_id     562 
_entity_src_gen.host_org_genus                     ? 
_entity_src_gen.pdbx_host_org_gene                 ? 
_entity_src_gen.pdbx_host_org_organ                ? 
_entity_src_gen.host_org_species                   ? 
_entity_src_gen.pdbx_host_org_tissue               ? 
_entity_src_gen.pdbx_host_org_tissue_fraction      ? 
_entity_src_gen.pdbx_host_org_strain               ? 
_entity_src_gen.pdbx_host_org_variant              ? 
_entity_src_gen.pdbx_host_org_cell_line            ? 
_entity_src_gen.pdbx_host_org_atcc                 ? 
_entity_src_gen.pdbx_host_org_culture_collection   ? 
_entity_src_gen.pdbx_host_org_cell                 ? 
_entity_src_gen.pdbx_host_org_organelle            ? 
_entity_src_gen.pdbx_host_org_cellular_location    ? 
_entity_src_gen.pdbx_host_org_vector_type          ? 
_entity_src_gen.pdbx_host_org_vector               ? 
_entity_src_gen.host_org_details                   ? 
_entity_src_gen.expression_system_id               ? 
_entity_src_gen.plasmid_name                       ? 
_entity_src_gen.plasmid_details                    ? 
_entity_src_gen.pdbx_description                   ? 
# 
loop_
_chem_comp.id 
_chem_comp.type 
_chem_comp.mon_nstd_flag 
_chem_comp.name 
_chem_comp.pdbx_synonyms 
_chem_comp.formula 
_chem_comp.formula_weight 
ALA 'L-peptide linking' y ALANINE ? 'C3 H7 N O2'     89.093  
ARG 'L-peptide linking' y ARGININE ? 'C6 H15 N4 O2 1' 175.209 
ASN 'L-peptide linking' y ASPARAGINE ? 'C4 H8 N2 O3'    132.118 
ASP 'L-peptide linking' y 'ASPARTIC ACID' ? 'C4 H7 N O4'     133.103 
CYS 'L-peptide linking' y CYSTEINE ? 'C3 H7 N O2 S'   121.158 
GLN 'L-peptide linking' y GLUTAMINE ? 'C5 H10 N2 O3'   146.144 
GLU 'L-peptide linking' y 'GLUTAMIC ACID' ? 'C5 H9 N O4'     147.129 
GLY 'peptide linking'   y GLYCINE ? 'C2 H5 N O2'     75.067  
HIS 'L-peptide linking' y HISTIDINE ? 'C6 H10 N3 O2 1' 156.162 
HOH non-polymer         . WATER ? 'H2 O'           18.015  
ILE 'L-peptide linking' y ISOLEUCINE ? 'C6 H13 N O2'    131.173 
LEU 'L-peptide linking' y LEUCINE ? 'C6 H13 N O2'    131.173 
LYS 'L-peptide linking' y LYSINE ? 'C6 H15 N2 O2 1' 147.195 
MET 'L-peptide linking' y METHIONINE ? 'C5 H11 N O2 S'  149.211 
PHE 'L-peptide linking' y PHENYLALANINE ? 'C9 H11 N O2'    165.189 
PRO 'L-peptide linking' y PROLINE ? 'C5 H9 N O2'     115.130 
SER 'L-peptide linking' y SERINE ? 'C3 H7 N O3'     105.093 
THR 'L-peptide linking' y THREONINE ? 'C4 H9 N O3'     119.119 
TRP 'L-peptide linking' y TRYPTOPHAN ? 'C11 H12 N2 O2'  204.225 
TYR 'L-peptide linking' y TYROSINE ? 'C9 H11 N O3'    181.189 
VAL 'L-peptide linking' y VALINE ? 'C5 H11 N O2'    117.146 
ZJN non-polymer         . 
"(3S)-2-benzyl-N'-[4-(furan-2-carbonyl)piperazine-1-carbonyl]-1,2,3,4-tetrahydroisoquinoline-3-carbohydrazide" ? 'C27 H29 N5 O4'  
487.550 
# 
loop_
_pdbx_poly_seq_scheme.asym_id 
_pdbx_poly_seq_scheme.entity_id 
_pdbx_poly_seq_scheme.seq_id 
_pdbx_poly_seq_scheme.mon_id 
_pdbx_poly_seq_scheme.ndb_seq_num 
_pdbx_poly_seq_scheme.pdb_seq_num 
_pdbx_poly_seq_scheme.auth_seq_num 
_pdbx_poly_seq_scheme.pdb_mon_id 
_pdbx_poly_seq_scheme.auth_mon_id 
_pdbx_poly_seq_scheme.pdb_strand_id 
_pdbx_poly_seq_scheme.pdb_ins_code 
_pdbx_poly_seq_scheme.hetero 
A 1 1   MET 1   1292 ?    ?   ?   A . n 
A 1 2   HIS 2   1293 ?    ?   ?   A . n 
A 1 3   HIS 3   1294 ?    ?   ?   A . n 
A 1 4   HIS 4   1295 ?    ?   ?   A . n 
A 1 5   HIS 5   1296 ?    ?   ?   A . n 
A 1 6   HIS 6   1297 ?    ?   ?   A . n 
A 1 7   HIS 7   1298 ?    ?   ?   A . n 
A 1 8   SER 8   1299 ?    ?   ?   A . n 
A 1 9   SER 9   1300 ?    ?   ?   A . n 
A 1 10  GLY 10  1301 ?    ?   ?   A . n 
A 1 11  VAL 11  1302 ?    ?   ?   A . n 
A 1 12  ASP 12  1303 ?    ?   ?   A . n 
A 1 13  LEU 13  1304 ?    ?   ?   A . n 
A 1 14  GLY 14  1305 ?    ?   ?   A . n 
A 1 15  THR 15  1306 ?    ?   ?   A . n 
A 1 16  GLU 16  1307 ?    ?   ?   A . n 
A 1 17  ASN 17  1308 ?    ?   ?   A . n 
A 1 18  LEU 18  1309 ?    ?   ?   A . n 
A 1 19  TYR 19  1310 ?    ?   ?   A . n 
A 1 20  PHE 20  1311 ?    ?   ?   A . n 
A 1 21  GLN 21  1312 ?    ?   ?   A . n 
A 1 22  SER 22  1313 ?    ?   ?   A . n 
A 1 23  MET 23  1314 ?    ?   ?   A . n 
A 1 24  SER 24  1315 1315 SER SER A . n 
A 1 25  TYR 25  1316 1316 TYR TYR A . n 
A 1 26  ASP 26  1317 1317 ASP ASP A . n 
A 1 27  ILE 27  1318 1318 ILE ILE A . n 
A 1 28  GLN 28  1319 1319 GLN GLN A . n 
A 1 29  ALA 29  1320 1320 ALA ALA A . n 
A 1 30  TRP 30  1321 1321 TRP TRP A . n 
A 1 31  LYS 31  1322 1322 LYS LYS A . n 
A 1 32  LYS 32  1323 1323 LYS LYS A . n 
A 1 33  GLN 33  1324 1324 GLN GLN A . n 
A 1 34  CYS 34  1325 1325 CYS CYS A . n 
A 1 35  GLU 35  1326 1326 GLU GLU A . n 
A 1 36  GLU 36  1327 1327 GLU GLU A . n 
A 1 37  LEU 37  1328 1328 LEU LEU A . n 
A 1 38  LEU 38  1329 1329 LEU LEU A . n 
A 1 39  ASN 39  1330 1330 ASN ASN A . n 
A 1 40  LEU 40  1331 1331 LEU LEU A . n 
A 1 41  ILE 41  1332 1332 ILE ILE A . n 
A 1 42  PHE 42  1333 1333 PHE PHE A . n 
A 1 43  GLN 43  1334 1334 GLN GLN A . n 
A 1 44  CYS 44  1335 1335 CYS CYS A . n 
A 1 45  GLU 45  1336 1336 GLU GLU A . n 
A 1 46  ASP 46  1337 1337 ASP ASP A . n 
A 1 47  SER 47  1338 1338 SER SER A . n 
A 1 48  GLU 48  1339 1339 GLU GLU A . n 
A 1 49  PRO 49  1340 1340 PRO PRO A . n 
A 1 50  PHE 50  1341 1341 PHE PHE A . n 
A 1 51  ARG 51  1342 1342 ARG ARG A . n 
A 1 52  GLN 52  1343 1343 GLN GLN A . n 
A 1 53  PRO 53  1344 1344 PRO PRO A . n 
A 1 54  VAL 54  1345 1345 VAL VAL A . n 
A 1 55  ASP 55  1346 1346 ASP ASP A . n 
A 1 56  LEU 56  1347 1347 LEU LEU A . n 
A 1 57  LEU 57  1348 1348 LEU LEU A . n 
A 1 58  GLU 58  1349 1349 GLU GLU A . n 
A 1 59  TYR 59  1350 1350 TYR TYR A . n 
A 1 60  PRO 60  1351 1351 PRO PRO A . n 
A 1 61  ASP 61  1352 1352 ASP ASP A . n 
A 1 62  TYR 62  1353 1353 TYR TYR A . n 
A 1 63  ARG 63  1354 1354 ARG ARG A . n 
A 1 64  ASP 64  1355 1355 ASP ASP A . n 
A 1 65  ILE 65  1356 1356 ILE ILE A . n 
A 1 66  ILE 66  1357 1357 ILE ILE A . n 
A 1 67  ASP 67  1358 1358 ASP ASP A . n 
A 1 68  THR 68  1359 1359 THR THR A . n 
A 1 69  PRO 69  1360 1360 PRO PRO A . n 
A 1 70  MET 70  1361 1361 MET MET A . n 
A 1 71  ASP 71  1362 1362 ASP ASP A . n 
A 1 72  PHE 72  1363 1363 PHE PHE A . n 
A 1 73  ALA 73  1364 1364 ALA ALA A . n 
A 1 74  THR 74  1365 1365 THR THR A . n 
A 1 75  VAL 75  1366 1366 VAL VAL A . n 
A 1 76  ARG 76  1367 1367 ARG ARG A . n 
A 1 77  GLU 77  1368 1368 GLU GLU A . n 
A 1 78  THR 78  1369 1369 THR THR A . n 
A 1 79  LEU 79  1370 1370 LEU LEU A . n 
A 1 80  GLU 80  1371 1371 GLU GLU A . n 
A 1 81  ALA 81  1372 1372 ALA ALA A . n 
A 1 82  GLY 82  1373 1373 GLY GLY A . n 
A 1 83  ASN 83  1374 1374 ASN ASN A . n 
A 1 84  TYR 84  1375 1375 TYR TYR A . n 
A 1 85  GLU 85  1376 1376 GLU GLU A . n 
A 1 86  SER 86  1377 1377 SER SER A . n 
A 1 87  PRO 87  1378 1378 PRO PRO A . n 
A 1 88  MET 88  1379 1379 MET MET A . n 
A 1 89  GLU 89  1380 1380 GLU GLU A . n 
A 1 90  LEU 90  1381 1381 LEU LEU A . n 
A 1 91  CYS 91  1382 1382 CYS CYS A . n 
A 1 92  LYS 92  1383 1383 LYS LYS A . n 
A 1 93  ASP 93  1384 1384 ASP ASP A . n 
A 1 94  VAL 94  1385 1385 VAL VAL A . n 
A 1 95  ARG 95  1386 1386 ARG ARG A . n 
A 1 96  LEU 96  1387 1387 LEU LEU A . n 
A 1 97  ILE 97  1388 1388 ILE ILE A . n 
A 1 98  PHE 98  1389 1389 PHE PHE A . n 
A 1 99  SER 99  1390 1390 SER SER A . n 
A 1 100 ASN 100 1391 1391 ASN ASN A . n 
A 1 101 SER 101 1392 1392 SER SER A . n 
A 1 102 LYS 102 1393 1393 LYS LYS A . n 
A 1 103 ALA 103 1394 1394 ALA ALA A . n 
A 1 104 TYR 104 1395 1395 TYR TYR A . n 
A 1 105 THR 105 1396 1396 THR THR A . n 
A 1 106 PRO 106 1397 1397 PRO PRO A . n 
A 1 107 SER 107 1398 1398 SER SER A . n 
A 1 108 LYS 108 1399 1399 LYS LYS A . n 
A 1 109 ARG 109 1400 1400 ARG ARG A . n 
A 1 110 SER 110 1401 1401 SER SER A . n 
A 1 111 ARG 111 1402 1402 ARG ARG A . n 
A 1 112 ILE 112 1403 1403 ILE ILE A . n 
A 1 113 TYR 113 1404 1404 TYR TYR A . n 
A 1 114 SER 114 1405 1405 SER SER A . n 
A 1 115 MET 115 1406 1406 MET MET A . n 
A 1 116 SER 116 1407 1407 SER SER A . n 
A 1 117 LEU 117 1408 1408 LEU LEU A . n 
A 1 118 ARG 118 1409 1409 ARG ARG A . n 
A 1 119 LEU 119 1410 1410 LEU LEU A . n 
A 1 120 SER 120 1411 1411 SER SER A . n 
A 1 121 ALA 121 1412 1412 ALA ALA A . n 
A 1 122 PHE 122 1413 1413 PHE PHE A . n 
A 1 123 PHE 123 1414 1414 PHE PHE A . n 
A 1 124 GLU 124 1415 1415 GLU GLU A . n 
A 1 125 GLU 125 1416 1416 GLU GLU A . n 
A 1 126 HIS 126 1417 1417 HIS HIS A . n 
A 1 127 ILE 127 1418 1418 ILE ILE A . n 
A 1 128 SER 128 1419 1419 SER SER A . n 
A 1 129 SER 129 1420 1420 SER SER A . n 
A 1 130 VAL 130 1421 1421 VAL VAL A . n 
A 1 131 LEU 131 1422 1422 LEU LEU A . n 
A 1 132 SER 132 1423 1423 SER SER A . n 
A 1 133 ASP 133 1424 1424 ASP ASP A . n 
A 1 134 TYR 134 1425 1425 TYR TYR A . n 
A 1 135 LYS 135 1426 1426 LYS LYS A . n 
A 1 136 SER 136 1427 1427 SER SER A . n 
A 1 137 ALA 137 1428 1428 ALA ALA A . n 
A 1 138 LEU 138 1429 1429 LEU LEU A . n 
A 1 139 ARG 139 1430 1430 ARG ARG A . n 
A 1 140 PHE 140 1431 1431 PHE PHE A . n 
A 1 141 HIS 141 1432 1432 HIS HIS A . n 
A 1 142 LYS 142 1433 1433 LYS LYS A . n 
A 1 143 ARG 143 1434 1434 ARG ARG A . n 
A 1 144 ASN 144 1435 1435 ASN ASN A . n 
A 1 145 THR 145 1436 1436 THR THR A . n 
A 1 146 ILE 146 1437 ?    ?   ?   A . n 
A 1 147 THR 147 1438 ?    ?   ?   A . n 
A 1 148 LYS 148 1439 ?    ?   ?   A . n 
A 1 149 ARG 149 1440 ?    ?   ?   A . n 
# 
loop_
_pdbx_nonpoly_scheme.asym_id 
_pdbx_nonpoly_scheme.entity_id 
_pdbx_nonpoly_scheme.mon_id 
_pdbx_nonpoly_scheme.ndb_seq_num 
_pdbx_nonpoly_scheme.pdb_seq_num 
_pdbx_nonpoly_scheme.auth_seq_num 
_pdbx_nonpoly_scheme.pdb_mon_id 
_pdbx_nonpoly_scheme.auth_mon_id 
_pdbx_nonpoly_scheme.pdb_strand_id 
_pdbx_nonpoly_scheme.pdb_ins_code 
B 2 ZJN 1   1901 1901 ZJN LIG A . 
C 3 HOH 1   2001 25   HOH HOH A . 
C 3 HOH 2   2002 1771 HOH HOH A . 
C 3 HOH 3   2003 1618 HOH HOH A . 
C 3 HOH 4   2004 1606 HOH HOH A . 
C 3 HOH 5   2005 1662 HOH HOH A . 
C 3 HOH 6   2006 7    HOH HOH A . 
C 3 HOH 7   2007 1610 HOH HOH A . 
C 3 HOH 8   2008 1696 HOH HOH A . 
C 3 HOH 9   2009 1605 HOH HOH A . 
C 3 HOH 10  2010 24   HOH HOH A . 
C 3 HOH 11  2011 1607 HOH HOH A . 
C 3 HOH 12  2012 15   HOH HOH A . 
C 3 HOH 13  2013 1712 HOH HOH A . 
C 3 HOH 14  2014 1608 HOH HOH A . 
C 3 HOH 15  2015 1647 HOH HOH A . 
C 3 HOH 16  2016 9    HOH HOH A . 
C 3 HOH 17  2017 1    HOH HOH A . 
C 3 HOH 18  2018 11   HOH HOH A . 
C 3 HOH 19  2019 1695 HOH HOH A . 
C 3 HOH 20  2020 1603 HOH HOH A . 
C 3 HOH 21  2021 13   HOH HOH A . 
C 3 HOH 22  2022 1609 HOH HOH A . 
C 3 HOH 23  2023 1679 HOH HOH A . 
C 3 HOH 24  2024 1660 HOH HOH A . 
C 3 HOH 25  2025 1767 HOH HOH A . 
C 3 HOH 26  2026 1670 HOH HOH A . 
C 3 HOH 27  2027 1602 HOH HOH A . 
C 3 HOH 28  2028 1678 HOH HOH A . 
C 3 HOH 29  2029 1622 HOH HOH A . 
C 3 HOH 30  2030 1624 HOH HOH A . 
C 3 HOH 31  2031 1629 HOH HOH A . 
C 3 HOH 32  2032 1676 HOH HOH A . 
C 3 HOH 33  2033 1612 HOH HOH A . 
C 3 HOH 34  2034 1616 HOH HOH A . 
C 3 HOH 35  2035 1615 HOH HOH A . 
C 3 HOH 36  2036 1671 HOH HOH A . 
C 3 HOH 37  2037 1617 HOH HOH A . 
C 3 HOH 38  2038 1625 HOH HOH A . 
C 3 HOH 39  2039 20   HOH HOH A . 
C 3 HOH 40  2040 1646 HOH HOH A . 
C 3 HOH 41  2041 1623 HOH HOH A . 
C 3 HOH 42  2042 1642 HOH HOH A . 
C 3 HOH 43  2043 1658 HOH HOH A . 
C 3 HOH 44  2044 1620 HOH HOH A . 
C 3 HOH 45  2045 1655 HOH HOH A . 
C 3 HOH 46  2046 1732 HOH HOH A . 
C 3 HOH 47  2047 1626 HOH HOH A . 
C 3 HOH 48  2048 1604 HOH HOH A . 
C 3 HOH 49  2049 1757 HOH HOH A . 
C 3 HOH 50  2050 1739 HOH HOH A . 
C 3 HOH 51  2051 1630 HOH HOH A . 
C 3 HOH 52  2052 1628 HOH HOH A . 
C 3 HOH 53  2053 1644 HOH HOH A . 
C 3 HOH 54  2054 1663 HOH HOH A . 
C 3 HOH 55  2055 1738 HOH HOH A . 
C 3 HOH 56  2056 1645 HOH HOH A . 
C 3 HOH 57  2057 1664 HOH HOH A . 
C 3 HOH 58  2058 1665 HOH HOH A . 
C 3 HOH 59  2059 4    HOH HOH A . 
C 3 HOH 60  2060 1733 HOH HOH A . 
C 3 HOH 61  2061 1632 HOH HOH A . 
C 3 HOH 62  2062 1677 HOH HOH A . 
C 3 HOH 63  2063 1634 HOH HOH A . 
C 3 HOH 64  2064 1652 HOH HOH A . 
C 3 HOH 65  2065 1682 HOH HOH A . 
C 3 HOH 66  2066 1693 HOH HOH A . 
C 3 HOH 67  2067 3    HOH HOH A . 
C 3 HOH 68  2068 1666 HOH HOH A . 
C 3 HOH 69  2069 1650 HOH HOH A . 
C 3 HOH 70  2070 1672 HOH HOH A . 
C 3 HOH 71  2071 1692 HOH HOH A . 
C 3 HOH 72  2072 1668 HOH HOH A . 
C 3 HOH 73  2073 1673 HOH HOH A . 
C 3 HOH 74  2074 1687 HOH HOH A . 
C 3 HOH 75  2075 1633 HOH HOH A . 
C 3 HOH 76  2076 26   HOH HOH A . 
C 3 HOH 77  2077 1613 HOH HOH A . 
C 3 HOH 78  2078 1700 HOH HOH A . 
C 3 HOH 79  2079 1637 HOH HOH A . 
C 3 HOH 80  2080 1674 HOH HOH A . 
C 3 HOH 81  2081 1690 HOH HOH A . 
C 3 HOH 82  2082 1689 HOH HOH A . 
C 3 HOH 83  2083 1651 HOH HOH A . 
C 3 HOH 84  2084 1643 HOH HOH A . 
C 3 HOH 85  2085 22   HOH HOH A . 
C 3 HOH 86  2086 1723 HOH HOH A . 
C 3 HOH 87  2087 1661 HOH HOH A . 
C 3 HOH 88  2088 1701 HOH HOH A . 
C 3 HOH 89  2089 1619 HOH HOH A . 
C 3 HOH 90  2090 1688 HOH HOH A . 
C 3 HOH 91  2091 1675 HOH HOH A . 
C 3 HOH 92  2092 1694 HOH HOH A . 
C 3 HOH 93  2093 1683 HOH HOH A . 
C 3 HOH 94  2094 1601 HOH HOH A . 
C 3 HOH 95  2095 1699 HOH HOH A . 
C 3 HOH 96  2096 1686 HOH HOH A . 
C 3 HOH 97  2097 1721 HOH HOH A . 
C 3 HOH 98  2098 1728 HOH HOH A . 
C 3 HOH 99  2099 1725 HOH HOH A . 
C 3 HOH 100 2100 1681 HOH HOH A . 
C 3 HOH 101 2101 1714 HOH HOH A . 
C 3 HOH 102 2102 1741 HOH HOH A . 
C 3 HOH 103 2103 1614 HOH HOH A . 
C 3 HOH 104 2104 6    HOH HOH A . 
C 3 HOH 105 2105 10   HOH HOH A . 
C 3 HOH 106 2106 14   HOH HOH A . 
C 3 HOH 107 2107 1685 HOH HOH A . 
C 3 HOH 108 2108 1641 HOH HOH A . 
C 3 HOH 109 2109 1711 HOH HOH A . 
C 3 HOH 110 2110 5    HOH HOH A . 
C 3 HOH 111 2111 1747 HOH HOH A . 
C 3 HOH 112 2112 1734 HOH HOH A . 
C 3 HOH 113 2113 1648 HOH HOH A . 
C 3 HOH 114 2114 1719 HOH HOH A . 
C 3 HOH 115 2115 1727 HOH HOH A . 
C 3 HOH 116 2116 1708 HOH HOH A . 
C 3 HOH 117 2117 1621 HOH HOH A . 
C 3 HOH 118 2118 1729 HOH HOH A . 
C 3 HOH 119 2119 1669 HOH HOH A . 
C 3 HOH 120 2120 1697 HOH HOH A . 
C 3 HOH 121 2121 1713 HOH HOH A . 
C 3 HOH 122 2122 1627 HOH HOH A . 
C 3 HOH 123 2123 1722 HOH HOH A . 
C 3 HOH 124 2124 1706 HOH HOH A . 
C 3 HOH 125 2125 8    HOH HOH A . 
C 3 HOH 126 2126 1611 HOH HOH A . 
C 3 HOH 127 2127 1704 HOH HOH A . 
C 3 HOH 128 2128 1724 HOH HOH A . 
C 3 HOH 129 2129 1737 HOH HOH A . 
C 3 HOH 130 2130 1709 HOH HOH A . 
C 3 HOH 131 2131 1715 HOH HOH A . 
C 3 HOH 132 2132 1640 HOH HOH A . 
C 3 HOH 133 2133 1735 HOH HOH A . 
C 3 HOH 134 2134 1716 HOH HOH A . 
C 3 HOH 135 2135 1740 HOH HOH A . 
C 3 HOH 136 2136 1657 HOH HOH A . 
C 3 HOH 137 2137 1731 HOH HOH A . 
C 3 HOH 138 2138 1710 HOH HOH A . 
C 3 HOH 139 2139 1684 HOH HOH A . 
C 3 HOH 140 2140 1736 HOH HOH A . 
C 3 HOH 141 2141 1718 HOH HOH A . 
C 3 HOH 142 2142 1726 HOH HOH A . 
C 3 HOH 143 2143 1667 HOH HOH A . 
C 3 HOH 144 2144 1703 HOH HOH A . 
C 3 HOH 145 2145 1801 HOH HOH A . 
C 3 HOH 146 2146 1773 HOH HOH A . 
C 3 HOH 147 2147 1744 HOH HOH A . 
C 3 HOH 148 2148 1730 HOH HOH A . 
C 3 HOH 149 2149 1720 HOH HOH A . 
C 3 HOH 150 2150 1702 HOH HOH A . 
C 3 HOH 151 2151 1638 HOH HOH A . 
C 3 HOH 152 2152 1746 HOH HOH A . 
C 3 HOH 153 2153 23   HOH HOH A . 
C 3 HOH 154 2154 1656 HOH HOH A . 
C 3 HOH 155 2155 1635 HOH HOH A . 
C 3 HOH 156 2156 19   HOH HOH A . 
C 3 HOH 157 2157 1752 HOH HOH A . 
C 3 HOH 158 2158 1756 HOH HOH A . 
C 3 HOH 159 2159 1751 HOH HOH A . 
C 3 HOH 160 2160 1753 HOH HOH A . 
C 3 HOH 161 2161 1654 HOH HOH A . 
C 3 HOH 162 2162 1769 HOH HOH A . 
C 3 HOH 163 2163 1766 HOH HOH A . 
C 3 HOH 164 2164 21   HOH HOH A . 
C 3 HOH 165 2165 1754 HOH HOH A . 
C 3 HOH 166 2166 1748 HOH HOH A . 
C 3 HOH 167 2167 1743 HOH HOH A . 
C 3 HOH 168 2168 1759 HOH HOH A . 
C 3 HOH 169 2169 17   HOH HOH A . 
C 3 HOH 170 2170 1795 HOH HOH A . 
C 3 HOH 171 2171 1742 HOH HOH A . 
C 3 HOH 172 2172 1770 HOH HOH A . 
C 3 HOH 173 2173 1758 HOH HOH A . 
C 3 HOH 174 2174 1762 HOH HOH A . 
C 3 HOH 175 2175 16   HOH HOH A . 
C 3 HOH 176 2176 1765 HOH HOH A . 
C 3 HOH 177 2177 1779 HOH HOH A . 
C 3 HOH 178 2178 1777 HOH HOH A . 
C 3 HOH 179 2179 1764 HOH HOH A . 
C 3 HOH 180 2180 1796 HOH HOH A . 
C 3 HOH 181 2181 1763 HOH HOH A . 
C 3 HOH 182 2182 1783 HOH HOH A . 
C 3 HOH 183 2183 1786 HOH HOH A . 
C 3 HOH 184 2184 1784 HOH HOH A . 
C 3 HOH 185 2185 1778 HOH HOH A . 
C 3 HOH 186 2186 1761 HOH HOH A . 
C 3 HOH 187 2187 1775 HOH HOH A . 
C 3 HOH 188 2188 1774 HOH HOH A . 
C 3 HOH 189 2189 1781 HOH HOH A . 
C 3 HOH 190 2190 1794 HOH HOH A . 
C 3 HOH 191 2191 1782 HOH HOH A . 
C 3 HOH 192 2192 1780 HOH HOH A . 
C 3 HOH 193 2193 1785 HOH HOH A . 
C 3 HOH 194 2194 1789 HOH HOH A . 
C 3 HOH 195 2195 27   HOH HOH A . 
C 3 HOH 196 2196 2    HOH HOH A . 
C 3 HOH 197 2197 1760 HOH HOH A . 
C 3 HOH 198 2198 1787 HOH HOH A . 
C 3 HOH 199 2199 1768 HOH HOH A . 
C 3 HOH 200 2200 1791 HOH HOH A . 
C 3 HOH 201 2201 1790 HOH HOH A . 
C 3 HOH 202 2202 12   HOH HOH A . 
C 3 HOH 203 2203 1792 HOH HOH A . 
C 3 HOH 204 2204 1793 HOH HOH A . 
C 3 HOH 205 2205 1798 HOH HOH A . 
C 3 HOH 206 2206 1788 HOH HOH A . 
C 3 HOH 207 2207 1797 HOH HOH A . 
C 3 HOH 208 2208 1799 HOH HOH A . 
C 3 HOH 209 2209 1800 HOH HOH A . 
# 
loop_
_pdbx_unobs_or_zero_occ_atoms.id 
_pdbx_unobs_or_zero_occ_atoms.PDB_model_num 
_pdbx_unobs_or_zero_occ_atoms.polymer_flag 
_pdbx_unobs_or_zero_occ_atoms.occupancy_flag 
_pdbx_unobs_or_zero_occ_atoms.auth_asym_id 
_pdbx_unobs_or_zero_occ_atoms.auth_comp_id 
_pdbx_unobs_or_zero_occ_atoms.auth_seq_id 
_pdbx_unobs_or_zero_occ_atoms.PDB_ins_code 
_pdbx_unobs_or_zero_occ_atoms.auth_atom_id 
_pdbx_unobs_or_zero_occ_atoms.label_alt_id 
_pdbx_unobs_or_zero_occ_atoms.label_asym_id 
_pdbx_unobs_or_zero_occ_atoms.label_comp_id 
_pdbx_unobs_or_zero_occ_atoms.label_seq_id 
_pdbx_unobs_or_zero_occ_atoms.label_atom_id 
1 1 Y 1 A GLN 1334 ? CD  ? A GLN 43 CD  
2 1 Y 1 A GLN 1334 ? OE1 ? A GLN 43 OE1 
3 1 Y 1 A GLN 1334 ? NE2 ? A GLN 43 NE2 
# 
loop_
_software.pdbx_ordinal 
_software.name 
_software.version 
_software.date 
_software.type 
_software.contact_author 
_software.contact_author_email 
_software.classification 
_software.location 
_software.language 
_software.citation_id 
1 REFMAC      5.8.0267 ?               program 'Garib N. Murshudov' garib@ysbl.york.ac.uk    refinement        
http://www.ccp4.ac.uk/dist/html/refmac5.html        Fortran_77 ? 
2 Aimless     0.7.7    23/04/21        program 'Phil Evans'         ?                        'data scaling'    
http://www.mrc-lmb.cam.ac.uk/harry/pre/aimless.html ?          ? 
3 PDB_EXTRACT 3.23     'SEP. 23, 2016' package PDB                  deposit@deposit.rcsb.org 'data extraction' 
http://sw-tools.pdb.org/apps/PDB_EXTRACT/           C++        ? 
4 XDS         .        ?               program ?                    ?                        'data reduction'  ? ?          ? 
5 REFMAC      .        ?               program ?                    ?                        phasing           ? ?          ? 
# 
_cell.entry_id           7FUW 
_cell.length_a           82.001 
_cell.length_b           27.502 
_cell.length_c           56.336 
_cell.angle_alpha        90.000 
_cell.angle_beta         99.900 
_cell.angle_gamma        90.000 
_cell.Z_PDB              4 
_cell.pdbx_unique_axis   ? 
# 
_symmetry.entry_id                         7FUW 
_symmetry.space_group_name_H-M             'C 1 2 1' 
_symmetry.pdbx_full_space_group_name_H-M   ? 
_symmetry.cell_setting                     ? 
_symmetry.Int_Tables_number                5 
# 
_exptl.crystals_number   1 
_exptl.entry_id          7FUW 
_exptl.method            'X-RAY DIFFRACTION' 
# 
_exptl_crystal.id                    1 
_exptl_crystal.pdbx_mosaicity        0.000 
_exptl_crystal.pdbx_mosaicity_esd    ? 
_exptl_crystal.density_Matthews      1.77 
_exptl_crystal.density_diffrn        ? 
_exptl_crystal.density_meas          ? 
_exptl_crystal.density_meas_temp     ? 
_exptl_crystal.density_percent_sol   30.70 
_exptl_crystal.size_max              ? 
_exptl_crystal.size_mid              ? 
_exptl_crystal.size_min              ? 
_exptl_crystal.size_rad              ? 
_exptl_crystal.description           ? 
# 
_exptl_crystal_grow.crystal_id      1 
_exptl_crystal_grow.method          'VAPOR DIFFUSION, SITTING DROP' 
_exptl_crystal_grow.pH              5.6 
_exptl_crystal_grow.temp            277 
_exptl_crystal_grow.pdbx_details    '20% PEG 8000, 0.04M potassium phosphate' 
_exptl_crystal_grow.temp_details    ? 
_exptl_crystal_grow.pdbx_pH_range   ? 
# 
_diffrn.id                     1 
_diffrn.ambient_temp           100 
_diffrn.crystal_id             1 
_diffrn.ambient_temp_details   ? 
# 
_diffrn_detector.detector               PIXEL 
_diffrn_detector.type                   'DECTRIS PILATUS 6M' 
_diffrn_detector.pdbx_collection_date   2022-09-24 
_diffrn_detector.diffrn_id              1 
_diffrn_detector.details                ? 
# 
_diffrn_radiation.diffrn_id                        1 
_diffrn_radiation.wavelength_id                    1 
_diffrn_radiation.pdbx_diffrn_protocol             'SINGLE WAVELENGTH' 
_diffrn_radiation.pdbx_monochromatic_or_laue_m_l   ? 
_diffrn_radiation.monochromator                    ? 
_diffrn_radiation.pdbx_scattering_type             x-ray 
# 
_diffrn_radiation_wavelength.id           1 
_diffrn_radiation_wavelength.wavelength   0.92124 
_diffrn_radiation_wavelength.wt           1.0 
# 
_diffrn_source.diffrn_id                   1 
_diffrn_source.source                      SYNCHROTRON 
_diffrn_source.type                        'DIAMOND BEAMLINE I04-1' 
_diffrn_source.pdbx_wavelength_list        0.92124 
_diffrn_source.pdbx_synchrotron_site       Diamond 
_diffrn_source.pdbx_synchrotron_beamline   I04-1 
_diffrn_source.pdbx_wavelength             ? 
# 
_reflns.entry_id                     7FUW 
_reflns.pdbx_diffrn_id               1 
_reflns.pdbx_ordinal                 1 
_reflns.observed_criterion_sigma_I   ? 
_reflns.observed_criterion_sigma_F   ? 
_reflns.d_resolution_low             55.520 
_reflns.d_resolution_high            1.190 
_reflns.number_obs                   33694 
_reflns.number_all                   ? 
_reflns.percent_possible_obs         83.900 
_reflns.pdbx_Rmerge_I_obs            0.043 
_reflns.pdbx_Rsym_value              ? 
_reflns.pdbx_netI_over_sigmaI        27.800 
_reflns.B_iso_Wilson_estimate        ? 
_reflns.pdbx_redundancy              5.200 
_reflns.pdbx_Rrim_I_all              0.047 
_reflns.pdbx_Rpim_I_all              0.019 
_reflns.pdbx_CC_half                 0.994 
_reflns.pdbx_netI_over_av_sigmaI     ? 
_reflns.pdbx_number_measured_all     174002 
_reflns.pdbx_scaling_rejects         0 
_reflns.pdbx_chi_squared             ? 
_reflns.Rmerge_F_all                 ? 
_reflns.Rmerge_F_obs                 ? 
_reflns.observed_criterion_F_max     ? 
_reflns.observed_criterion_F_min     ? 
_reflns.observed_criterion_I_max     ? 
_reflns.observed_criterion_I_min     ? 
_reflns.pdbx_d_res_high_opt          ? 
_reflns.pdbx_d_res_low_opt           ? 
_reflns.details                      ? 
# 
loop_
_reflns_shell.pdbx_diffrn_id 
_reflns_shell.pdbx_ordinal 
_reflns_shell.d_res_high 
_reflns_shell.d_res_low 
_reflns_shell.number_measured_obs 
_reflns_shell.number_measured_all 
_reflns_shell.number_unique_obs 
_reflns_shell.pdbx_rejects 
_reflns_shell.Rmerge_I_obs 
_reflns_shell.meanI_over_sigI_obs 
_reflns_shell.pdbx_Rsym_value 
_reflns_shell.pdbx_chi_squared 
_reflns_shell.pdbx_redundancy 
_reflns_shell.percent_possible_obs 
_reflns_shell.pdbx_netI_over_sigmaI_obs 
_reflns_shell.number_possible 
_reflns_shell.number_unique_all 
_reflns_shell.Rmerge_F_all 
_reflns_shell.Rmerge_F_obs 
_reflns_shell.Rmerge_I_all 
_reflns_shell.meanI_over_sigI_all 
_reflns_shell.percent_possible_all 
_reflns_shell.pdbx_Rrim_I_all 
_reflns_shell.pdbx_Rpim_I_all 
_reflns_shell.pdbx_CC_half 
1 1 1.190 1.210  ? 550  ? ? 0.260 ? ? ? 1.300 ? 1.400  ? 424 ? ? ? ? 22.000 0.364 0.255 0.899 
1 2 6.520 55.520 ? 1509 ? ? 0.076 ? ? ? 5.400 ? 69.200 ? 279 ? ? ? ? 99.800 0.086 0.040 0.989 
# 
_refine.entry_id                                 7FUW 
_refine.pdbx_refine_id                           'X-RAY DIFFRACTION' 
_refine.ls_d_res_high                            1.1900 
_refine.ls_d_res_low                             55.5000 
_refine.pdbx_ls_sigma_F                          0.000 
_refine.pdbx_data_cutoff_high_absF               ? 
_refine.pdbx_data_cutoff_low_absF                ? 
_refine.ls_percent_reflns_obs                    83.8700 
_refine.ls_number_reflns_obs                     31994 
_refine.ls_number_reflns_all                     ? 
_refine.pdbx_ls_cross_valid_method               THROUGHOUT 
_refine.ls_matrix_type                           ? 
_refine.pdbx_R_Free_selection_details            RANDOM 
_refine.details                                  
'HYDROGENS HAVE BEEN ADDED IN THE RIDING POSITIONS U VALUES      : REFINED INDIVIDUALLY' 
_refine.ls_R_factor_all                          ? 
_refine.ls_R_factor_obs                          0.1706 
_refine.ls_R_factor_R_work                       0.1697 
_refine.ls_wR_factor_R_work                      ? 
_refine.ls_R_factor_R_free                       0.1868 
_refine.ls_wR_factor_R_free                      ? 
_refine.ls_percent_reflns_R_free                 5.0000 
_refine.ls_number_reflns_R_free                  1700 
_refine.ls_number_reflns_R_work                  ? 
_refine.ls_R_factor_R_free_error                 ? 
_refine.B_iso_mean                               17.5250 
_refine.solvent_model_param_bsol                 ? 
_refine.solvent_model_param_ksol                 ? 
_refine.pdbx_isotropic_thermal_model             ? 
_refine.aniso_B[1][1]                            -0.2300 
_refine.aniso_B[2][2]                            1.0500 
_refine.aniso_B[3][3]                            -0.8600 
_refine.aniso_B[1][2]                            0.0000 
_refine.aniso_B[1][3]                            0.2600 
_refine.aniso_B[2][3]                            0.0000 
_refine.correlation_coeff_Fo_to_Fc               0.9650 
_refine.correlation_coeff_Fo_to_Fc_free          0.9620 
_refine.overall_SU_R_Cruickshank_DPI             ? 
_refine.pdbx_overall_SU_R_free_Cruickshank_DPI   ? 
_refine.pdbx_overall_SU_R_Blow_DPI               ? 
_refine.pdbx_overall_SU_R_free_Blow_DPI          ? 
_refine.overall_SU_R_free                        ? 
_refine.pdbx_overall_ESU_R                       0.0750 
_refine.pdbx_overall_ESU_R_Free                  0.0680 
_refine.overall_SU_ML                            0.0480 
_refine.overall_SU_B                             1.0870 
_refine.solvent_model_details                    MASK 
_refine.pdbx_solvent_vdw_probe_radii             1.2000 
_refine.pdbx_solvent_ion_probe_radii             0.8000 
_refine.pdbx_solvent_shrinkage_radii             0.8000 
_refine.ls_number_parameters                     ? 
_refine.ls_number_restraints                     ? 
_refine.pdbx_starting_model                      7av9 
_refine.pdbx_method_to_determine_struct          'FOURIER SYNTHESIS' 
_refine.pdbx_stereochemistry_target_values       'MAXIMUM LIKELIHOOD' 
_refine.pdbx_stereochem_target_val_spec_case     ? 
_refine.overall_FOM_work_R_set                   ? 
_refine.B_iso_max                                152.710 
_refine.B_iso_min                                9.510 
_refine.pdbx_overall_phase_error                 ? 
_refine.occupancy_max                            ? 
_refine.occupancy_min                            ? 
_refine.pdbx_diffrn_id                           1 
_refine.pdbx_TLS_residual_ADP_flag               ? 
_refine.pdbx_ls_sigma_I                          ? 
_refine.pdbx_data_cutoff_high_rms_absF           ? 
_refine.ls_R_factor_R_free_error_details         ? 
# 
_refine_hist.cycle_id                         final 
_refine_hist.pdbx_refine_id                   'X-RAY DIFFRACTION' 
_refine_hist.d_res_high                       1.1900 
_refine_hist.d_res_low                        55.5000 
_refine_hist.pdbx_number_atoms_ligand         36 
_refine_hist.number_atoms_solvent             209 
_refine_hist.number_atoms_total               1255 
_refine_hist.pdbx_number_residues_total       122 
_refine_hist.pdbx_B_iso_mean_ligand           42.22 
_refine_hist.pdbx_B_iso_mean_solvent          28.47 
_refine_hist.pdbx_number_atoms_protein        1010 
_refine_hist.pdbx_number_atoms_nucleic_acid   0 
# 
loop_
_refine_ls_restr.pdbx_refine_id 
_refine_ls_restr.type 
_refine_ls_restr.number 
_refine_ls_restr.dev_ideal 
_refine_ls_restr.dev_ideal_target 
_refine_ls_restr.weight 
_refine_ls_restr.pdbx_restraint_function 
'X-RAY DIFFRACTION' r_bond_refined_d       3256 0.010  0.015  ? ? 
'X-RAY DIFFRACTION' r_bond_other_d         2100 0.001  0.014  ? ? 
'X-RAY DIFFRACTION' r_angle_refined_deg    3200 1.673  1.669  ? ? 
'X-RAY DIFFRACTION' r_angle_other_deg      4898 1.433  1.588  ? ? 
'X-RAY DIFFRACTION' r_dihedral_angle_1_deg 293  6.443  5.000  ? ? 
'X-RAY DIFFRACTION' r_dihedral_angle_2_deg 147  24.746 19.728 ? ? 
'X-RAY DIFFRACTION' r_dihedral_angle_3_deg 400  13.806 15.000 ? ? 
'X-RAY DIFFRACTION' r_dihedral_angle_4_deg 24   10.834 15.000 ? ? 
'X-RAY DIFFRACTION' r_chiral_restr         292  0.089  0.200  ? ? 
'X-RAY DIFFRACTION' r_gen_planes_refined   2784 0.009  0.020  ? ? 
'X-RAY DIFFRACTION' r_gen_planes_other     594  0.002  0.020  ? ? 
'X-RAY DIFFRACTION' r_mcbond_it            1513 1.183  1.639  ? ? 
'X-RAY DIFFRACTION' r_mcbond_other         1439 1.208  1.578  ? ? 
'X-RAY DIFFRACTION' r_mcangle_it           1395 2.224  2.274  ? ? 
# 
_refine_ls_shell.d_res_high                       1.1900 
_refine_ls_shell.d_res_low                        1.2210 
_refine_ls_shell.pdbx_total_number_of_bins_used   20 
_refine_ls_shell.percent_reflns_obs               24.6600 
_refine_ls_shell.number_reflns_R_work             680 
_refine_ls_shell.R_factor_all                     ? 
_refine_ls_shell.R_factor_R_work                  0.2810 
_refine_ls_shell.R_factor_R_free                  0.2800 
_refine_ls_shell.percent_reflns_R_free            ? 
_refine_ls_shell.number_reflns_R_free             35 
_refine_ls_shell.R_factor_R_free_error            ? 
_refine_ls_shell.number_reflns_all                715 
_refine_ls_shell.number_reflns_obs                ? 
_refine_ls_shell.pdbx_refine_id                   'X-RAY DIFFRACTION' 
# 
_struct.entry_id                  7FUW 
_struct.title                     'PanDDA analysis group deposition -- PHIP in complex with Z961579360' 
_struct.pdbx_model_details        ? 
_struct.pdbx_CASP_flag            ? 
_struct.pdbx_model_type_details   ? 
# 
_struct_keywords.entry_id        7FUW 
_struct_keywords.text            
'False negatives, ligand features, rescreening, catalogue, fragment follow-ups, automated chemistry, SIGNALING PROTEIN' 
_struct_keywords.pdbx_keywords   'SIGNALING PROTEIN' 
# 
loop_
_struct_asym.id 
_struct_asym.pdbx_blank_PDB_chainid_flag 
_struct_asym.pdbx_modified 
_struct_asym.entity_id 
_struct_asym.details 
A N N 1 ? 
B N N 2 ? 
C N N 3 ? 
# 
_struct_ref.id                         1 
_struct_ref.db_name                    UNP 
_struct_ref.db_code                    PHIP_HUMAN 
_struct_ref.pdbx_db_accession          Q8WWQ0 
_struct_ref.pdbx_db_isoform            ? 
_struct_ref.entity_id                  1 
_struct_ref.pdbx_seq_one_letter_code   
;SYDIQAWKKQCEELLNLIFQCEDSEPFRQPVDLLEYPDYRDIIDTPMDFATVRETLEAGNYESPMELCKDVRLIFSNSKA
YTPSKRSRIYSMSLRLSAFFEEHISSVLSDYKSALRFHKRNTITKR
;
_struct_ref.pdbx_align_begin           1315 
# 
_struct_ref_seq.align_id                      1 
_struct_ref_seq.ref_id                        1 
_struct_ref_seq.pdbx_PDB_id_code              7FUW 
_struct_ref_seq.pdbx_strand_id                A 
_struct_ref_seq.seq_align_beg                 24 
_struct_ref_seq.pdbx_seq_align_beg_ins_code   ? 
_struct_ref_seq.seq_align_end                 149 
_struct_ref_seq.pdbx_seq_align_end_ins_code   ? 
_struct_ref_seq.pdbx_db_accession             Q8WWQ0 
_struct_ref_seq.db_align_beg                  1315 
_struct_ref_seq.pdbx_db_align_beg_ins_code    ? 
_struct_ref_seq.db_align_end                  1440 
_struct_ref_seq.pdbx_db_align_end_ins_code    ? 
_struct_ref_seq.pdbx_auth_seq_align_beg       1315 
_struct_ref_seq.pdbx_auth_seq_align_end       1440 
# 
loop_
_struct_ref_seq_dif.align_id 
_struct_ref_seq_dif.pdbx_pdb_id_code 
_struct_ref_seq_dif.mon_id 
_struct_ref_seq_dif.pdbx_pdb_strand_id 
_struct_ref_seq_dif.seq_num 
_struct_ref_seq_dif.pdbx_pdb_ins_code 
_struct_ref_seq_dif.pdbx_seq_db_name 
_struct_ref_seq_dif.pdbx_seq_db_accession_code 
_struct_ref_seq_dif.db_mon_id 
_struct_ref_seq_dif.pdbx_seq_db_seq_num 
_struct_ref_seq_dif.details 
_struct_ref_seq_dif.pdbx_auth_seq_num 
_struct_ref_seq_dif.pdbx_ordinal 
1 7FUW MET A 1  ? UNP Q8WWQ0 ? ? 'initiating methionine' 1292 1  
1 7FUW HIS A 2  ? UNP Q8WWQ0 ? ? 'expression tag'        1293 2  
1 7FUW HIS A 3  ? UNP Q8WWQ0 ? ? 'expression tag'        1294 3  
1 7FUW HIS A 4  ? UNP Q8WWQ0 ? ? 'expression tag'        1295 4  
1 7FUW HIS A 5  ? UNP Q8WWQ0 ? ? 'expression tag'        1296 5  
1 7FUW HIS A 6  ? UNP Q8WWQ0 ? ? 'expression tag'        1297 6  
1 7FUW HIS A 7  ? UNP Q8WWQ0 ? ? 'expression tag'        1298 7  
1 7FUW SER A 8  ? UNP Q8WWQ0 ? ? 'expression tag'        1299 8  
1 7FUW SER A 9  ? UNP Q8WWQ0 ? ? 'expression tag'        1300 9  
1 7FUW GLY A 10 ? UNP Q8WWQ0 ? ? 'expression tag'        1301 10 
1 7FUW VAL A 11 ? UNP Q8WWQ0 ? ? 'expression tag'        1302 11 
1 7FUW ASP A 12 ? UNP Q8WWQ0 ? ? 'expression tag'        1303 12 
1 7FUW LEU A 13 ? UNP Q8WWQ0 ? ? 'expression tag'        1304 13 
1 7FUW GLY A 14 ? UNP Q8WWQ0 ? ? 'expression tag'        1305 14 
1 7FUW THR A 15 ? UNP Q8WWQ0 ? ? 'expression tag'        1306 15 
1 7FUW GLU A 16 ? UNP Q8WWQ0 ? ? 'expression tag'        1307 16 
1 7FUW ASN A 17 ? UNP Q8WWQ0 ? ? 'expression tag'        1308 17 
1 7FUW LEU A 18 ? UNP Q8WWQ0 ? ? 'expression tag'        1309 18 
1 7FUW TYR A 19 ? UNP Q8WWQ0 ? ? 'expression tag'        1310 19 
1 7FUW PHE A 20 ? UNP Q8WWQ0 ? ? 'expression tag'        1311 20 
1 7FUW GLN A 21 ? UNP Q8WWQ0 ? ? 'expression tag'        1312 21 
1 7FUW SER A 22 ? UNP Q8WWQ0 ? ? 'expression tag'        1313 22 
1 7FUW MET A 23 ? UNP Q8WWQ0 ? ? 'expression tag'        1314 23 
# 
_pdbx_struct_assembly.id                   1 
_pdbx_struct_assembly.details              author_and_software_defined_assembly 
_pdbx_struct_assembly.method_details       PISA 
_pdbx_struct_assembly.oligomeric_details   monomeric 
_pdbx_struct_assembly.oligomeric_count     1 
# 
_pdbx_struct_assembly_gen.assembly_id       1 
_pdbx_struct_assembly_gen.oper_expression   1 
_pdbx_struct_assembly_gen.asym_id_list      A,B,C 
# 
_pdbx_struct_oper_list.id                   1 
_pdbx_struct_oper_list.type                 'identity operation' 
_pdbx_struct_oper_list.name                 1_555 
_pdbx_struct_oper_list.symmetry_operation   x,y,z 
_pdbx_struct_oper_list.matrix[1][1]         1.0000000000 
_pdbx_struct_oper_list.matrix[1][2]         0.0000000000 
_pdbx_struct_oper_list.matrix[1][3]         0.0000000000 
_pdbx_struct_oper_list.vector[1]            0.0000000000 
_pdbx_struct_oper_list.matrix[2][1]         0.0000000000 
_pdbx_struct_oper_list.matrix[2][2]         1.0000000000 
_pdbx_struct_oper_list.matrix[2][3]         0.0000000000 
_pdbx_struct_oper_list.vector[2]            0.0000000000 
_pdbx_struct_oper_list.matrix[3][1]         0.0000000000 
_pdbx_struct_oper_list.matrix[3][2]         0.0000000000 
_pdbx_struct_oper_list.matrix[3][3]         1.0000000000 
_pdbx_struct_oper_list.vector[3]            0.0000000000 
# 
loop_
_struct_conf.conf_type_id 
_struct_conf.id 
_struct_conf.pdbx_PDB_helix_id 
_struct_conf.beg_label_comp_id 
_struct_conf.beg_label_asym_id 
_struct_conf.beg_label_seq_id 
_struct_conf.pdbx_beg_PDB_ins_code 
_struct_conf.end_label_comp_id 
_struct_conf.end_label_asym_id 
_struct_conf.end_label_seq_id 
_struct_conf.pdbx_end_PDB_ins_code 
_struct_conf.beg_auth_comp_id 
_struct_conf.beg_auth_asym_id 
_struct_conf.beg_auth_seq_id 
_struct_conf.end_auth_comp_id 
_struct_conf.end_auth_asym_id 
_struct_conf.end_auth_seq_id 
_struct_conf.pdbx_PDB_helix_class 
_struct_conf.details 
_struct_conf.pdbx_PDB_helix_length 
HELX_P HELX_P1 AA1 ALA A 29  ? CYS A 44  ? ALA A 1320 CYS A 1335 1 ? 16 
HELX_P HELX_P2 AA2 GLU A 45  ? ARG A 51  ? GLU A 1336 ARG A 1342 5 ? 7  
HELX_P HELX_P3 AA3 ASP A 61  ? ILE A 66  ? ASP A 1352 ILE A 1357 1 ? 6  
HELX_P HELX_P4 AA4 ASP A 71  ? ALA A 81  ? ASP A 1362 ALA A 1372 1 ? 11 
HELX_P HELX_P5 AA5 SER A 86  ? THR A 105 ? SER A 1377 THR A 1396 1 ? 20 
HELX_P HELX_P6 AA6 SER A 110 ? LYS A 142 ? SER A 1401 LYS A 1433 1 ? 33 
# 
_struct_conf_type.id          HELX_P 
_struct_conf_type.criteria    ? 
_struct_conf_type.reference   ? 
# 
loop_
_pdbx_validate_close_contact.id 
_pdbx_validate_close_contact.PDB_model_num 
_pdbx_validate_close_contact.auth_atom_id_1 
_pdbx_validate_close_contact.auth_asym_id_1 
_pdbx_validate_close_contact.auth_comp_id_1 
_pdbx_validate_close_contact.auth_seq_id_1 
_pdbx_validate_close_contact.PDB_ins_code_1 
_pdbx_validate_close_contact.label_alt_id_1 
_pdbx_validate_close_contact.auth_atom_id_2 
_pdbx_validate_close_contact.auth_asym_id_2 
_pdbx_validate_close_contact.auth_comp_id_2 
_pdbx_validate_close_contact.auth_seq_id_2 
_pdbx_validate_close_contact.PDB_ins_code_2 
_pdbx_validate_close_contact.label_alt_id_2 
_pdbx_validate_close_contact.dist 
1 1 O   A HOH 2055 ? ? O A HOH 2078 ? ? 1.97 
2 1 O   A HOH 2047 ? ? O A HOH 2154 ? ? 2.02 
3 1 NZ  A LYS 1426 ? ? O A HOH 2002 ? ? 2.11 
4 1 OE2 A GLU 1349 ? ? O A HOH 2003 ? ? 2.19 
# 
_pdbx_validate_torsion.id              1 
_pdbx_validate_torsion.PDB_model_num   1 
_pdbx_validate_torsion.auth_comp_id    TYR 
_pdbx_validate_torsion.auth_asym_id    A 
_pdbx_validate_torsion.auth_seq_id     1350 
_pdbx_validate_torsion.PDB_ins_code    ? 
_pdbx_validate_torsion.label_alt_id    ? 
_pdbx_validate_torsion.phi             -118.88 
_pdbx_validate_torsion.psi             74.28 
# 
loop_
_pdbx_struct_special_symmetry.id 
_pdbx_struct_special_symmetry.PDB_model_num 
_pdbx_struct_special_symmetry.auth_asym_id 
_pdbx_struct_special_symmetry.auth_comp_id 
_pdbx_struct_special_symmetry.auth_seq_id 
_pdbx_struct_special_symmetry.PDB_ins_code 
_pdbx_struct_special_symmetry.label_asym_id 
_pdbx_struct_special_symmetry.label_comp_id 
_pdbx_struct_special_symmetry.label_seq_id 
1 1 A HOH 2133 ? C HOH . 
2 1 A HOH 2201 ? C HOH . 
# 
_phasing.method   MR 
# 
_pdbx_entry_details.entry_id                 7FUW 
_pdbx_entry_details.compound_details         ? 
_pdbx_entry_details.source_details           ? 
_pdbx_entry_details.nonpolymer_details       ? 
_pdbx_entry_details.sequence_details         ? 
_pdbx_entry_details.has_ligand_of_interest   Y 
# 
loop_
_pdbx_unobs_or_zero_occ_residues.id 
_pdbx_unobs_or_zero_occ_residues.PDB_model_num 
_pdbx_unobs_or_zero_occ_residues.polymer_flag 
_pdbx_unobs_or_zero_occ_residues.occupancy_flag 
_pdbx_unobs_or_zero_occ_residues.auth_asym_id 
_pdbx_unobs_or_zero_occ_residues.auth_comp_id 
_pdbx_unobs_or_zero_occ_residues.auth_seq_id 
_pdbx_unobs_or_zero_occ_residues.PDB_ins_code 
_pdbx_unobs_or_zero_occ_residues.label_asym_id 
_pdbx_unobs_or_zero_occ_residues.label_comp_id 
_pdbx_unobs_or_zero_occ_residues.label_seq_id 
1  1 Y 1 A MET 1292 ? A MET 1   
2  1 Y 1 A HIS 1293 ? A HIS 2   
3  1 Y 1 A HIS 1294 ? A HIS 3   
4  1 Y 1 A HIS 1295 ? A HIS 4   
5  1 Y 1 A HIS 1296 ? A HIS 5   
6  1 Y 1 A HIS 1297 ? A HIS 6   
7  1 Y 1 A HIS 1298 ? A HIS 7   
8  1 Y 1 A SER 1299 ? A SER 8   
9  1 Y 1 A SER 1300 ? A SER 9   
10 1 Y 1 A GLY 1301 ? A GLY 10  
11 1 Y 1 A VAL 1302 ? A VAL 11  
12 1 Y 1 A ASP 1303 ? A ASP 12  
13 1 Y 1 A LEU 1304 ? A LEU 13  
14 1 Y 1 A GLY 1305 ? A GLY 14  
15 1 Y 1 A THR 1306 ? A THR 15  
16 1 Y 1 A GLU 1307 ? A GLU 16  
17 1 Y 1 A ASN 1308 ? A ASN 17  
18 1 Y 1 A LEU 1309 ? A LEU 18  
19 1 Y 1 A TYR 1310 ? A TYR 19  
20 1 Y 1 A PHE 1311 ? A PHE 20  
21 1 Y 1 A GLN 1312 ? A GLN 21  
22 1 Y 1 A SER 1313 ? A SER 22  
23 1 Y 1 A MET 1314 ? A MET 23  
24 1 Y 1 A ILE 1437 ? A ILE 146 
25 1 Y 1 A THR 1438 ? A THR 147 
26 1 Y 1 A LYS 1439 ? A LYS 148 
27 1 Y 1 A ARG 1440 ? A ARG 149 
# 
loop_
_chem_comp_atom.comp_id 
_chem_comp_atom.atom_id 
_chem_comp_atom.type_symbol 
_chem_comp_atom.pdbx_aromatic_flag 
_chem_comp_atom.pdbx_stereo_config 
_chem_comp_atom.pdbx_ordinal 
ALA N    N N N 1   
ALA CA   C N S 2   
ALA C    C N N 3   
ALA O    O N N 4   
ALA CB   C N N 5   
ALA OXT  O N N 6   
ALA H    H N N 7   
ALA H2   H N N 8   
ALA HA   H N N 9   
ALA HB1  H N N 10  
ALA HB2  H N N 11  
ALA HB3  H N N 12  
ALA HXT  H N N 13  
ARG N    N N N 14  
ARG CA   C N S 15  
ARG C    C N N 16  
ARG O    O N N 17  
ARG CB   C N N 18  
ARG CG   C N N 19  
ARG CD   C N N 20  
ARG NE   N N N 21  
ARG CZ   C N N 22  
ARG NH1  N N N 23  
ARG NH2  N N N 24  
ARG OXT  O N N 25  
ARG H    H N N 26  
ARG H2   H N N 27  
ARG HA   H N N 28  
ARG HB2  H N N 29  
ARG HB3  H N N 30  
ARG HG2  H N N 31  
ARG HG3  H N N 32  
ARG HD2  H N N 33  
ARG HD3  H N N 34  
ARG HE   H N N 35  
ARG HH11 H N N 36  
ARG HH12 H N N 37  
ARG HH21 H N N 38  
ARG HH22 H N N 39  
ARG HXT  H N N 40  
ASN N    N N N 41  
ASN CA   C N S 42  
ASN C    C N N 43  
ASN O    O N N 44  
ASN CB   C N N 45  
ASN CG   C N N 46  
ASN OD1  O N N 47  
ASN ND2  N N N 48  
ASN OXT  O N N 49  
ASN H    H N N 50  
ASN H2   H N N 51  
ASN HA   H N N 52  
ASN HB2  H N N 53  
ASN HB3  H N N 54  
ASN HD21 H N N 55  
ASN HD22 H N N 56  
ASN HXT  H N N 57  
ASP N    N N N 58  
ASP CA   C N S 59  
ASP C    C N N 60  
ASP O    O N N 61  
ASP CB   C N N 62  
ASP CG   C N N 63  
ASP OD1  O N N 64  
ASP OD2  O N N 65  
ASP OXT  O N N 66  
ASP H    H N N 67  
ASP H2   H N N 68  
ASP HA   H N N 69  
ASP HB2  H N N 70  
ASP HB3  H N N 71  
ASP HD2  H N N 72  
ASP HXT  H N N 73  
CYS N    N N N 74  
CYS CA   C N R 75  
CYS C    C N N 76  
CYS O    O N N 77  
CYS CB   C N N 78  
CYS SG   S N N 79  
CYS OXT  O N N 80  
CYS H    H N N 81  
CYS H2   H N N 82  
CYS HA   H N N 83  
CYS HB2  H N N 84  
CYS HB3  H N N 85  
CYS HG   H N N 86  
CYS HXT  H N N 87  
GLN N    N N N 88  
GLN CA   C N S 89  
GLN C    C N N 90  
GLN O    O N N 91  
GLN CB   C N N 92  
GLN CG   C N N 93  
GLN CD   C N N 94  
GLN OE1  O N N 95  
GLN NE2  N N N 96  
GLN OXT  O N N 97  
GLN H    H N N 98  
GLN H2   H N N 99  
GLN HA   H N N 100 
GLN HB2  H N N 101 
GLN HB3  H N N 102 
GLN HG2  H N N 103 
GLN HG3  H N N 104 
GLN HE21 H N N 105 
GLN HE22 H N N 106 
GLN HXT  H N N 107 
GLU N    N N N 108 
GLU CA   C N S 109 
GLU C    C N N 110 
GLU O    O N N 111 
GLU CB   C N N 112 
GLU CG   C N N 113 
GLU CD   C N N 114 
GLU OE1  O N N 115 
GLU OE2  O N N 116 
GLU OXT  O N N 117 
GLU H    H N N 118 
GLU H2   H N N 119 
GLU HA   H N N 120 
GLU HB2  H N N 121 
GLU HB3  H N N 122 
GLU HG2  H N N 123 
GLU HG3  H N N 124 
GLU HE2  H N N 125 
GLU HXT  H N N 126 
GLY N    N N N 127 
GLY CA   C N N 128 
GLY C    C N N 129 
GLY O    O N N 130 
GLY OXT  O N N 131 
GLY H    H N N 132 
GLY H2   H N N 133 
GLY HA2  H N N 134 
GLY HA3  H N N 135 
GLY HXT  H N N 136 
HIS N    N N N 137 
HIS CA   C N S 138 
HIS C    C N N 139 
HIS O    O N N 140 
HIS CB   C N N 141 
HIS CG   C Y N 142 
HIS ND1  N Y N 143 
HIS CD2  C Y N 144 
HIS CE1  C Y N 145 
HIS NE2  N Y N 146 
HIS OXT  O N N 147 
HIS H    H N N 148 
HIS H2   H N N 149 
HIS HA   H N N 150 
HIS HB2  H N N 151 
HIS HB3  H N N 152 
HIS HD1  H N N 153 
HIS HD2  H N N 154 
HIS HE1  H N N 155 
HIS HE2  H N N 156 
HIS HXT  H N N 157 
HOH O    O N N 158 
HOH H1   H N N 159 
HOH H2   H N N 160 
ILE N    N N N 161 
ILE CA   C N S 162 
ILE C    C N N 163 
ILE O    O N N 164 
ILE CB   C N S 165 
ILE CG1  C N N 166 
ILE CG2  C N N 167 
ILE CD1  C N N 168 
ILE OXT  O N N 169 
ILE H    H N N 170 
ILE H2   H N N 171 
ILE HA   H N N 172 
ILE HB   H N N 173 
ILE HG12 H N N 174 
ILE HG13 H N N 175 
ILE HG21 H N N 176 
ILE HG22 H N N 177 
ILE HG23 H N N 178 
ILE HD11 H N N 179 
ILE HD12 H N N 180 
ILE HD13 H N N 181 
ILE HXT  H N N 182 
LEU N    N N N 183 
LEU CA   C N S 184 
LEU C    C N N 185 
LEU O    O N N 186 
LEU CB   C N N 187 
LEU CG   C N N 188 
LEU CD1  C N N 189 
LEU CD2  C N N 190 
LEU OXT  O N N 191 
LEU H    H N N 192 
LEU H2   H N N 193 
LEU HA   H N N 194 
LEU HB2  H N N 195 
LEU HB3  H N N 196 
LEU HG   H N N 197 
LEU HD11 H N N 198 
LEU HD12 H N N 199 
LEU HD13 H N N 200 
LEU HD21 H N N 201 
LEU HD22 H N N 202 
LEU HD23 H N N 203 
LEU HXT  H N N 204 
LYS N    N N N 205 
LYS CA   C N S 206 
LYS C    C N N 207 
LYS O    O N N 208 
LYS CB   C N N 209 
LYS CG   C N N 210 
LYS CD   C N N 211 
LYS CE   C N N 212 
LYS NZ   N N N 213 
LYS OXT  O N N 214 
LYS H    H N N 215 
LYS H2   H N N 216 
LYS HA   H N N 217 
LYS HB2  H N N 218 
LYS HB3  H N N 219 
LYS HG2  H N N 220 
LYS HG3  H N N 221 
LYS HD2  H N N 222 
LYS HD3  H N N 223 
LYS HE2  H N N 224 
LYS HE3  H N N 225 
LYS HZ1  H N N 226 
LYS HZ2  H N N 227 
LYS HZ3  H N N 228 
LYS HXT  H N N 229 
MET N    N N N 230 
MET CA   C N S 231 
MET C    C N N 232 
MET O    O N N 233 
MET CB   C N N 234 
MET CG   C N N 235 
MET SD   S N N 236 
MET CE   C N N 237 
MET OXT  O N N 238 
MET H    H N N 239 
MET H2   H N N 240 
MET HA   H N N 241 
MET HB2  H N N 242 
MET HB3  H N N 243 
MET HG2  H N N 244 
MET HG3  H N N 245 
MET HE1  H N N 246 
MET HE2  H N N 247 
MET HE3  H N N 248 
MET HXT  H N N 249 
PHE N    N N N 250 
PHE CA   C N S 251 
PHE C    C N N 252 
PHE O    O N N 253 
PHE CB   C N N 254 
PHE CG   C Y N 255 
PHE CD1  C Y N 256 
PHE CD2  C Y N 257 
PHE CE1  C Y N 258 
PHE CE2  C Y N 259 
PHE CZ   C Y N 260 
PHE OXT  O N N 261 
PHE H    H N N 262 
PHE H2   H N N 263 
PHE HA   H N N 264 
PHE HB2  H N N 265 
PHE HB3  H N N 266 
PHE HD1  H N N 267 
PHE HD2  H N N 268 
PHE HE1  H N N 269 
PHE HE2  H N N 270 
PHE HZ   H N N 271 
PHE HXT  H N N 272 
PRO N    N N N 273 
PRO CA   C N S 274 
PRO C    C N N 275 
PRO O    O N N 276 
PRO CB   C N N 277 
PRO CG   C N N 278 
PRO CD   C N N 279 
PRO OXT  O N N 280 
PRO H    H N N 281 
PRO HA   H N N 282 
PRO HB2  H N N 283 
PRO HB3  H N N 284 
PRO HG2  H N N 285 
PRO HG3  H N N 286 
PRO HD2  H N N 287 
PRO HD3  H N N 288 
PRO HXT  H N N 289 
SER N    N N N 290 
SER CA   C N S 291 
SER C    C N N 292 
SER O    O N N 293 
SER CB   C N N 294 
SER OG   O N N 295 
SER OXT  O N N 296 
SER H    H N N 297 
SER H2   H N N 298 
SER HA   H N N 299 
SER HB2  H N N 300 
SER HB3  H N N 301 
SER HG   H N N 302 
SER HXT  H N N 303 
THR N    N N N 304 
THR CA   C N S 305 
THR C    C N N 306 
THR O    O N N 307 
THR CB   C N R 308 
THR OG1  O N N 309 
THR CG2  C N N 310 
THR OXT  O N N 311 
THR H    H N N 312 
THR H2   H N N 313 
THR HA   H N N 314 
THR HB   H N N 315 
THR HG1  H N N 316 
THR HG21 H N N 317 
THR HG22 H N N 318 
THR HG23 H N N 319 
THR HXT  H N N 320 
TRP N    N N N 321 
TRP CA   C N S 322 
TRP C    C N N 323 
TRP O    O N N 324 
TRP CB   C N N 325 
TRP CG   C Y N 326 
TRP CD1  C Y N 327 
TRP CD2  C Y N 328 
TRP NE1  N Y N 329 
TRP CE2  C Y N 330 
TRP CE3  C Y N 331 
TRP CZ2  C Y N 332 
TRP CZ3  C Y N 333 
TRP CH2  C Y N 334 
TRP OXT  O N N 335 
TRP H    H N N 336 
TRP H2   H N N 337 
TRP HA   H N N 338 
TRP HB2  H N N 339 
TRP HB3  H N N 340 
TRP HD1  H N N 341 
TRP HE1  H N N 342 
TRP HE3  H N N 343 
TRP HZ2  H N N 344 
TRP HZ3  H N N 345 
TRP HH2  H N N 346 
TRP HXT  H N N 347 
TYR N    N N N 348 
TYR CA   C N S 349 
TYR C    C N N 350 
TYR O    O N N 351 
TYR CB   C N N 352 
TYR CG   C Y N 353 
TYR CD1  C Y N 354 
TYR CD2  C Y N 355 
TYR CE1  C Y N 356 
TYR CE2  C Y N 357 
TYR CZ   C Y N 358 
TYR OH   O N N 359 
TYR OXT  O N N 360 
TYR H    H N N 361 
TYR H2   H N N 362 
TYR HA   H N N 363 
TYR HB2  H N N 364 
TYR HB3  H N N 365 
TYR HD1  H N N 366 
TYR HD2  H N N 367 
TYR HE1  H N N 368 
TYR HE2  H N N 369 
TYR HH   H N N 370 
TYR HXT  H N N 371 
VAL N    N N N 372 
VAL CA   C N S 373 
VAL C    C N N 374 
VAL O    O N N 375 
VAL CB   C N N 376 
VAL CG1  C N N 377 
VAL CG2  C N N 378 
VAL OXT  O N N 379 
VAL H    H N N 380 
VAL H2   H N N 381 
VAL HA   H N N 382 
VAL HB   H N N 383 
VAL HG11 H N N 384 
VAL HG12 H N N 385 
VAL HG13 H N N 386 
VAL HG21 H N N 387 
VAL HG22 H N N 388 
VAL HG23 H N N 389 
VAL HXT  H N N 390 
ZJN N1   N N N 391 
ZJN N3   N N N 392 
ZJN C4   C N N 393 
ZJN C5   C N N 394 
ZJN C6   C N N 395 
ZJN C7   C N N 396 
ZJN C8   C Y N 397 
ZJN C10  C Y N 398 
ZJN C13  C N N 399 
ZJN C15  C Y N 400 
ZJN C17  C Y N 401 
ZJN C20  C N N 402 
ZJN C21  C N N 403 
ZJN C22  C Y N 404 
ZJN C24  C Y N 405 
ZJN C26  C Y N 406 
ZJN C1   C N N 407 
ZJN C11  C Y N 408 
ZJN C12  C N S 409 
ZJN C14  C Y N 410 
ZJN C16  C Y N 411 
ZJN C18  C Y N 412 
ZJN C19  C Y N 413 
ZJN C2   C N N 414 
ZJN C23  C Y N 415 
ZJN C25  C Y N 416 
ZJN C27  C Y N 417 
ZJN C3   C N N 418 
ZJN C9   C Y N 419 
ZJN N2   N N N 420 
ZJN N4   N N N 421 
ZJN N5   N N N 422 
ZJN O1   O N N 423 
ZJN O2   O N N 424 
ZJN O3   O N N 425 
ZJN O4   O Y N 426 
ZJN H1   H N N 427 
ZJN H6   H N N 428 
ZJN H5   H N N 429 
ZJN H7   H N N 430 
ZJN H8   H N N 431 
ZJN H10  H N N 432 
ZJN H9   H N N 433 
ZJN H12  H N N 434 
ZJN H15  H N N 435 
ZJN H16  H N N 436 
ZJN H17  H N N 437 
ZJN H19  H N N 438 
ZJN H21  H N N 439 
ZJN H22  H N N 440 
ZJN H24  H N N 441 
ZJN H23  H N N 442 
ZJN H26  H N N 443 
ZJN H28  H N N 444 
ZJN H13  H N N 445 
ZJN H14  H N N 446 
ZJN H18  H N N 447 
ZJN H20  H N N 448 
ZJN H25  H N N 449 
ZJN H27  H N N 450 
ZJN H29  H N N 451 
ZJN H3   H N N 452 
ZJN H4   H N N 453 
ZJN H11  H N N 454 
ZJN H2   H N N 455 
# 
loop_
_chem_comp_bond.comp_id 
_chem_comp_bond.atom_id_1 
_chem_comp_bond.atom_id_2 
_chem_comp_bond.value_order 
_chem_comp_bond.pdbx_aromatic_flag 
_chem_comp_bond.pdbx_stereo_config 
_chem_comp_bond.pdbx_ordinal 
ALA N   CA   sing N N 1   
ALA N   H    sing N N 2   
ALA N   H2   sing N N 3   
ALA CA  C    sing N N 4   
ALA CA  CB   sing N N 5   
ALA CA  HA   sing N N 6   
ALA C   O    doub N N 7   
ALA C   OXT  sing N N 8   
ALA CB  HB1  sing N N 9   
ALA CB  HB2  sing N N 10  
ALA CB  HB3  sing N N 11  
ALA OXT HXT  sing N N 12  
ARG N   CA   sing N N 13  
ARG N   H    sing N N 14  
ARG N   H2   sing N N 15  
ARG CA  C    sing N N 16  
ARG CA  CB   sing N N 17  
ARG CA  HA   sing N N 18  
ARG C   O    doub N N 19  
ARG C   OXT  sing N N 20  
ARG CB  CG   sing N N 21  
ARG CB  HB2  sing N N 22  
ARG CB  HB3  sing N N 23  
ARG CG  CD   sing N N 24  
ARG CG  HG2  sing N N 25  
ARG CG  HG3  sing N N 26  
ARG CD  NE   sing N N 27  
ARG CD  HD2  sing N N 28  
ARG CD  HD3  sing N N 29  
ARG NE  CZ   sing N N 30  
ARG NE  HE   sing N N 31  
ARG CZ  NH1  sing N N 32  
ARG CZ  NH2  doub N N 33  
ARG NH1 HH11 sing N N 34  
ARG NH1 HH12 sing N N 35  
ARG NH2 HH21 sing N N 36  
ARG NH2 HH22 sing N N 37  
ARG OXT HXT  sing N N 38  
ASN N   CA   sing N N 39  
ASN N   H    sing N N 40  
ASN N   H2   sing N N 41  
ASN CA  C    sing N N 42  
ASN CA  CB   sing N N 43  
ASN CA  HA   sing N N 44  
ASN C   O    doub N N 45  
ASN C   OXT  sing N N 46  
ASN CB  CG   sing N N 47  
ASN CB  HB2  sing N N 48  
ASN CB  HB3  sing N N 49  
ASN CG  OD1  doub N N 50  
ASN CG  ND2  sing N N 51  
ASN ND2 HD21 sing N N 52  
ASN ND2 HD22 sing N N 53  
ASN OXT HXT  sing N N 54  
ASP N   CA   sing N N 55  
ASP N   H    sing N N 56  
ASP N   H2   sing N N 57  
ASP CA  C    sing N N 58  
ASP CA  CB   sing N N 59  
ASP CA  HA   sing N N 60  
ASP C   O    doub N N 61  
ASP C   OXT  sing N N 62  
ASP CB  CG   sing N N 63  
ASP CB  HB2  sing N N 64  
ASP CB  HB3  sing N N 65  
ASP CG  OD1  doub N N 66  
ASP CG  OD2  sing N N 67  
ASP OD2 HD2  sing N N 68  
ASP OXT HXT  sing N N 69  
CYS N   CA   sing N N 70  
CYS N   H    sing N N 71  
CYS N   H2   sing N N 72  
CYS CA  C    sing N N 73  
CYS CA  CB   sing N N 74  
CYS CA  HA   sing N N 75  
CYS C   O    doub N N 76  
CYS C   OXT  sing N N 77  
CYS CB  SG   sing N N 78  
CYS CB  HB2  sing N N 79  
CYS CB  HB3  sing N N 80  
CYS SG  HG   sing N N 81  
CYS OXT HXT  sing N N 82  
GLN N   CA   sing N N 83  
GLN N   H    sing N N 84  
GLN N   H2   sing N N 85  
GLN CA  C    sing N N 86  
GLN CA  CB   sing N N 87  
GLN CA  HA   sing N N 88  
GLN C   O    doub N N 89  
GLN C   OXT  sing N N 90  
GLN CB  CG   sing N N 91  
GLN CB  HB2  sing N N 92  
GLN CB  HB3  sing N N 93  
GLN CG  CD   sing N N 94  
GLN CG  HG2  sing N N 95  
GLN CG  HG3  sing N N 96  
GLN CD  OE1  doub N N 97  
GLN CD  NE2  sing N N 98  
GLN NE2 HE21 sing N N 99  
GLN NE2 HE22 sing N N 100 
GLN OXT HXT  sing N N 101 
GLU N   CA   sing N N 102 
GLU N   H    sing N N 103 
GLU N   H2   sing N N 104 
GLU CA  C    sing N N 105 
GLU CA  CB   sing N N 106 
GLU CA  HA   sing N N 107 
GLU C   O    doub N N 108 
GLU C   OXT  sing N N 109 
GLU CB  CG   sing N N 110 
GLU CB  HB2  sing N N 111 
GLU CB  HB3  sing N N 112 
GLU CG  CD   sing N N 113 
GLU CG  HG2  sing N N 114 
GLU CG  HG3  sing N N 115 
GLU CD  OE1  doub N N 116 
GLU CD  OE2  sing N N 117 
GLU OE2 HE2  sing N N 118 
GLU OXT HXT  sing N N 119 
GLY N   CA   sing N N 120 
GLY N   H    sing N N 121 
GLY N   H2   sing N N 122 
GLY CA  C    sing N N 123 
GLY CA  HA2  sing N N 124 
GLY CA  HA3  sing N N 125 
GLY C   O    doub N N 126 
GLY C   OXT  sing N N 127 
GLY OXT HXT  sing N N 128 
HIS N   CA   sing N N 129 
HIS N   H    sing N N 130 
HIS N   H2   sing N N 131 
HIS CA  C    sing N N 132 
HIS CA  CB   sing N N 133 
HIS CA  HA   sing N N 134 
HIS C   O    doub N N 135 
HIS C   OXT  sing N N 136 
HIS CB  CG   sing N N 137 
HIS CB  HB2  sing N N 138 
HIS CB  HB3  sing N N 139 
HIS CG  ND1  sing Y N 140 
HIS CG  CD2  doub Y N 141 
HIS ND1 CE1  doub Y N 142 
HIS ND1 HD1  sing N N 143 
HIS CD2 NE2  sing Y N 144 
HIS CD2 HD2  sing N N 145 
HIS CE1 NE2  sing Y N 146 
HIS CE1 HE1  sing N N 147 
HIS NE2 HE2  sing N N 148 
HIS OXT HXT  sing N N 149 
HOH O   H1   sing N N 150 
HOH O   H2   sing N N 151 
ILE N   CA   sing N N 152 
ILE N   H    sing N N 153 
ILE N   H2   sing N N 154 
ILE CA  C    sing N N 155 
ILE CA  CB   sing N N 156 
ILE CA  HA   sing N N 157 
ILE C   O    doub N N 158 
ILE C   OXT  sing N N 159 
ILE CB  CG1  sing N N 160 
ILE CB  CG2  sing N N 161 
ILE CB  HB   sing N N 162 
ILE CG1 CD1  sing N N 163 
ILE CG1 HG12 sing N N 164 
ILE CG1 HG13 sing N N 165 
ILE CG2 HG21 sing N N 166 
ILE CG2 HG22 sing N N 167 
ILE CG2 HG23 sing N N 168 
ILE CD1 HD11 sing N N 169 
ILE CD1 HD12 sing N N 170 
ILE CD1 HD13 sing N N 171 
ILE OXT HXT  sing N N 172 
LEU N   CA   sing N N 173 
LEU N   H    sing N N 174 
LEU N   H2   sing N N 175 
LEU CA  C    sing N N 176 
LEU CA  CB   sing N N 177 
LEU CA  HA   sing N N 178 
LEU C   O    doub N N 179 
LEU C   OXT  sing N N 180 
LEU CB  CG   sing N N 181 
LEU CB  HB2  sing N N 182 
LEU CB  HB3  sing N N 183 
LEU CG  CD1  sing N N 184 
LEU CG  CD2  sing N N 185 
LEU CG  HG   sing N N 186 
LEU CD1 HD11 sing N N 187 
LEU CD1 HD12 sing N N 188 
LEU CD1 HD13 sing N N 189 
LEU CD2 HD21 sing N N 190 
LEU CD2 HD22 sing N N 191 
LEU CD2 HD23 sing N N 192 
LEU OXT HXT  sing N N 193 
LYS N   CA   sing N N 194 
LYS N   H    sing N N 195 
LYS N   H2   sing N N 196 
LYS CA  C    sing N N 197 
LYS CA  CB   sing N N 198 
LYS CA  HA   sing N N 199 
LYS C   O    doub N N 200 
LYS C   OXT  sing N N 201 
LYS CB  CG   sing N N 202 
LYS CB  HB2  sing N N 203 
LYS CB  HB3  sing N N 204 
LYS CG  CD   sing N N 205 
LYS CG  HG2  sing N N 206 
LYS CG  HG3  sing N N 207 
LYS CD  CE   sing N N 208 
LYS CD  HD2  sing N N 209 
LYS CD  HD3  sing N N 210 
LYS CE  NZ   sing N N 211 
LYS CE  HE2  sing N N 212 
LYS CE  HE3  sing N N 213 
LYS NZ  HZ1  sing N N 214 
LYS NZ  HZ2  sing N N 215 
LYS NZ  HZ3  sing N N 216 
LYS OXT HXT  sing N N 217 
MET N   CA   sing N N 218 
MET N   H    sing N N 219 
MET N   H2   sing N N 220 
MET CA  C    sing N N 221 
MET CA  CB   sing N N 222 
MET CA  HA   sing N N 223 
MET C   O    doub N N 224 
MET C   OXT  sing N N 225 
MET CB  CG   sing N N 226 
MET CB  HB2  sing N N 227 
MET CB  HB3  sing N N 228 
MET CG  SD   sing N N 229 
MET CG  HG2  sing N N 230 
MET CG  HG3  sing N N 231 
MET SD  CE   sing N N 232 
MET CE  HE1  sing N N 233 
MET CE  HE2  sing N N 234 
MET CE  HE3  sing N N 235 
MET OXT HXT  sing N N 236 
PHE N   CA   sing N N 237 
PHE N   H    sing N N 238 
PHE N   H2   sing N N 239 
PHE CA  C    sing N N 240 
PHE CA  CB   sing N N 241 
PHE CA  HA   sing N N 242 
PHE C   O    doub N N 243 
PHE C   OXT  sing N N 244 
PHE CB  CG   sing N N 245 
PHE CB  HB2  sing N N 246 
PHE CB  HB3  sing N N 247 
PHE CG  CD1  doub Y N 248 
PHE CG  CD2  sing Y N 249 
PHE CD1 CE1  sing Y N 250 
PHE CD1 HD1  sing N N 251 
PHE CD2 CE2  doub Y N 252 
PHE CD2 HD2  sing N N 253 
PHE CE1 CZ   doub Y N 254 
PHE CE1 HE1  sing N N 255 
PHE CE2 CZ   sing Y N 256 
PHE CE2 HE2  sing N N 257 
PHE CZ  HZ   sing N N 258 
PHE OXT HXT  sing N N 259 
PRO N   CA   sing N N 260 
PRO N   CD   sing N N 261 
PRO N   H    sing N N 262 
PRO CA  C    sing N N 263 
PRO CA  CB   sing N N 264 
PRO CA  HA   sing N N 265 
PRO C   O    doub N N 266 
PRO C   OXT  sing N N 267 
PRO CB  CG   sing N N 268 
PRO CB  HB2  sing N N 269 
PRO CB  HB3  sing N N 270 
PRO CG  CD   sing N N 271 
PRO CG  HG2  sing N N 272 
PRO CG  HG3  sing N N 273 
PRO CD  HD2  sing N N 274 
PRO CD  HD3  sing N N 275 
PRO OXT HXT  sing N N 276 
SER N   CA   sing N N 277 
SER N   H    sing N N 278 
SER N   H2   sing N N 279 
SER CA  C    sing N N 280 
SER CA  CB   sing N N 281 
SER CA  HA   sing N N 282 
SER C   O    doub N N 283 
SER C   OXT  sing N N 284 
SER CB  OG   sing N N 285 
SER CB  HB2  sing N N 286 
SER CB  HB3  sing N N 287 
SER OG  HG   sing N N 288 
SER OXT HXT  sing N N 289 
THR N   CA   sing N N 290 
THR N   H    sing N N 291 
THR N   H2   sing N N 292 
THR CA  C    sing N N 293 
THR CA  CB   sing N N 294 
THR CA  HA   sing N N 295 
THR C   O    doub N N 296 
THR C   OXT  sing N N 297 
THR CB  OG1  sing N N 298 
THR CB  CG2  sing N N 299 
THR CB  HB   sing N N 300 
THR OG1 HG1  sing N N 301 
THR CG2 HG21 sing N N 302 
THR CG2 HG22 sing N N 303 
THR CG2 HG23 sing N N 304 
THR OXT HXT  sing N N 305 
TRP N   CA   sing N N 306 
TRP N   H    sing N N 307 
TRP N   H2   sing N N 308 
TRP CA  C    sing N N 309 
TRP CA  CB   sing N N 310 
TRP CA  HA   sing N N 311 
TRP C   O    doub N N 312 
TRP C   OXT  sing N N 313 
TRP CB  CG   sing N N 314 
TRP CB  HB2  sing N N 315 
TRP CB  HB3  sing N N 316 
TRP CG  CD1  doub Y N 317 
TRP CG  CD2  sing Y N 318 
TRP CD1 NE1  sing Y N 319 
TRP CD1 HD1  sing N N 320 
TRP CD2 CE2  doub Y N 321 
TRP CD2 CE3  sing Y N 322 
TRP NE1 CE2  sing Y N 323 
TRP NE1 HE1  sing N N 324 
TRP CE2 CZ2  sing Y N 325 
TRP CE3 CZ3  doub Y N 326 
TRP CE3 HE3  sing N N 327 
TRP CZ2 CH2  doub Y N 328 
TRP CZ2 HZ2  sing N N 329 
TRP CZ3 CH2  sing Y N 330 
TRP CZ3 HZ3  sing N N 331 
TRP CH2 HH2  sing N N 332 
TRP OXT HXT  sing N N 333 
TYR N   CA   sing N N 334 
TYR N   H    sing N N 335 
TYR N   H2   sing N N 336 
TYR CA  C    sing N N 337 
TYR CA  CB   sing N N 338 
TYR CA  HA   sing N N 339 
TYR C   O    doub N N 340 
TYR C   OXT  sing N N 341 
TYR CB  CG   sing N N 342 
TYR CB  HB2  sing N N 343 
TYR CB  HB3  sing N N 344 
TYR CG  CD1  doub Y N 345 
TYR CG  CD2  sing Y N 346 
TYR CD1 CE1  sing Y N 347 
TYR CD1 HD1  sing N N 348 
TYR CD2 CE2  doub Y N 349 
TYR CD2 HD2  sing N N 350 
TYR CE1 CZ   doub Y N 351 
TYR CE1 HE1  sing N N 352 
TYR CE2 CZ   sing Y N 353 
TYR CE2 HE2  sing N N 354 
TYR CZ  OH   sing N N 355 
TYR OH  HH   sing N N 356 
TYR OXT HXT  sing N N 357 
VAL N   CA   sing N N 358 
VAL N   H    sing N N 359 
VAL N   H2   sing N N 360 
VAL CA  C    sing N N 361 
VAL CA  CB   sing N N 362 
VAL CA  HA   sing N N 363 
VAL C   O    doub N N 364 
VAL C   OXT  sing N N 365 
VAL CB  CG1  sing N N 366 
VAL CB  CG2  sing N N 367 
VAL CB  HB   sing N N 368 
VAL CG1 HG11 sing N N 369 
VAL CG1 HG12 sing N N 370 
VAL CG1 HG13 sing N N 371 
VAL CG2 HG21 sing N N 372 
VAL CG2 HG22 sing N N 373 
VAL CG2 HG23 sing N N 374 
VAL OXT HXT  sing N N 375 
ZJN O1  C1   doub N N 376 
ZJN C1  N1   sing N N 377 
ZJN N1  N2   sing N N 378 
ZJN N2  C2   sing N N 379 
ZJN C2  O2   doub N N 380 
ZJN C2  N3   sing N N 381 
ZJN N3  C3   sing N N 382 
ZJN C3  C4   sing N N 383 
ZJN C4  N4   sing N N 384 
ZJN N4  C5   sing N N 385 
ZJN C5  C6   sing N N 386 
ZJN N4  C7   sing N N 387 
ZJN C7  O3   doub N N 388 
ZJN C7  C8   sing N N 389 
ZJN C8  C9   doub Y N 390 
ZJN C9  C10  sing Y N 391 
ZJN C10 C11  doub Y N 392 
ZJN C11 O4   sing Y N 393 
ZJN C1  C12  sing N N 394 
ZJN C12 C13  sing N N 395 
ZJN C13 C14  sing N N 396 
ZJN C14 C15  doub Y N 397 
ZJN C15 C16  sing Y N 398 
ZJN C16 C17  doub Y N 399 
ZJN C17 C18  sing Y N 400 
ZJN C18 C19  doub Y N 401 
ZJN C19 C20  sing N N 402 
ZJN C20 N5   sing N N 403 
ZJN N5  C21  sing N N 404 
ZJN C21 C22  sing N N 405 
ZJN C22 C23  doub Y N 406 
ZJN C23 C24  sing Y N 407 
ZJN C24 C25  doub Y N 408 
ZJN C25 C26  sing Y N 409 
ZJN C26 C27  doub Y N 410 
ZJN N3  C6   sing N N 411 
ZJN C8  O4   sing Y N 412 
ZJN C12 N5   sing N N 413 
ZJN C14 C19  sing Y N 414 
ZJN C22 C27  sing Y N 415 
ZJN N1  H1   sing N N 416 
ZJN C4  H6   sing N N 417 
ZJN C4  H5   sing N N 418 
ZJN C5  H7   sing N N 419 
ZJN C5  H8   sing N N 420 
ZJN C6  H10  sing N N 421 
ZJN C6  H9   sing N N 422 
ZJN C10 H12  sing N N 423 
ZJN C13 H15  sing N N 424 
ZJN C13 H16  sing N N 425 
ZJN C15 H17  sing N N 426 
ZJN C17 H19  sing N N 427 
ZJN C20 H21  sing N N 428 
ZJN C20 H22  sing N N 429 
ZJN C21 H24  sing N N 430 
ZJN C21 H23  sing N N 431 
ZJN C24 H26  sing N N 432 
ZJN C26 H28  sing N N 433 
ZJN C11 H13  sing N N 434 
ZJN C12 H14  sing N N 435 
ZJN C16 H18  sing N N 436 
ZJN C18 H20  sing N N 437 
ZJN C23 H25  sing N N 438 
ZJN C25 H27  sing N N 439 
ZJN C27 H29  sing N N 440 
ZJN C3  H3   sing N N 441 
ZJN C3  H4   sing N N 442 
ZJN C9  H11  sing N N 443 
ZJN N2  H2   sing N N 444 
# 
_pdbx_audit_support.ordinal                1 
_pdbx_audit_support.funding_organization   'Wellcome Trust' 
_pdbx_audit_support.grant_number           None 
_pdbx_audit_support.country                'United Kingdom' 
# 
_pdbx_deposit_group.group_id            G_1002265 
_pdbx_deposit_group.group_description   
;XDomainX of XOrganismX PHIP screened against predicted false negatives and catalogue compounds by X-ray Crystallography at the XChem facility of Diamond Light Source beamline I04-1
;
_pdbx_deposit_group.group_title         'PanDDA analysis group deposition' 
_pdbx_deposit_group.group_type          'changed state' 
# 
_pdbx_entity_instance_feature.ordinal        1 
_pdbx_entity_instance_feature.comp_id        ZJN 
_pdbx_entity_instance_feature.asym_id        ? 
_pdbx_entity_instance_feature.seq_num        ? 
_pdbx_entity_instance_feature.auth_comp_id   ZJN 
_pdbx_entity_instance_feature.auth_asym_id   ? 
_pdbx_entity_instance_feature.auth_seq_num   ? 
_pdbx_entity_instance_feature.feature_type   'SUBJECT OF INVESTIGATION' 
_pdbx_entity_instance_feature.details        ? 
# 
_atom_sites.entry_id                    7FUW 
_atom_sites.fract_transf_matrix[1][1]   0.00894697 
_atom_sites.fract_transf_matrix[1][2]   -0.00798905 
_atom_sites.fract_transf_matrix[1][3]   -0.00306157 
_atom_sites.fract_transf_matrix[2][1]   -0.02079164 
_atom_sites.fract_transf_matrix[2][2]   -0.01299486 
_atom_sites.fract_transf_matrix[2][3]   -0.02685077 
_atom_sites.fract_transf_matrix[3][1]   0.00912911 
_atom_sites.fract_transf_matrix[3][2]   0.00998498 
_atom_sites.fract_transf_matrix[3][3]   -0.01190143 
_atom_sites.fract_transf_vector[1]      -0.146292 
_atom_sites.fract_transf_vector[2]      0.445684 
_atom_sites.fract_transf_vector[3]      0.213608 
# 
loop_
_atom_type.symbol 
C 
N 
O 
S 
# 
loop_
_atom_site.group_PDB 
_atom_site.id 
_atom_site.type_symbol 
_atom_site.label_atom_id 
_atom_site.label_alt_id 
_atom_site.label_comp_id 
_atom_site.label_asym_id 
_atom_site.label_entity_id 
_atom_site.label_seq_id 
_atom_site.pdbx_PDB_ins_code 
_atom_site.Cartn_x 
_atom_site.Cartn_y 
_atom_site.Cartn_z 
_atom_site.occupancy 
_atom_site.B_iso_or_equiv 
_atom_site.pdbx_formal_charge 
_atom_site.auth_seq_id 
_atom_site.auth_comp_id 
_atom_site.auth_asym_id 
_atom_site.auth_atom_id 
_atom_site.pdbx_PDB_model_num 
ATOM   1    N N   . SER A 1 24  ? -10.417 -15.974 15.246  1.00 24.33  ? 1315 SER A N   1 
ATOM   2    C CA  . SER A 1 24  ? -9.901  -15.948 13.841  1.00 25.03  ? 1315 SER A CA  1 
ATOM   3    C C   . SER A 1 24  ? -8.371  -15.870 13.873  1.00 20.72  ? 1315 SER A C   1 
ATOM   4    O O   . SER A 1 24  ? -7.849  -14.769 13.648  1.00 20.91  ? 1315 SER A O   1 
ATOM   5    C CB  . SER A 1 24  ? -10.503 -14.784 13.087  1.00 26.29  ? 1315 SER A CB  1 
ATOM   6    O OG  . SER A 1 24  ? -10.177 -14.836 11.704  1.00 31.58  ? 1315 SER A OG  1 
ATOM   7    N N   . TYR A 1 25  ? -7.673  -16.978 14.152  1.00 18.27  ? 1316 TYR A N   1 
ATOM   8    C CA  . TYR A 1 25  ? -6.264  -16.933 14.625  1.00 14.38  ? 1316 TYR A CA  1 
ATOM   9    C C   . TYR A 1 25  ? -5.309  -17.497 13.560  1.00 13.08  ? 1316 TYR A C   1 
ATOM   10   O O   . TYR A 1 25  ? -4.232  -17.999 13.907  1.00 12.99  ? 1316 TYR A O   1 
ATOM   11   C CB  . TYR A 1 25  ? -6.104  -17.629 15.971  1.00 14.55  ? 1316 TYR A CB  1 
ATOM   12   C CG  . TYR A 1 25  ? -6.991  -17.105 17.075  1.00 13.63  ? 1316 TYR A CG  1 
ATOM   13   C CD1 . TYR A 1 25  ? -6.962  -15.782 17.474  1.00 13.27  ? 1316 TYR A CD1 1 
ATOM   14   C CD2 . TYR A 1 25  ? -7.791  -17.975 17.790  1.00 13.99  ? 1316 TYR A CD2 1 
ATOM   15   C CE1 . TYR A 1 25  ? -7.786  -15.309 18.490  1.00 12.92  ? 1316 TYR A CE1 1 
ATOM   16   C CE2 . TYR A 1 25  ? -8.587  -17.528 18.835  1.00 14.61  ? 1316 TYR A CE2 1 
ATOM   17   C CZ  . TYR A 1 25  ? -8.587  -16.192 19.181  1.00 13.55  ? 1316 TYR A CZ  1 
ATOM   18   O OH  . TYR A 1 25  ? -9.352  -15.731 20.235  1.00 14.97  ? 1316 TYR A OH  1 
ATOM   19   N N   . ASP A 1 26  ? -5.672  -17.375 12.285  1.00 12.53  ? 1317 ASP A N   1 
ATOM   20   C CA  . ASP A 1 26  ? -4.805  -17.841 11.164  1.00 11.72  ? 1317 ASP A CA  1 
ATOM   21   C C   . ASP A 1 26  ? -3.709  -16.792 10.923  1.00 11.29  ? 1317 ASP A C   1 
ATOM   22   O O   . ASP A 1 26  ? -3.983  -15.686 10.442  1.00 12.24  ? 1317 ASP A O   1 
ATOM   23   C CB  . ASP A 1 26  ? -5.666  -18.083 9.920   1.00 12.21  ? 1317 ASP A CB  1 
ATOM   24   C CG  . ASP A 1 26  ? -4.929  -18.588 8.700   1.00 11.62  ? 1317 ASP A CG  1 
ATOM   25   O OD1 . ASP A 1 26  ? -3.701  -18.512 8.649   1.00 12.88  ? 1317 ASP A OD1 1 
ATOM   26   O OD2 . ASP A 1 26  ? -5.631  -19.179 7.788   1.00 17.67  ? 1317 ASP A OD2 1 
ATOM   27   N N   . ILE A 1 27  ? -2.475  -17.149 11.256  1.00 11.23  ? 1318 ILE A N   1 
ATOM   28   C CA  . ILE A 1 27  ? -1.262  -16.289 11.134  1.00 11.25  ? 1318 ILE A CA  1 
ATOM   29   C C   . ILE A 1 27  ? -0.971  -15.981 9.655   1.00 11.42  ? 1318 ILE A C   1 
ATOM   30   O O   . ILE A 1 27  ? -0.353  -14.936 9.398   1.00 12.54  ? 1318 ILE A O   1 
ATOM   31   C CB  . ILE A 1 27  ? -0.066  -16.975 11.821  1.00 11.30  ? 1318 ILE A CB  1 
ATOM   32   C CG1 . ILE A 1 27  ? -0.335  -17.239 13.309  1.00 11.88  ? 1318 ILE A CG1 1 
ATOM   33   C CG2 . ILE A 1 27  ? 1.223   -16.191 11.611  1.00 12.36  ? 1318 ILE A CG2 1 
ATOM   34   C CD1 . ILE A 1 27  ? 0.724   -18.075 13.971  1.00 12.18  ? 1318 ILE A CD1 1 
ATOM   35   N N   . GLN A 1 28  ? -1.399  -16.848 8.725   1.00 10.69  ? 1319 GLN A N   1 
ATOM   36   C CA  . GLN A 1 28  ? -1.091  -16.668 7.264   1.00 11.01  ? 1319 GLN A CA  1 
ATOM   37   C C   . GLN A 1 28  ? -2.191  -15.949 6.493   1.00 11.69  ? 1319 GLN A C   1 
ATOM   38   O O   . GLN A 1 28  ? -1.943  -15.604 5.308   1.00 11.37  ? 1319 GLN A O   1 
ATOM   39   C CB  . GLN A 1 28  ? -0.791  -18.023 6.595   1.00 11.79  ? 1319 GLN A CB  1 
ATOM   40   C CG  . GLN A 1 28  ? 0.598   -18.558 6.989   1.00 12.83  ? 1319 GLN A CG  1 
ATOM   41   C CD  . GLN A 1 28  ? 0.617   -19.481 8.197   1.00 11.26  ? 1319 GLN A CD  1 
ATOM   42   O OE1 . GLN A 1 28  ? -0.180  -20.422 8.290   1.00 12.94  ? 1319 GLN A OE1 1 
ATOM   43   N NE2 . GLN A 1 28  ? 1.550   -19.245 9.071   1.00 12.52  ? 1319 GLN A NE2 1 
ATOM   44   N N   . ALA A 1 29  ? -3.376  -15.689 7.100   1.00 11.66  ? 1320 ALA A N   1 
ATOM   45   C CA  . ALA A 1 29  ? -4.550  -15.234 6.312   1.00 11.66  ? 1320 ALA A CA  1 
ATOM   46   C C   . ALA A 1 29  ? -4.334  -13.851 5.639   1.00 10.10  ? 1320 ALA A C   1 
ATOM   47   O O   . ALA A 1 29  ? -4.981  -13.568 4.620   1.00 11.66  ? 1320 ALA A O   1 
ATOM   48   C CB  . ALA A 1 29  ? -5.789  -15.218 7.187   1.00 11.92  ? 1320 ALA A CB  1 
ATOM   49   N N   . TRP A 1 30  ? -3.469  -13.018 6.215   1.00 10.04  ? 1321 TRP A N   1 
ATOM   50   C CA  . TRP A 1 30  ? -3.242  -11.659 5.718   1.00 10.01  ? 1321 TRP A CA  1 
ATOM   51   C C   . TRP A 1 30  ? -2.823  -11.661 4.246   1.00 10.42  ? 1321 TRP A C   1 
ATOM   52   O O   . TRP A 1 30  ? -3.133  -10.699 3.536   1.00 11.11  ? 1321 TRP A O   1 
ATOM   53   C CB  . TRP A 1 30  ? -2.189  -10.960 6.586   1.00 10.82  ? 1321 TRP A CB  1 
ATOM   54   C CG  . TRP A 1 30  ? -0.826  -11.585 6.487   1.00 10.49  ? 1321 TRP A CG  1 
ATOM   55   C CD1 . TRP A 1 30  ? -0.361  -12.622 7.223   1.00 11.24  ? 1321 TRP A CD1 1 
ATOM   56   C CD2 . TRP A 1 30  ? 0.227   -11.289 5.532   1.00 10.92  ? 1321 TRP A CD2 1 
ATOM   57   N NE1 . TRP A 1 30  ? 0.909   -12.983 6.824   1.00 11.51  ? 1321 TRP A NE1 1 
ATOM   58   C CE2 . TRP A 1 30  ? 1.289   -12.156 5.824   1.00 11.22  ? 1321 TRP A CE2 1 
ATOM   59   C CE3 . TRP A 1 30  ? 0.445   -10.306 4.571   1.00 11.26  ? 1321 TRP A CE3 1 
ATOM   60   C CZ2 . TRP A 1 30  ? 2.509   -12.129 5.134   1.00 12.71  ? 1321 TRP A CZ2 1 
ATOM   61   C CZ3 . TRP A 1 30  ? 1.642   -10.278 3.879   1.00 12.83  ? 1321 TRP A CZ3 1 
ATOM   62   C CH2 . TRP A 1 30  ? 2.645   -11.209 4.130   1.00 14.05  ? 1321 TRP A CH2 1 
ATOM   63   N N   . LYS A 1 31  ? -2.144  -12.726 3.783   1.00 10.80  ? 1322 LYS A N   1 
ATOM   64   C CA  . LYS A 1 31  ? -1.532  -12.643 2.437   1.00 10.71  ? 1322 LYS A CA  1 
ATOM   65   C C   . LYS A 1 31  ? -2.617  -12.610 1.365   1.00 11.16  ? 1322 LYS A C   1 
ATOM   66   O O   . LYS A 1 31  ? -2.611  -11.723 0.490   1.00 11.80  ? 1322 LYS A O   1 
ATOM   67   C CB  . LYS A 1 31  ? -0.485  -13.745 2.284   1.00 11.37  ? 1322 LYS A CB  1 
ATOM   68   C CG  . LYS A 1 31  ? 0.187   -13.750 0.900   1.00 12.29  ? 1322 LYS A CG  1 
ATOM   69   C CD  . LYS A 1 31  ? 1.337   -14.692 0.823   1.00 12.92  ? 1322 LYS A CD  1 
ATOM   70   C CE  . LYS A 1 31  ? 2.077   -14.667 -0.488  1.00 13.66  ? 1322 LYS A CE  1 
ATOM   71   N NZ  . LYS A 1 31  ? 3.171   -15.663 -0.481  1.00 13.95  ? 1322 LYS A NZ  1 
ATOM   72   N N   . LYS A 1 32  ? -3.548  -13.567 1.427   1.00 12.25  ? 1323 LYS A N   1 
ATOM   73   C CA  . LYS A 1 32  ? -4.648  -13.557 0.470   1.00 12.04  ? 1323 LYS A CA  1 
ATOM   74   C C   . LYS A 1 32  ? -5.543  -12.318 0.661   1.00 11.14  ? 1323 LYS A C   1 
ATOM   75   O O   . LYS A 1 32  ? -6.041  -11.774 -0.344  1.00 13.05  ? 1323 LYS A O   1 
ATOM   76   C CB  . LYS A 1 32  ? -5.448  -14.854 0.583   1.00 16.00  ? 1323 LYS A CB  1 
ATOM   77   C CG  . LYS A 1 32  ? -6.567  -14.969 -0.417  1.00 22.98  ? 1323 LYS A CG  1 
ATOM   78   C CD  . LYS A 1 32  ? -7.128  -16.396 -0.571  1.00 30.36  ? 1323 LYS A CD  1 
ATOM   79   C CE  . LYS A 1 32  ? -8.037  -16.540 -1.775  1.00 37.60  ? 1323 LYS A CE  1 
ATOM   80   N NZ  . LYS A 1 32  ? -8.301  -17.964 -2.095  1.00 43.55  ? 1323 LYS A NZ  1 
ATOM   81   N N   . GLN A 1 33  ? -5.732  -11.884 1.899   1.00 11.86  ? 1324 GLN A N   1 
ATOM   82   C CA  . GLN A 1 33  ? -6.528  -10.651 2.144   1.00 11.89  ? 1324 GLN A CA  1 
ATOM   83   C C   . GLN A 1 33  ? -5.868  -9.441  1.441   1.00 11.46  ? 1324 GLN A C   1 
ATOM   84   O O   . GLN A 1 33  ? -6.548  -8.635  0.790   1.00 12.10  ? 1324 GLN A O   1 
ATOM   85   C CB  . GLN A 1 33  ? -6.688  -10.381 3.631   1.00 12.53  ? 1324 GLN A CB  1 
ATOM   86   C CG  . GLN A 1 33  ? -7.563  -11.436 4.311   1.00 12.67  ? 1324 GLN A CG  1 
ATOM   87   C CD  . GLN A 1 33  ? -7.426  -11.443 5.795   1.00 14.14  ? 1324 GLN A CD  1 
ATOM   88   O OE1 . GLN A 1 33  ? -6.633  -10.742 6.423   1.00 15.81  ? 1324 GLN A OE1 1 
ATOM   89   N NE2 . GLN A 1 33  ? -8.153  -12.358 6.440   1.00 16.23  ? 1324 GLN A NE2 1 
ATOM   90   N N   . CYS A 1 34  ? -4.545  -9.364  1.478   1.00 10.95  ? 1325 CYS A N   1 
ATOM   91   C CA  . CYS A 1 34  ? -3.802  -8.280  0.796   1.00 11.46  ? 1325 CYS A CA  1 
ATOM   92   C C   . CYS A 1 34  ? -3.858  -8.467  -0.713  1.00 11.10  ? 1325 CYS A C   1 
ATOM   93   O O   . CYS A 1 34  ? -3.996  -7.457  -1.443  1.00 11.65  ? 1325 CYS A O   1 
ATOM   94   C CB  . CYS A 1 34  ? -2.370  -8.199  1.290   1.00 10.86  ? 1325 CYS A CB  1 
ATOM   95   S SG  . CYS A 1 34  ? -2.178  -7.526  2.967   1.00 12.28  ? 1325 CYS A SG  1 
ATOM   96   N N   . GLU A 1 35  ? -3.802  -9.671  -1.230  1.00 11.63  ? 1326 GLU A N   1 
ATOM   97   C CA  . GLU A 1 35  ? -3.947  -9.900  -2.684  1.00 13.42  ? 1326 GLU A CA  1 
ATOM   98   C C   . GLU A 1 35  ? -5.309  -9.399  -3.145  1.00 12.90  ? 1326 GLU A C   1 
ATOM   99   O O   . GLU A 1 35  ? -5.375  -8.734  -4.208  1.00 14.40  ? 1326 GLU A O   1 
ATOM   100  C CB  . GLU A 1 35  ? -3.885  -11.402 -3.000  1.00 15.80  ? 1326 GLU A CB  1 
ATOM   101  C CG  . GLU A 1 35  ? -2.527  -12.059 -2.843  1.00 18.31  ? 1326 GLU A CG  1 
ATOM   102  C CD  . GLU A 1 35  ? -2.464  -13.576 -2.896  1.00 21.60  ? 1326 GLU A CD  1 
ATOM   103  O OE1 . GLU A 1 35  ? -3.517  -14.213 -3.073  1.00 26.54  ? 1326 GLU A OE1 1 
ATOM   104  O OE2 . GLU A 1 35  ? -1.354  -14.098 -2.738  1.00 21.95  ? 1326 GLU A OE2 1 
ATOM   105  N N   . GLU A 1 36  ? -6.360  -9.679  -2.413  1.00 13.35  ? 1327 GLU A N   1 
ATOM   106  C CA  . GLU A 1 36  ? -7.727  -9.268  -2.781  1.00 14.62  ? 1327 GLU A CA  1 
ATOM   107  C C   . GLU A 1 36  ? -7.805  -7.758  -2.713  1.00 13.42  ? 1327 GLU A C   1 
ATOM   108  O O   . GLU A 1 36  ? -8.440  -7.160  -3.617  1.00 15.64  ? 1327 GLU A O   1 
ATOM   109  C CB  . GLU A 1 36  ? -8.740  -9.984  -1.874  1.00 17.77  ? 1327 GLU A CB  1 
ATOM   110  C CG  . GLU A 1 36  ? -8.797  -11.480 -2.156  1.00 24.81  ? 1327 GLU A CG  1 
ATOM   111  C CD  . GLU A 1 36  ? -9.526  -12.359 -1.147  1.00 34.40  ? 1327 GLU A CD  1 
ATOM   112  O OE1 . GLU A 1 36  ? -9.865  -11.874 -0.022  1.00 39.91  ? 1327 GLU A OE1 1 
ATOM   113  O OE2 . GLU A 1 36  ? -9.708  -13.565 -1.477  1.00 41.77  ? 1327 GLU A OE2 1 
ATOM   114  N N   . LEU A 1 37  ? -7.233  -7.115  -1.700  1.00 13.18  ? 1328 LEU A N   1 
ATOM   115  C CA  . LEU A 1 37  ? -7.322  -5.646  -1.593  1.00 12.20  ? 1328 LEU A CA  1 
ATOM   116  C C   . LEU A 1 37  ? -6.526  -5.012  -2.736  1.00 11.96  ? 1328 LEU A C   1 
ATOM   117  O O   . LEU A 1 37  ? -7.003  -3.983  -3.358  1.00 12.45  ? 1328 LEU A O   1 
ATOM   118  C CB  . LEU A 1 37  ? -6.826  -5.174  -0.238  1.00 13.10  ? 1328 LEU A CB  1 
ATOM   119  C CG  . LEU A 1 37  ? -6.753  -3.671  0.005   1.00 12.58  ? 1328 LEU A CG  1 
ATOM   120  C CD1 . LEU A 1 37  ? -8.109  -3.019  -0.289  1.00 13.73  ? 1328 LEU A CD1 1 
ATOM   121  C CD2 . LEU A 1 37  ? -6.331  -3.457  1.410   1.00 13.54  ? 1328 LEU A CD2 1 
ATOM   122  N N   . LEU A 1 38  ? -5.365  -5.543  -3.097  1.00 12.04  ? 1329 LEU A N   1 
ATOM   123  C CA  . LEU A 1 38  ? -4.639  -5.048  -4.283  1.00 12.81  ? 1329 LEU A CA  1 
ATOM   124  C C   . LEU A 1 38  ? -5.476  -5.191  -5.550  1.00 13.77  ? 1329 LEU A C   1 
ATOM   125  O O   . LEU A 1 38  ? -5.463  -4.267  -6.390  1.00 15.68  ? 1329 LEU A O   1 
ATOM   126  C CB  . LEU A 1 38  ? -3.287  -5.747  -4.400  1.00 14.01  ? 1329 LEU A CB  1 
ATOM   127  C CG  . LEU A 1 38  ? -2.275  -5.367  -3.356  1.00 13.04  ? 1329 LEU A CG  1 
ATOM   128  C CD1 . LEU A 1 38  ? -1.120  -6.361  -3.396  1.00 16.28  ? 1329 LEU A CD1 1 
ATOM   129  C CD2 . LEU A 1 38  ? -1.771  -3.947  -3.577  1.00 16.62  ? 1329 LEU A CD2 1 
ATOM   130  N N   . ASN A 1 39  ? -6.183  -6.282  -5.720  1.00 15.51  ? 1330 ASN A N   1 
ATOM   131  C CA  . ASN A 1 39  ? -7.125  -6.429  -6.870  1.00 17.53  ? 1330 ASN A CA  1 
ATOM   132  C C   . ASN A 1 39  ? -8.158  -5.289  -6.864  1.00 15.61  ? 1330 ASN A C   1 
ATOM   133  O O   . ASN A 1 39  ? -8.403  -4.652  -7.972  1.00 18.50  ? 1330 ASN A O   1 
ATOM   134  C CB  . ASN A 1 39  ? -7.776  -7.819  -6.886  1.00 20.75  ? 1330 ASN A CB  1 
ATOM   135  C CG  . ASN A 1 39  ? -6.843  -8.953  -7.255  1.00 24.73  ? 1330 ASN A CG  1 
ATOM   136  O OD1 . ASN A 1 39  ? -5.807  -8.735  -7.868  1.00 29.95  ? 1330 ASN A OD1 1 
ATOM   137  N ND2 . ASN A 1 39  ? -7.208  -10.179 -6.899  1.00 28.19  ? 1330 ASN A ND2 1 
ATOM   138  N N   . LEU A 1 40  ? -8.748  -4.963  -5.745  1.00 15.05  ? 1331 LEU A N   1 
ATOM   139  C CA  . LEU A 1 40  ? -9.745  -3.872  -5.668  1.00 16.59  ? 1331 LEU A CA  1 
ATOM   140  C C   . LEU A 1 40  ? -9.087  -2.539  -6.027  1.00 16.01  ? 1331 LEU A C   1 
ATOM   141  O O   . LEU A 1 40  ? -9.656  -1.728  -6.845  1.00 17.89  ? 1331 LEU A O   1 
ATOM   142  C CB  . LEU A 1 40  ? -10.380 -3.823  -4.295  1.00 16.73  ? 1331 LEU A CB  1 
ATOM   143  C CG  . LEU A 1 40  ? -11.318 -4.970  -3.927  1.00 16.10  ? 1331 LEU A CG  1 
ATOM   144  C CD1 . LEU A 1 40  ? -11.733 -4.843  -2.494  1.00 19.61  ? 1331 LEU A CD1 1 
ATOM   145  C CD2 . LEU A 1 40  ? -12.509 -5.095  -4.880  1.00 21.25  ? 1331 LEU A CD2 1 
ATOM   146  N N   . ILE A 1 41  ? -7.847  -2.311  -5.572  1.00 13.98  ? 1332 ILE A N   1 
ATOM   147  C CA  . ILE A 1 41  ? -7.119  -1.053  -5.844  1.00 12.96  ? 1332 ILE A CA  1 
ATOM   148  C C   . ILE A 1 41  ? -6.831  -0.961  -7.342  1.00 14.75  ? 1332 ILE A C   1 
ATOM   149  O O   . ILE A 1 41  ? -7.113  0.114   -7.940  1.00 15.15  ? 1332 ILE A O   1 
ATOM   150  C CB  . ILE A 1 41  ? -5.850  -0.995  -4.973  1.00 13.12  ? 1332 ILE A CB  1 
ATOM   151  C CG1 . ILE A 1 41  ? -6.285  -0.737  -3.532  1.00 13.94  ? 1332 ILE A CG1 1 
ATOM   152  C CG2 . ILE A 1 41  ? -4.883  0.045   -5.512  1.00 12.53  ? 1332 ILE A CG2 1 
ATOM   153  C CD1 . ILE A 1 41  ? -5.176  -0.846  -2.540  1.00 15.50  ? 1332 ILE A CD1 1 
ATOM   154  N N   . PHE A 1 42  ? -6.415  -2.041  -7.990  1.00 16.64  ? 1333 PHE A N   1 
ATOM   155  C CA  . PHE A 1 42  ? -6.270  -2.062  -9.476  1.00 19.28  ? 1333 PHE A CA  1 
ATOM   156  C C   . PHE A 1 42  ? -7.614  -1.794  -10.203 1.00 20.94  ? 1333 PHE A C   1 
ATOM   157  O O   . PHE A 1 42  ? -7.534  -1.078  -11.261 1.00 27.47  ? 1333 PHE A O   1 
ATOM   158  C CB  . PHE A 1 42  ? -5.519  -3.342  -9.869  1.00 19.15  ? 1333 PHE A CB  1 
ATOM   159  C CG  . PHE A 1 42  ? -4.017  -3.219  -9.790  1.00 18.35  ? 1333 PHE A CG  1 
ATOM   160  C CD1 . PHE A 1 42  ? -3.292  -2.870  -10.916 1.00 20.23  ? 1333 PHE A CD1 1 
ATOM   161  C CD2 . PHE A 1 42  ? -3.318  -3.535  -8.637  1.00 22.22  ? 1333 PHE A CD2 1 
ATOM   162  C CE1 . PHE A 1 42  ? -1.910  -2.766  -10.880 1.00 25.30  ? 1333 PHE A CE1 1 
ATOM   163  C CE2 . PHE A 1 42  ? -1.932  -3.418  -8.598  1.00 22.40  ? 1333 PHE A CE2 1 
ATOM   164  C CZ  . PHE A 1 42  ? -1.239  -3.010  -9.714  1.00 20.49  ? 1333 PHE A CZ  1 
ATOM   165  N N   . GLN A 1 43  ? -8.793  -2.138  -9.675  1.00 20.38  ? 1334 GLN A N   1 
ATOM   166  C CA  . GLN A 1 43  ? -10.125 -1.805  -10.315 1.00 21.54  ? 1334 GLN A CA  1 
ATOM   167  C C   . GLN A 1 43  ? -10.531 -0.331  -10.152 1.00 22.28  ? 1334 GLN A C   1 
ATOM   168  O O   . GLN A 1 43  ? -11.380 0.174   -10.920 1.00 23.09  ? 1334 GLN A O   1 
ATOM   169  C CB  . GLN A 1 43  ? -11.194 -2.722  -9.729  1.00 20.72  ? 1334 GLN A CB  1 
ATOM   170  C CG  . GLN A 1 43  ? -10.981 -4.179  -10.087 1.00 23.93  ? 1334 GLN A CG  1 
ATOM   171  N N   A CYS A 1 44  ? -9.945  0.353   -9.177  0.34 19.98  ? 1335 CYS A N   1 
ATOM   172  N N   B CYS A 1 44  ? -9.972  0.358   -9.155  0.34 20.20  ? 1335 CYS A N   1 
ATOM   173  C CA  A CYS A 1 44  ? -10.179 1.788   -8.885  0.34 18.38  ? 1335 CYS A CA  1 
ATOM   174  C CA  B CYS A 1 44  ? -10.230 1.793   -8.856  0.34 18.76  ? 1335 CYS A CA  1 
ATOM   175  C C   A CYS A 1 44  ? -9.541  2.618   -10.006 0.34 18.01  ? 1335 CYS A C   1 
ATOM   176  C C   B CYS A 1 44  ? -9.562  2.645   -9.947  0.34 18.30  ? 1335 CYS A C   1 
ATOM   177  O O   A CYS A 1 44  ? -8.326  2.460   -10.289 0.34 16.38  ? 1335 CYS A O   1 
ATOM   178  O O   B CYS A 1 44  ? -8.335  2.556   -10.122 0.34 16.94  ? 1335 CYS A O   1 
ATOM   179  C CB  A CYS A 1 44  ? -9.637  2.167   -7.507  0.34 16.96  ? 1335 CYS A CB  1 
ATOM   180  C CB  B CYS A 1 44  ? -9.717  2.213   -7.476  0.34 17.86  ? 1335 CYS A CB  1 
ATOM   181  S SG  A CYS A 1 44  ? -10.624 1.401   -6.198  0.34 19.67  ? 1335 CYS A SG  1 
ATOM   182  S SG  B CYS A 1 44  ? -10.488 3.746   -6.885  0.34 21.37  ? 1335 CYS A SG  1 
ATOM   183  N N   . GLU A 1 45  ? -10.320 3.487   -10.656 1.00 17.72  ? 1336 GLU A N   1 
ATOM   184  C CA  . GLU A 1 45  ? -9.715  4.441   -11.627 1.00 15.85  ? 1336 GLU A CA  1 
ATOM   185  C C   . GLU A 1 45  ? -8.669  5.342   -10.944 1.00 14.55  ? 1336 GLU A C   1 
ATOM   186  O O   . GLU A 1 45  ? -7.687  5.747   -11.572 1.00 14.78  ? 1336 GLU A O   1 
ATOM   187  C CB  . GLU A 1 45  ? -10.770 5.331   -12.267 1.00 16.38  ? 1336 GLU A CB  1 
ATOM   188  C CG  . GLU A 1 45  ? -11.649 4.528   -13.212 1.00 20.15  ? 1336 GLU A CG  1 
ATOM   189  C CD  . GLU A 1 45  ? -12.782 5.270   -13.869 1.00 23.25  ? 1336 GLU A CD  1 
ATOM   190  O OE1 . GLU A 1 45  ? -12.886 6.499   -13.688 1.00 23.38  ? 1336 GLU A OE1 1 
ATOM   191  O OE2 . GLU A 1 45  ? -13.518 4.595   -14.640 1.00 23.35  ? 1336 GLU A OE2 1 
ATOM   192  N N   . ASP A 1 46  ? -8.836  5.550   -9.645  1.00 13.17  ? 1337 ASP A N   1 
ATOM   193  C CA  . ASP A 1 46  ? -7.917  6.419   -8.870  1.00 12.99  ? 1337 ASP A CA  1 
ATOM   194  C C   . ASP A 1 46  ? -6.511  5.798   -8.762  1.00 12.05  ? 1337 ASP A C   1 
ATOM   195  O O   . ASP A 1 46  ? -5.570  6.557   -8.465  1.00 11.69  ? 1337 ASP A O   1 
ATOM   196  C CB  . ASP A 1 46  ? -8.476  6.752   -7.493  1.00 12.90  ? 1337 ASP A CB  1 
ATOM   197  C CG  . ASP A 1 46  ? -9.656  7.728   -7.514  1.00 13.44  ? 1337 ASP A CG  1 
ATOM   198  O OD1 . ASP A 1 46  ? -9.832  8.436   -8.548  1.00 14.60  ? 1337 ASP A OD1 1 
ATOM   199  O OD2 . ASP A 1 46  ? -10.334 7.833   -6.482  1.00 13.26  ? 1337 ASP A OD2 1 
ATOM   200  N N   . SER A 1 47  ? -6.314  4.509   -9.006  1.00 12.28  ? 1338 SER A N   1 
ATOM   201  C CA  . SER A 1 47  ? -4.949  3.928   -8.936  1.00 12.57  ? 1338 SER A CA  1 
ATOM   202  C C   . SER A 1 47  ? -4.132  4.174   -10.212 1.00 12.66  ? 1338 SER A C   1 
ATOM   203  O O   . SER A 1 47  ? -2.932  3.930   -10.165 1.00 11.93  ? 1338 SER A O   1 
ATOM   204  C CB  . SER A 1 47  ? -4.954  2.462   -8.596  1.00 11.80  ? 1338 SER A CB  1 
ATOM   205  O OG  . SER A 1 47  ? -5.427  1.672   -9.686  1.00 12.33  ? 1338 SER A OG  1 
ATOM   206  N N   . GLU A 1 48  ? -4.739  4.590   -11.327 1.00 13.12  ? 1339 GLU A N   1 
ATOM   207  C CA  . GLU A 1 48  ? -4.025  4.700   -12.639 1.00 15.19  ? 1339 GLU A CA  1 
ATOM   208  C C   . GLU A 1 48  ? -2.588  5.210   -12.452 1.00 13.15  ? 1339 GLU A C   1 
ATOM   209  O O   . GLU A 1 48  ? -1.605  4.579   -12.872 1.00 13.02  ? 1339 GLU A O   1 
ATOM   210  C CB  . GLU A 1 48  ? -4.811  5.584   -13.621 1.00 17.94  ? 1339 GLU A CB  1 
ATOM   211  C CG  . GLU A 1 48  ? -4.111  5.787   -14.959 1.00 19.84  ? 1339 GLU A CG  1 
ATOM   212  C CD  . GLU A 1 48  ? -4.922  6.528   -16.016 1.00 22.72  ? 1339 GLU A CD  1 
ATOM   213  O OE1 . GLU A 1 48  ? -4.401  6.714   -17.125 1.00 26.66  ? 1339 GLU A OE1 1 
ATOM   214  O OE2 . GLU A 1 48  ? -6.067  6.929   -15.721 1.00 25.53  ? 1339 GLU A OE2 1 
ATOM   215  N N   . PRO A 1 49  ? -2.375  6.395   -11.833 1.00 12.16  ? 1340 PRO A N   1 
ATOM   216  C CA  . PRO A 1 49  ? -1.034  6.985   -11.769 1.00 11.51  ? 1340 PRO A CA  1 
ATOM   217  C C   . PRO A 1 49  ? -0.008  6.222   -10.921 1.00 11.50  ? 1340 PRO A C   1 
ATOM   218  O O   . PRO A 1 49  ? 1.161   6.521   -11.018 1.00 11.81  ? 1340 PRO A O   1 
ATOM   219  C CB  . PRO A 1 49  ? -1.265  8.365   -11.108 1.00 12.69  ? 1340 PRO A CB  1 
ATOM   220  C CG  . PRO A 1 49  ? -2.732  8.653   -11.339 1.00 13.41  ? 1340 PRO A CG  1 
ATOM   221  C CD  . PRO A 1 49  ? -3.385  7.287   -11.232 1.00 12.50  ? 1340 PRO A CD  1 
ATOM   222  N N   . PHE A 1 50  ? -0.489  5.292   -10.103 1.00 10.83  ? 1341 PHE A N   1 
ATOM   223  C CA  . PHE A 1 50  ? 0.304   4.612   -9.046  1.00 10.81  ? 1341 PHE A CA  1 
ATOM   224  C C   . PHE A 1 50  ? 0.567   3.150   -9.394  1.00 12.10  ? 1341 PHE A C   1 
ATOM   225  O O   . PHE A 1 50  ? 1.190   2.464   -8.565  1.00 11.45  ? 1341 PHE A O   1 
ATOM   226  C CB  . PHE A 1 50  ? -0.391  4.752   -7.685  1.00 10.73  ? 1341 PHE A CB  1 
ATOM   227  C CG  . PHE A 1 50  ? -0.842  6.166   -7.410  1.00 10.25  ? 1341 PHE A CG  1 
ATOM   228  C CD1 . PHE A 1 50  ? 0.086   7.180   -7.230  1.00 11.08  ? 1341 PHE A CD1 1 
ATOM   229  C CD2 . PHE A 1 50  ? -2.187  6.504   -7.411  1.00 11.12  ? 1341 PHE A CD2 1 
ATOM   230  C CE1 . PHE A 1 50  ? -0.319  8.499   -7.069  1.00 11.60  ? 1341 PHE A CE1 1 
ATOM   231  C CE2 . PHE A 1 50  ? -2.588  7.822   -7.254  1.00 11.17  ? 1341 PHE A CE2 1 
ATOM   232  C CZ  . PHE A 1 50  ? -1.656  8.820   -7.085  1.00 11.85  ? 1341 PHE A CZ  1 
ATOM   233  N N   . ARG A 1 51  ? 0.143   2.681   -10.565 1.00 11.98  ? 1342 ARG A N   1 
ATOM   234  C CA  . ARG A 1 51  ? 0.186   1.232   -10.892 1.00 13.92  ? 1342 ARG A CA  1 
ATOM   235  C C   . ARG A 1 51  ? 1.620   0.832   -11.236 1.00 14.48  ? 1342 ARG A C   1 
ATOM   236  O O   . ARG A 1 51  ? 2.018   -0.309  -10.904 1.00 16.61  ? 1342 ARG A O   1 
ATOM   237  C CB  . ARG A 1 51  ? -0.745  0.915   -12.060 1.00 14.73  ? 1342 ARG A CB  1 
ATOM   238  C CG  . ARG A 1 51  ? -2.199  0.935   -11.630 1.00 15.48  ? 1342 ARG A CG  1 
ATOM   239  C CD  . ARG A 1 51  ? -3.137  0.810   -12.808 1.00 18.07  ? 1342 ARG A CD  1 
ATOM   240  N NE  . ARG A 1 51  ? -4.513  1.035   -12.402 1.00 18.83  ? 1342 ARG A NE  1 
ATOM   241  C CZ  . ARG A 1 51  ? -5.514  1.284   -13.232 1.00 21.90  ? 1342 ARG A CZ  1 
ATOM   242  N NH1 . ARG A 1 51  ? -5.306  1.323   -14.542 1.00 24.25  ? 1342 ARG A NH1 1 
ATOM   243  N NH2 . ARG A 1 51  ? -6.723  1.486   -12.741 1.00 22.69  ? 1342 ARG A NH2 1 
ATOM   244  N N   . GLN A 1 52  ? 2.366   1.747   -11.844 1.00 14.72  ? 1343 GLN A N   1 
ATOM   245  C CA  . GLN A 1 52  ? 3.692   1.517   -12.443 1.00 16.58  ? 1343 GLN A CA  1 
ATOM   246  C C   . GLN A 1 52  ? 4.598   2.636   -11.952 1.00 17.38  ? 1343 GLN A C   1 
ATOM   247  O O   . GLN A 1 52  ? 4.104   3.633   -11.404 1.00 17.97  ? 1343 GLN A O   1 
ATOM   248  C CB  . GLN A 1 52  ? 3.549   1.490   -13.975 1.00 18.79  ? 1343 GLN A CB  1 
ATOM   249  C CG  . GLN A 1 52  ? 2.807   0.273   -14.485 1.00 24.48  ? 1343 GLN A CG  1 
ATOM   250  C CD  . GLN A 1 52  ? 3.715   -0.932  -14.535 1.00 27.02  ? 1343 GLN A CD  1 
ATOM   251  O OE1 . GLN A 1 52  ? 4.927   -0.808  -14.706 1.00 33.23  ? 1343 GLN A OE1 1 
ATOM   252  N NE2 . GLN A 1 52  ? 3.144   -2.113  -14.340 1.00 32.20  ? 1343 GLN A NE2 1 
ATOM   253  N N   . PRO A 1 53  ? 5.932   2.530   -12.121 1.00 19.95  ? 1344 PRO A N   1 
ATOM   254  C CA  . PRO A 1 53  ? 6.836   3.584   -11.678 1.00 20.94  ? 1344 PRO A CA  1 
ATOM   255  C C   . PRO A 1 53  ? 6.444   4.929   -12.290 1.00 20.66  ? 1344 PRO A C   1 
ATOM   256  O O   . PRO A 1 53  ? 5.951   4.938   -13.425 1.00 18.49  ? 1344 PRO A O   1 
ATOM   257  C CB  . PRO A 1 53  ? 8.208   3.139   -12.190 1.00 22.38  ? 1344 PRO A CB  1 
ATOM   258  C CG  . PRO A 1 53  ? 8.067   1.645   -12.320 1.00 22.73  ? 1344 PRO A CG  1 
ATOM   259  C CD  . PRO A 1 53  ? 6.642   1.417   -12.772 1.00 21.98  ? 1344 PRO A CD  1 
ATOM   260  N N   . VAL A 1 54  ? 6.616   6.003   -11.516 1.00 20.26  ? 1345 VAL A N   1 
ATOM   261  C CA  . VAL A 1 54  ? 6.587   7.398   -12.027 1.00 20.77  ? 1345 VAL A CA  1 
ATOM   262  C C   . VAL A 1 54  ? 7.525   7.471   -13.226 1.00 21.36  ? 1345 VAL A C   1 
ATOM   263  O O   . VAL A 1 54  ? 8.681   7.014   -13.113 1.00 22.13  ? 1345 VAL A O   1 
ATOM   264  C CB  . VAL A 1 54  ? 6.966   8.443   -10.968 1.00 22.10  ? 1345 VAL A CB  1 
ATOM   265  C CG1 . VAL A 1 54  ? 7.127   9.823   -11.591 1.00 24.05  ? 1345 VAL A CG1 1 
ATOM   266  C CG2 . VAL A 1 54  ? 5.944   8.462   -9.852  1.00 23.61  ? 1345 VAL A CG2 1 
ATOM   267  N N   . ASP A 1 55  ? 7.011   7.989   -14.339 1.00 20.44  ? 1346 ASP A N   1 
ATOM   268  C CA  . ASP A 1 55  ? 7.737   8.058   -15.630 1.00 21.04  ? 1346 ASP A CA  1 
ATOM   269  C C   . ASP A 1 55  ? 8.840   9.107   -15.511 1.00 20.36  ? 1346 ASP A C   1 
ATOM   270  O O   . ASP A 1 55  ? 8.534   10.305  -15.492 1.00 22.09  ? 1346 ASP A O   1 
ATOM   271  C CB  . ASP A 1 55  ? 6.761   8.348   -16.769 1.00 21.57  ? 1346 ASP A CB  1 
ATOM   272  C CG  . ASP A 1 55  ? 7.359   8.225   -18.163 1.00 23.84  ? 1346 ASP A CG  1 
ATOM   273  O OD1 . ASP A 1 55  ? 8.565   8.510   -18.322 1.00 24.10  ? 1346 ASP A OD1 1 
ATOM   274  O OD2 . ASP A 1 55  ? 6.595   7.865   -19.087 1.00 26.30  ? 1346 ASP A OD2 1 
ATOM   275  N N   . LEU A 1 56  ? 10.084  8.654   -15.472 1.00 21.18  ? 1347 LEU A N   1 
ATOM   276  C CA  . LEU A 1 56  ? 11.255  9.526   -15.220 1.00 20.75  ? 1347 LEU A CA  1 
ATOM   277  C C   . LEU A 1 56  ? 11.565  10.385  -16.458 1.00 20.73  ? 1347 LEU A C   1 
ATOM   278  O O   . LEU A 1 56  ? 12.273  11.385  -16.305 1.00 22.49  ? 1347 LEU A O   1 
ATOM   279  C CB  . LEU A 1 56  ? 12.429  8.652   -14.769 1.00 20.47  ? 1347 LEU A CB  1 
ATOM   280  C CG  . LEU A 1 56  ? 12.180  7.821   -13.506 1.00 20.11  ? 1347 LEU A CG  1 
ATOM   281  C CD1 . LEU A 1 56  ? 13.397  6.967   -13.175 1.00 21.63  ? 1347 LEU A CD1 1 
ATOM   282  C CD2 . LEU A 1 56  ? 11.789  8.677   -12.316 1.00 20.59  ? 1347 LEU A CD2 1 
ATOM   283  N N   . LEU A 1 57  ? 11.013  10.066  -17.632 1.00 22.59  ? 1348 LEU A N   1 
ATOM   284  C CA  . LEU A 1 57  ? 11.195  10.909  -18.846 1.00 22.59  ? 1348 LEU A CA  1 
ATOM   285  C C   . LEU A 1 57  ? 10.265  12.130  -18.785 1.00 22.12  ? 1348 LEU A C   1 
ATOM   286  O O   . LEU A 1 57  ? 10.652  13.216  -19.260 1.00 24.94  ? 1348 LEU A O   1 
ATOM   287  C CB  . LEU A 1 57  ? 10.918  10.061  -20.093 1.00 24.53  ? 1348 LEU A CB  1 
ATOM   288  C CG  . LEU A 1 57  ? 11.788  8.815   -20.250 1.00 25.99  ? 1348 LEU A CG  1 
ATOM   289  C CD1 . LEU A 1 57  ? 11.334  7.981   -21.442 1.00 26.39  ? 1348 LEU A CD1 1 
ATOM   290  C CD2 . LEU A 1 57  ? 13.258  9.187   -20.378 1.00 26.16  ? 1348 LEU A CD2 1 
ATOM   291  N N   . GLU A 1 58  ? 9.052   11.953  -18.254 1.00 21.75  ? 1349 GLU A N   1 
ATOM   292  C CA  . GLU A 1 58  ? 7.987   12.989  -18.212 1.00 23.09  ? 1349 GLU A CA  1 
ATOM   293  C C   . GLU A 1 58  ? 8.201   13.899  -16.999 1.00 21.17  ? 1349 GLU A C   1 
ATOM   294  O O   . GLU A 1 58  ? 7.839   15.084  -17.060 1.00 20.52  ? 1349 GLU A O   1 
ATOM   295  C CB  . GLU A 1 58  ? 6.624   12.297  -18.157 1.00 24.86  ? 1349 GLU A CB  1 
ATOM   296  C CG  . GLU A 1 58  ? 6.379   11.355  -19.322 1.00 28.75  ? 1349 GLU A CG  1 
ATOM   297  C CD  . GLU A 1 58  ? 5.046   10.634  -19.309 1.00 32.94  ? 1349 GLU A CD  1 
ATOM   298  O OE1 . GLU A 1 58  ? 4.546   10.327  -18.201 1.00 36.51  ? 1349 GLU A OE1 1 
ATOM   299  O OE2 . GLU A 1 58  ? 4.500   10.399  -20.411 1.00 35.37  ? 1349 GLU A OE2 1 
ATOM   300  N N   . TYR A 1 59  ? 8.743   13.352  -15.909 1.00 20.47  ? 1350 TYR A N   1 
ATOM   301  C CA  . TYR A 1 59  ? 8.983   14.065  -14.627 1.00 19.58  ? 1350 TYR A CA  1 
ATOM   302  C C   . TYR A 1 59  ? 10.478  14.038  -14.362 1.00 18.67  ? 1350 TYR A C   1 
ATOM   303  O O   . TYR A 1 59  ? 10.962  13.255  -13.549 1.00 17.72  ? 1350 TYR A O   1 
ATOM   304  C CB  . TYR A 1 59  ? 8.170   13.416  -13.507 1.00 20.07  ? 1350 TYR A CB  1 
ATOM   305  C CG  . TYR A 1 59  ? 6.687   13.566  -13.727 1.00 20.46  ? 1350 TYR A CG  1 
ATOM   306  C CD1 . TYR A 1 59  ? 6.050   14.770  -13.469 1.00 21.25  ? 1350 TYR A CD1 1 
ATOM   307  C CD2 . TYR A 1 59  ? 5.931   12.531  -14.251 1.00 22.40  ? 1350 TYR A CD2 1 
ATOM   308  C CE1 . TYR A 1 59  ? 4.696   14.937  -13.699 1.00 22.88  ? 1350 TYR A CE1 1 
ATOM   309  C CE2 . TYR A 1 59  ? 4.573   12.685  -14.502 1.00 22.87  ? 1350 TYR A CE2 1 
ATOM   310  C CZ  . TYR A 1 59  ? 3.951   13.888  -14.207 1.00 22.78  ? 1350 TYR A CZ  1 
ATOM   311  O OH  . TYR A 1 59  ? 2.605   14.046  -14.408 1.00 25.57  ? 1350 TYR A OH  1 
ATOM   312  N N   . PRO A 1 60  ? 11.264  14.856  -15.103 1.00 18.18  ? 1351 PRO A N   1 
ATOM   313  C CA  . PRO A 1 60  ? 12.714  14.667  -15.131 1.00 17.26  ? 1351 PRO A CA  1 
ATOM   314  C C   . PRO A 1 60  ? 13.391  14.946  -13.776 1.00 16.28  ? 1351 PRO A C   1 
ATOM   315  O O   . PRO A 1 60  ? 14.510  14.484  -13.540 1.00 16.50  ? 1351 PRO A O   1 
ATOM   316  C CB  . PRO A 1 60  ? 13.213  15.643  -16.221 1.00 18.60  ? 1351 PRO A CB  1 
ATOM   317  C CG  . PRO A 1 60  ? 12.071  16.594  -16.493 1.00 19.92  ? 1351 PRO A CG  1 
ATOM   318  C CD  . PRO A 1 60  ? 10.802  15.933  -16.000 1.00 19.39  ? 1351 PRO A CD  1 
ATOM   319  N N   . ASP A 1 61  ? 12.725  15.707  -12.912 1.00 15.31  ? 1352 ASP A N   1 
ATOM   320  C CA  . ASP A 1 61  ? 13.213  16.062  -11.557 1.00 15.24  ? 1352 ASP A CA  1 
ATOM   321  C C   . ASP A 1 61  ? 12.711  15.066  -10.497 1.00 13.43  ? 1352 ASP A C   1 
ATOM   322  O O   . ASP A 1 61  ? 13.028  15.272  -9.317  1.00 12.67  ? 1352 ASP A O   1 
ATOM   323  C CB  . ASP A 1 61  ? 12.770  17.475  -11.177 1.00 16.66  ? 1352 ASP A CB  1 
ATOM   324  C CG  . ASP A 1 61  ? 11.269  17.599  -11.058 1.00 16.90  ? 1352 ASP A CG  1 
ATOM   325  O OD1 . ASP A 1 61  ? 10.564  16.820  -11.748 1.00 21.02  ? 1352 ASP A OD1 1 
ATOM   326  O OD2 . ASP A 1 61  ? 10.805  18.483  -10.320 1.00 23.85  ? 1352 ASP A OD2 1 
ATOM   327  N N   . TYR A 1 62  ? 12.012  13.977  -10.842 1.00 11.88  ? 1353 TYR A N   1 
ATOM   328  C CA  . TYR A 1 62  ? 11.330  13.147  -9.806  1.00 12.52  ? 1353 TYR A CA  1 
ATOM   329  C C   . TYR A 1 62  ? 12.336  12.660  -8.753  1.00 12.82  ? 1353 TYR A C   1 
ATOM   330  O O   . TYR A 1 62  ? 12.074  12.780  -7.525  1.00 12.14  ? 1353 TYR A O   1 
ATOM   331  C CB  . TYR A 1 62  ? 10.545  12.005  -10.455 1.00 11.99  ? 1353 TYR A CB  1 
ATOM   332  C CG  . TYR A 1 62  ? 9.657   11.278  -9.481  1.00 12.54  ? 1353 TYR A CG  1 
ATOM   333  C CD1 . TYR A 1 62  ? 8.462   11.850  -9.096  1.00 12.44  ? 1353 TYR A CD1 1 
ATOM   334  C CD2 . TYR A 1 62  ? 10.012  10.051  -8.929  1.00 12.16  ? 1353 TYR A CD2 1 
ATOM   335  C CE1 . TYR A 1 62  ? 7.621   11.216  -8.196  1.00 12.36  ? 1353 TYR A CE1 1 
ATOM   336  C CE2 . TYR A 1 62  ? 9.168   9.396   -8.036  1.00 12.47  ? 1353 TYR A CE2 1 
ATOM   337  C CZ  . TYR A 1 62  ? 7.984   9.998   -7.645  1.00 11.63  ? 1353 TYR A CZ  1 
ATOM   338  O OH  . TYR A 1 62  ? 7.168   9.375   -6.714  1.00 11.55  ? 1353 TYR A OH  1 
ATOM   339  N N   . ARG A 1 63  ? 13.472  12.110  -9.195  1.00 13.45  ? 1354 ARG A N   1 
ATOM   340  C CA  . ARG A 1 63  ? 14.436  11.460  -8.281  1.00 15.54  ? 1354 ARG A CA  1 
ATOM   341  C C   . ARG A 1 63  ? 15.278  12.495  -7.522  1.00 15.74  ? 1354 ARG A C   1 
ATOM   342  O O   . ARG A 1 63  ? 16.002  12.085  -6.602  1.00 16.08  ? 1354 ARG A O   1 
ATOM   343  C CB  . ARG A 1 63  ? 15.330  10.472  -9.028  1.00 16.89  ? 1354 ARG A CB  1 
ATOM   344  C CG  . ARG A 1 63  ? 14.579  9.281   -9.607  1.00 18.75  ? 1354 ARG A CG  1 
ATOM   345  C CD  . ARG A 1 63  ? 13.796  8.467   -8.593  1.00 20.59  ? 1354 ARG A CD  1 
ATOM   346  N NE  . ARG A 1 63  ? 14.616  7.941   -7.502  1.00 22.34  ? 1354 ARG A NE  1 
ATOM   347  C CZ  . ARG A 1 63  ? 15.303  6.795   -7.533  1.00 24.45  ? 1354 ARG A CZ  1 
ATOM   348  N NH1 . ARG A 1 63  ? 15.288  6.024   -8.607  1.00 25.66  ? 1354 ARG A NH1 1 
ATOM   349  N NH2 . ARG A 1 63  ? 16.003  6.416   -6.476  1.00 26.76  ? 1354 ARG A NH2 1 
ATOM   350  N N   . ASP A 1 64  ? 15.183  13.787  -7.845  1.00 15.60  ? 1355 ASP A N   1 
ATOM   351  C CA  . ASP A 1 64  ? 15.791  14.860  -7.005  1.00 17.25  ? 1355 ASP A CA  1 
ATOM   352  C C   . ASP A 1 64  ? 14.982  15.007  -5.712  1.00 16.71  ? 1355 ASP A C   1 
ATOM   353  O O   . ASP A 1 64  ? 15.596  15.293  -4.652  1.00 19.39  ? 1355 ASP A O   1 
ATOM   354  C CB  . ASP A 1 64  ? 15.825  16.203  -7.733  1.00 18.10  ? 1355 ASP A CB  1 
ATOM   355  C CG  . ASP A 1 64  ? 16.550  16.184  -9.071  1.00 19.22  ? 1355 ASP A CG  1 
ATOM   356  O OD1 . ASP A 1 64  ? 17.304  15.223  -9.330  1.00 18.90  ? 1355 ASP A OD1 1 
ATOM   357  O OD2 . ASP A 1 64  ? 16.336  17.127  -9.853  1.00 21.53  ? 1355 ASP A OD2 1 
ATOM   358  N N   . ILE A 1 65  ? 13.662  14.795  -5.803  1.00 15.22  ? 1356 ILE A N   1 
ATOM   359  C CA  . ILE A 1 65  ? 12.658  15.027  -4.726  1.00 14.09  ? 1356 ILE A CA  1 
ATOM   360  C C   . ILE A 1 65  ? 12.409  13.744  -3.916  1.00 13.71  ? 1356 ILE A C   1 
ATOM   361  O O   . ILE A 1 65  ? 12.292  13.829  -2.666  1.00 14.48  ? 1356 ILE A O   1 
ATOM   362  C CB  . ILE A 1 65  ? 11.360  15.562  -5.353  1.00 14.18  ? 1356 ILE A CB  1 
ATOM   363  C CG1 . ILE A 1 65  ? 11.603  16.762  -6.274  1.00 14.50  ? 1356 ILE A CG1 1 
ATOM   364  C CG2 . ILE A 1 65  ? 10.322  15.874  -4.296  1.00 14.24  ? 1356 ILE A CG2 1 
ATOM   365  C CD1 . ILE A 1 65  ? 12.180  17.991  -5.601  1.00 15.65  ? 1356 ILE A CD1 1 
ATOM   366  N N   . ILE A 1 66  ? 12.382  12.589  -4.585  1.00 13.21  ? 1357 ILE A N   1 
ATOM   367  C CA  . ILE A 1 66  ? 11.890  11.302  -4.015  1.00 13.99  ? 1357 ILE A CA  1 
ATOM   368  C C   . ILE A 1 66  ? 13.059  10.312  -3.961  1.00 14.57  ? 1357 ILE A C   1 
ATOM   369  O O   . ILE A 1 66  ? 13.584  9.943   -5.018  1.00 15.94  ? 1357 ILE A O   1 
ATOM   370  C CB  . ILE A 1 66  ? 10.701  10.790  -4.848  1.00 12.51  ? 1357 ILE A CB  1 
ATOM   371  C CG1 . ILE A 1 66  ? 9.527   11.787  -4.875  1.00 13.24  ? 1357 ILE A CG1 1 
ATOM   372  C CG2 . ILE A 1 66  ? 10.284  9.427   -4.331  1.00 12.72  ? 1357 ILE A CG2 1 
ATOM   373  C CD1 . ILE A 1 66  ? 8.978   12.156  -3.512  1.00 14.04  ? 1357 ILE A CD1 1 
ATOM   374  N N   . ASP A 1 67  ? 13.406  9.887   -2.743  1.00 16.64  ? 1358 ASP A N   1 
ATOM   375  C CA  . ASP A 1 67  ? 14.565  9.013   -2.488  1.00 18.43  ? 1358 ASP A CA  1 
ATOM   376  C C   . ASP A 1 67  ? 14.193  7.567   -2.814  1.00 17.44  ? 1358 ASP A C   1 
ATOM   377  O O   . ASP A 1 67  ? 15.069  6.768   -3.189  1.00 19.04  ? 1358 ASP A O   1 
ATOM   378  C CB  . ASP A 1 67  ? 14.939  9.063   -1.013  1.00 22.72  ? 1358 ASP A CB  1 
ATOM   379  C CG  . ASP A 1 67  ? 15.660  10.320  -0.590  1.00 32.42  ? 1358 ASP A CG  1 
ATOM   380  O OD1 . ASP A 1 67  ? 16.107  11.032  -1.486  1.00 33.62  ? 1358 ASP A OD1 1 
ATOM   381  O OD2 . ASP A 1 67  ? 15.742  10.583  0.628   1.00 37.24  ? 1358 ASP A OD2 1 
ATOM   382  N N   . THR A 1 68  ? 12.928  7.146   -2.546  1.00 16.14  ? 1359 THR A N   1 
ATOM   383  C CA  . THR A 1 68  ? 12.559  5.710   -2.646  1.00 16.05  ? 1359 THR A CA  1 
ATOM   384  C C   . THR A 1 68  ? 11.251  5.615   -3.442  1.00 13.87  ? 1359 THR A C   1 
ATOM   385  O O   . THR A 1 68  ? 10.147  5.622   -2.821  1.00 14.49  ? 1359 THR A O   1 
ATOM   386  C CB  . THR A 1 68  ? 12.420  5.061   -1.264  1.00 16.95  ? 1359 THR A CB  1 
ATOM   387  O OG1 . THR A 1 68  ? 13.615  5.292   -0.506  1.00 20.19  ? 1359 THR A OG1 1 
ATOM   388  C CG2 . THR A 1 68  ? 12.202  3.571   -1.400  1.00 18.53  ? 1359 THR A CG2 1 
ATOM   389  N N   . PRO A 1 69  ? 11.290  5.462   -4.772  1.00 13.91  ? 1360 PRO A N   1 
ATOM   390  C CA  . PRO A 1 69  ? 10.081  5.255   -5.584  1.00 14.32  ? 1360 PRO A CA  1 
ATOM   391  C C   . PRO A 1 69  ? 9.350   4.002   -5.105  1.00 13.19  ? 1360 PRO A C   1 
ATOM   392  O O   . PRO A 1 69  ? 9.934   3.007   -4.673  1.00 13.86  ? 1360 PRO A O   1 
ATOM   393  C CB  . PRO A 1 69  ? 10.600  5.100   -7.001  1.00 15.65  ? 1360 PRO A CB  1 
ATOM   394  C CG  . PRO A 1 69  ? 11.927  5.889   -6.950  1.00 18.25  ? 1360 PRO A CG  1 
ATOM   395  C CD  . PRO A 1 69  ? 12.518  5.453   -5.621  1.00 15.66  ? 1360 PRO A CD  1 
ATOM   396  N N   . MET A 1 70  ? 8.007   4.047   -5.218  1.00 12.84  ? 1361 MET A N   1 
ATOM   397  C CA  . MET A 1 70  ? 7.181   2.843   -4.921  1.00 11.47  ? 1361 MET A CA  1 
ATOM   398  C C   . MET A 1 70  ? 5.900   2.925   -5.766  1.00 11.94  ? 1361 MET A C   1 
ATOM   399  O O   . MET A 1 70  ? 5.429   4.011   -6.019  1.00 11.68  ? 1361 MET A O   1 
ATOM   400  C CB  . MET A 1 70  ? 6.862   2.745   -3.433  1.00 11.76  ? 1361 MET A CB  1 
ATOM   401  C CG  . MET A 1 70  ? 6.235   1.448   -2.980  1.00 11.11  ? 1361 MET A CG  1 
ATOM   402  S SD  . MET A 1 70  ? 7.016   -0.095  -3.472  1.00 12.68  ? 1361 MET A SD  1 
ATOM   403  C CE  . MET A 1 70  ? 8.670   0.061   -2.772  1.00 15.33  ? 1361 MET A CE  1 
ATOM   404  N N   . ASP A 1 71  ? 5.331   1.771   -6.108  1.00 10.79  ? 1362 ASP A N   1 
ATOM   405  C CA  . ASP A 1 71  ? 4.104   1.703   -6.941  1.00 10.71  ? 1362 ASP A CA  1 
ATOM   406  C C   . ASP A 1 71  ? 3.412   0.387   -6.606  1.00 10.54  ? 1362 ASP A C   1 
ATOM   407  O O   . ASP A 1 71  ? 4.006   -0.525  -6.025  1.00 10.38  ? 1362 ASP A O   1 
ATOM   408  C CB  . ASP A 1 71  ? 4.481   1.800   -8.421  1.00 12.49  ? 1362 ASP A CB  1 
ATOM   409  C CG  . ASP A 1 71  ? 5.327   0.626   -8.822  1.00 13.89  ? 1362 ASP A CG  1 
ATOM   410  O OD1 . ASP A 1 71  ? 6.547   0.626   -8.561  1.00 16.22  ? 1362 ASP A OD1 1 
ATOM   411  O OD2 . ASP A 1 71  ? 4.711   -0.348  -9.213  1.00 15.42  ? 1362 ASP A OD2 1 
ATOM   412  N N   . PHE A 1 72  ? 2.167   0.220   -7.039  1.00 11.03  ? 1363 PHE A N   1 
ATOM   413  C CA  . PHE A 1 72  ? 1.366   -0.956  -6.675  1.00 10.34  ? 1363 PHE A CA  1 
ATOM   414  C C   . PHE A 1 72  ? 1.824   -2.220  -7.378  1.00 11.98  ? 1363 PHE A C   1 
ATOM   415  O O   . PHE A 1 72  ? 1.637   -3.295  -6.802  1.00 11.86  ? 1363 PHE A O   1 
ATOM   416  C CB  . PHE A 1 72  ? -0.136  -0.717  -6.876  1.00 10.38  ? 1363 PHE A CB  1 
ATOM   417  C CG  . PHE A 1 72  ? -0.728  0.168   -5.809  1.00 10.49  ? 1363 PHE A CG  1 
ATOM   418  C CD1 . PHE A 1 72  ? -0.961  -0.308  -4.546  1.00 10.61  ? 1363 PHE A CD1 1 
ATOM   419  C CD2 . PHE A 1 72  ? -1.101  1.475   -6.069  1.00 10.97  ? 1363 PHE A CD2 1 
ATOM   420  C CE1 . PHE A 1 72  ? -1.505  0.490   -3.570  1.00 12.01  ? 1363 PHE A CE1 1 
ATOM   421  C CE2 . PHE A 1 72  ? -1.628  2.294   -5.090  1.00 11.17  ? 1363 PHE A CE2 1 
ATOM   422  C CZ  . PHE A 1 72  ? -1.821  1.787   -3.849  1.00 10.74  ? 1363 PHE A CZ  1 
ATOM   423  N N   . ALA A 1 73  ? 2.402   -2.118  -8.583  1.00 11.33  ? 1364 ALA A N   1 
ATOM   424  C CA  . ALA A 1 73  ? 2.955   -3.321  -9.239  1.00 11.83  ? 1364 ALA A CA  1 
ATOM   425  C C   . ALA A 1 73  ? 4.142   -3.882  -8.444  1.00 11.71  ? 1364 ALA A C   1 
ATOM   426  O O   . ALA A 1 73  ? 4.231   -5.100  -8.222  1.00 12.42  ? 1364 ALA A O   1 
ATOM   427  C CB  . ALA A 1 73  ? 3.349   -3.019  -10.679 1.00 12.80  ? 1364 ALA A CB  1 
ATOM   428  N N   . THR A 1 74  ? 4.978   -3.010  -7.952  1.00 11.39  ? 1365 THR A N   1 
ATOM   429  C CA  . THR A 1 74  ? 6.113   -3.441  -7.094  1.00 11.55  ? 1365 THR A CA  1 
ATOM   430  C C   . THR A 1 74  ? 5.591   -4.078  -5.804  1.00 10.17  ? 1365 THR A C   1 
ATOM   431  O O   . THR A 1 74  ? 6.086   -5.150  -5.402  1.00 10.98  ? 1365 THR A O   1 
ATOM   432  C CB  . THR A 1 74  ? 7.030   -2.280  -6.795  1.00 12.52  ? 1365 THR A CB  1 
ATOM   433  O OG1 . THR A 1 74  ? 7.570   -1.791  -8.037  1.00 14.58  ? 1365 THR A OG1 1 
ATOM   434  C CG2 . THR A 1 74  ? 8.171   -2.611  -5.862  1.00 13.53  ? 1365 THR A CG2 1 
ATOM   435  N N   . VAL A 1 75  ? 4.585   -3.494  -5.166  1.00 10.21  ? 1366 VAL A N   1 
ATOM   436  C CA  . VAL A 1 75  ? 3.993   -4.108  -3.945  1.00 10.40  ? 1366 VAL A CA  1 
ATOM   437  C C   . VAL A 1 75  ? 3.453   -5.506  -4.268  1.00 10.38  ? 1366 VAL A C   1 
ATOM   438  O O   . VAL A 1 75  ? 3.724   -6.465  -3.515  1.00 10.12  ? 1366 VAL A O   1 
ATOM   439  C CB  . VAL A 1 75  ? 2.922   -3.181  -3.323  1.00 10.65  ? 1366 VAL A CB  1 
ATOM   440  C CG1 . VAL A 1 75  ? 2.266   -3.876  -2.156  1.00 11.50  ? 1366 VAL A CG1 1 
ATOM   441  C CG2 . VAL A 1 75  ? 3.520   -1.860  -2.873  1.00 11.00  ? 1366 VAL A CG2 1 
ATOM   442  N N   . ARG A 1 76  ? 2.677   -5.653  -5.336  1.00 9.97   ? 1367 ARG A N   1 
ATOM   443  C CA  . ARG A 1 76  ? 2.098   -6.959  -5.718  1.00 11.71  ? 1367 ARG A CA  1 
ATOM   444  C C   . ARG A 1 76  ? 3.224   -7.967  -6.018  1.00 11.69  ? 1367 ARG A C   1 
ATOM   445  O O   . ARG A 1 76  ? 3.101   -9.135  -5.575  1.00 11.54  ? 1367 ARG A O   1 
ATOM   446  C CB  . ARG A 1 76  ? 1.198   -6.784  -6.942  1.00 13.48  ? 1367 ARG A CB  1 
ATOM   447  C CG  . ARG A 1 76  ? 0.585   -8.071  -7.455  1.00 18.82  ? 1367 ARG A CG  1 
ATOM   448  C CD  . ARG A 1 76  ? -0.250  -7.658  -8.665  1.00 23.12  ? 1367 ARG A CD  1 
ATOM   449  N NE  . ARG A 1 76  ? -1.623  -7.413  -8.322  1.00 25.55  ? 1367 ARG A NE  1 
ATOM   450  C CZ  . ARG A 1 76  ? -2.556  -6.944  -9.158  1.00 26.77  ? 1367 ARG A CZ  1 
ATOM   451  N NH1 . ARG A 1 76  ? -2.215  -6.438  -10.329 1.00 23.27  ? 1367 ARG A NH1 1 
ATOM   452  N NH2 . ARG A 1 76  ? -3.811  -6.908  -8.768  1.00 29.01  ? 1367 ARG A NH2 1 
ATOM   453  N N   . GLU A 1 77  ? 4.236   -7.575  -6.758  1.00 11.21  ? 1368 GLU A N   1 
ATOM   454  C CA  . GLU A 1 77  ? 5.337   -8.527  -7.050  1.00 11.89  ? 1368 GLU A CA  1 
ATOM   455  C C   . GLU A 1 77  ? 6.066   -8.908  -5.755  1.00 11.58  ? 1368 GLU A C   1 
ATOM   456  O O   . GLU A 1 77  ? 6.515   -10.057 -5.622  1.00 11.99  ? 1368 GLU A O   1 
ATOM   457  C CB  . GLU A 1 77  ? 6.281   -7.812  -8.004  1.00 14.79  ? 1368 GLU A CB  1 
ATOM   458  C CG  . GLU A 1 77  ? 5.741   -7.648  -9.430  1.00 17.99  ? 1368 GLU A CG  1 
ATOM   459  C CD  . GLU A 1 77  ? 6.390   -6.594  -10.331 1.00 27.65  ? 1368 GLU A CD  1 
ATOM   460  O OE1 . GLU A 1 77  ? 7.414   -5.986  -9.926  1.00 32.25  ? 1368 GLU A OE1 1 
ATOM   461  O OE2 . GLU A 1 77  ? 5.843   -6.398  -11.480 1.00 33.37  ? 1368 GLU A OE2 1 
ATOM   462  N N   . THR A 1 78  ? 6.309   -7.980  -4.849  1.00 11.18  ? 1369 THR A N   1 
ATOM   463  C CA  . THR A 1 78  ? 7.021   -8.281  -3.569  1.00 11.26  ? 1369 THR A CA  1 
ATOM   464  C C   . THR A 1 78  ? 6.187   -9.267  -2.765  1.00 11.35  ? 1369 THR A C   1 
ATOM   465  O O   . THR A 1 78  ? 6.745   -10.307 -2.225  1.00 11.65  ? 1369 THR A O   1 
ATOM   466  C CB  . THR A 1 78  ? 7.253   -6.992  -2.778  1.00 11.37  ? 1369 THR A CB  1 
ATOM   467  O OG1 . THR A 1 78  ? 8.047   -6.080  -3.552  1.00 12.15  ? 1369 THR A OG1 1 
ATOM   468  C CG2 . THR A 1 78  ? 7.982   -7.238  -1.484  1.00 12.12  ? 1369 THR A CG2 1 
ATOM   469  N N   . LEU A 1 79  ? 4.873   -9.087  -2.716  1.00 10.29  ? 1370 LEU A N   1 
ATOM   470  C CA  . LEU A 1 79  ? 3.982   -10.041 -2.014  1.00 10.68  ? 1370 LEU A CA  1 
ATOM   471  C C   . LEU A 1 79  ? 4.061   -11.422 -2.662  1.00 10.84  ? 1370 LEU A C   1 
ATOM   472  O O   . LEU A 1 79  ? 4.210   -12.481 -1.948  1.00 11.84  ? 1370 LEU A O   1 
ATOM   473  C CB  . LEU A 1 79  ? 2.554   -9.453  -2.033  1.00 11.06  ? 1370 LEU A CB  1 
ATOM   474  C CG  . LEU A 1 79  ? 1.494   -10.233 -1.241  1.00 11.24  ? 1370 LEU A CG  1 
ATOM   475  C CD1 . LEU A 1 79  ? 1.810   -10.221 0.244   1.00 11.25  ? 1370 LEU A CD1 1 
ATOM   476  C CD2 . LEU A 1 79  ? 0.108   -9.638  -1.491  1.00 12.32  ? 1370 LEU A CD2 1 
ATOM   477  N N   . GLU A 1 80  ? 3.894   -11.477 -3.989  1.00 12.32  ? 1371 GLU A N   1 
ATOM   478  C CA  . GLU A 1 80  ? 3.887   -12.767 -4.740  1.00 13.70  ? 1371 GLU A CA  1 
ATOM   479  C C   . GLU A 1 80  ? 5.243   -13.478 -4.633  1.00 13.00  ? 1371 GLU A C   1 
ATOM   480  O O   . GLU A 1 80  ? 5.258   -14.712 -4.601  1.00 14.20  ? 1371 GLU A O   1 
ATOM   481  C CB  . GLU A 1 80  ? 3.535   -12.580 -6.216  1.00 15.00  ? 1371 GLU A CB  1 
ATOM   482  C CG  . GLU A 1 80  ? 2.981   -13.851 -6.834  1.00 18.66  ? 1371 GLU A CG  1 
ATOM   483  C CD  . GLU A 1 80  ? 1.635   -14.228 -6.223  1.00 20.50  ? 1371 GLU A CD  1 
ATOM   484  O OE1 . GLU A 1 80  ? 1.629   -14.892 -5.171  1.00 21.76  ? 1371 GLU A OE1 1 
ATOM   485  O OE2 . GLU A 1 80  ? 0.587   -13.817 -6.787  1.00 26.00  ? 1371 GLU A OE2 1 
ATOM   486  N N   . ALA A 1 81  ? 6.340   -12.749 -4.550  1.00 13.03  ? 1372 ALA A N   1 
ATOM   487  C CA  . ALA A 1 81  ? 7.690   -13.351 -4.396  1.00 13.20  ? 1372 ALA A CA  1 
ATOM   488  C C   . ALA A 1 81  ? 7.856   -13.979 -3.027  1.00 13.08  ? 1372 ALA A C   1 
ATOM   489  O O   . ALA A 1 81  ? 8.856   -14.686 -2.778  1.00 14.07  ? 1372 ALA A O   1 
ATOM   490  C CB  . ALA A 1 81  ? 8.741   -12.323 -4.664  1.00 14.26  ? 1372 ALA A CB  1 
ATOM   491  N N   . GLY A 1 82  ? 6.960   -13.708 -2.076  1.00 12.60  ? 1373 GLY A N   1 
ATOM   492  C CA  . GLY A 1 82  ? 7.179   -14.147 -0.689  1.00 11.62  ? 1373 GLY A CA  1 
ATOM   493  C C   . GLY A 1 82  ? 8.214   -13.325 -0.012  1.00 10.63  ? 1373 GLY A C   1 
ATOM   494  O O   . GLY A 1 82  ? 8.972   -13.811 0.827   1.00 12.51  ? 1373 GLY A O   1 
ATOM   495  N N   . ASN A 1 83  ? 8.257   -12.009 -0.275  1.00 11.31  ? 1374 ASN A N   1 
ATOM   496  C CA  . ASN A 1 83  ? 9.264   -11.099 0.307   1.00 11.59  ? 1374 ASN A CA  1 
ATOM   497  C C   . ASN A 1 83  ? 8.656   -10.035 1.258   1.00 11.75  ? 1374 ASN A C   1 
ATOM   498  O O   . ASN A 1 83  ? 9.368   -9.144  1.712   1.00 12.78  ? 1374 ASN A O   1 
ATOM   499  C CB  . ASN A 1 83  ? 10.074  -10.424 -0.803  1.00 13.08  ? 1374 ASN A CB  1 
ATOM   500  C CG  . ASN A 1 83  ? 11.035  -11.334 -1.549  1.00 14.72  ? 1374 ASN A CG  1 
ATOM   501  O OD1 . ASN A 1 83  ? 11.630  -10.884 -2.537  1.00 17.30  ? 1374 ASN A OD1 1 
ATOM   502  N ND2 . ASN A 1 83  ? 11.226  -12.587 -1.193  1.00 14.72  ? 1374 ASN A ND2 1 
ATOM   503  N N   . TYR A 1 84  ? 7.389   -10.267 1.658   1.00 11.73  ? 1375 TYR A N   1 
ATOM   504  C CA  . TYR A 1 84  ? 6.844   -9.605  2.870   1.00 11.55  ? 1375 TYR A CA  1 
ATOM   505  C C   . TYR A 1 84  ? 6.697   -10.668 3.968   1.00 11.40  ? 1375 TYR A C   1 
ATOM   506  O O   . TYR A 1 84  ? 6.147   -11.736 3.701   1.00 13.47  ? 1375 TYR A O   1 
ATOM   507  C CB  . TYR A 1 84  ? 5.501   -8.913  2.600   1.00 10.92  ? 1375 TYR A CB  1 
ATOM   508  C CG  . TYR A 1 84  ? 5.542   -7.696  1.729   1.00 10.04  ? 1375 TYR A CG  1 
ATOM   509  C CD1 . TYR A 1 84  ? 6.381   -6.645  2.032   1.00 11.25  ? 1375 TYR A CD1 1 
ATOM   510  C CD2 . TYR A 1 84  ? 4.752   -7.568  0.602   1.00 10.61  ? 1375 TYR A CD2 1 
ATOM   511  C CE1 . TYR A 1 84  ? 6.412   -5.480  1.271   1.00 10.37  ? 1375 TYR A CE1 1 
ATOM   512  C CE2 . TYR A 1 84  ? 4.762   -6.414  -0.156  1.00 10.67  ? 1375 TYR A CE2 1 
ATOM   513  C CZ  . TYR A 1 84  ? 5.590   -5.369  0.161   1.00 10.56  ? 1375 TYR A CZ  1 
ATOM   514  O OH  . TYR A 1 84  ? 5.580   -4.269  -0.650  1.00 11.74  ? 1375 TYR A OH  1 
ATOM   515  N N   . GLU A 1 85  ? 7.168   -10.350 5.179   1.00 12.74  ? 1376 GLU A N   1 
ATOM   516  C CA  . GLU A 1 85  ? 6.922   -11.257 6.338   1.00 14.27  ? 1376 GLU A CA  1 
ATOM   517  C C   . GLU A 1 85  ? 5.597   -10.933 7.057   1.00 13.59  ? 1376 GLU A C   1 
ATOM   518  O O   . GLU A 1 85  ? 5.049   -11.827 7.735   1.00 17.92  ? 1376 GLU A O   1 
ATOM   519  C CB  . GLU A 1 85  ? 8.086   -11.160 7.312   1.00 16.61  ? 1376 GLU A CB  1 
ATOM   520  C CG  . GLU A 1 85  ? 7.959   -12.217 8.412   1.00 22.37  ? 1376 GLU A CG  1 
ATOM   521  C CD  . GLU A 1 85  ? 9.112   -12.195 9.395   1.00 27.02  ? 1376 GLU A CD  1 
ATOM   522  O OE1 . GLU A 1 85  ? 9.925   -11.232 9.359   1.00 32.44  ? 1376 GLU A OE1 1 
ATOM   523  O OE2 . GLU A 1 85  ? 9.243   -13.206 10.156  1.00 31.61  ? 1376 GLU A OE2 1 
ATOM   524  N N   . SER A 1 86  ? 5.063   -9.724  6.919   1.00 12.43  ? 1377 SER A N   1 
ATOM   525  C CA  . SER A 1 86  ? 3.853   -9.311  7.656   1.00 13.17  ? 1377 SER A CA  1 
ATOM   526  C C   . SER A 1 86  ? 3.082   -8.312  6.851   1.00 11.88  ? 1377 SER A C   1 
ATOM   527  O O   . SER A 1 86  ? 3.637   -7.624  5.980   1.00 11.68  ? 1377 SER A O   1 
ATOM   528  C CB  . SER A 1 86  ? 4.235   -8.700  8.977   1.00 13.09  ? 1377 SER A CB  1 
ATOM   529  O OG  . SER A 1 86  ? 4.859   -7.438  8.775   1.00 13.90  ? 1377 SER A OG  1 
ATOM   530  N N   . PRO A 1 87  ? 1.803   -8.120  7.203   1.00 11.17  ? 1378 PRO A N   1 
ATOM   531  C CA  . PRO A 1 87  ? 1.050   -7.075  6.504   1.00 11.21  ? 1378 PRO A CA  1 
ATOM   532  C C   . PRO A 1 87  ? 1.499   -5.660  6.903   1.00 11.64  ? 1378 PRO A C   1 
ATOM   533  O O   . PRO A 1 87  ? 1.283   -4.714  6.116   1.00 11.41  ? 1378 PRO A O   1 
ATOM   534  C CB  . PRO A 1 87  ? -0.402  -7.286  6.959   1.00 11.22  ? 1378 PRO A CB  1 
ATOM   535  C CG  . PRO A 1 87  ? -0.298  -8.037  8.294   1.00 11.75  ? 1378 PRO A CG  1 
ATOM   536  C CD  . PRO A 1 87  ? 0.917   -8.946  8.072   1.00 12.12  ? 1378 PRO A CD  1 
ATOM   537  N N   . MET A 1 88  ? 2.179   -5.492  8.036   1.00 10.35  ? 1379 MET A N   1 
ATOM   538  C CA  . MET A 1 88  ? 2.759   -4.193  8.414   1.00 11.26  ? 1379 MET A CA  1 
ATOM   539  C C   . MET A 1 88  ? 3.795   -3.763  7.370   1.00 10.98  ? 1379 MET A C   1 
ATOM   540  O O   . MET A 1 88  ? 3.878   -2.576  7.060   1.00 10.62  ? 1379 MET A O   1 
ATOM   541  C CB  . MET A 1 88  ? 3.367   -4.168  9.821   1.00 11.52  ? 1379 MET A CB  1 
ATOM   542  C CG  . MET A 1 88  ? 2.333   -4.473  10.924  1.00 12.50  ? 1379 MET A CG  1 
ATOM   543  S SD  . MET A 1 88  ? 1.935   -6.220  11.242  1.00 14.33  ? 1379 MET A SD  1 
ATOM   544  C CE  . MET A 1 88  ? 3.393   -6.649  12.197  1.00 15.85  ? 1379 MET A CE  1 
ATOM   545  N N   . GLU A 1 89  ? 4.616   -4.701  6.877   1.00 10.47  ? 1380 GLU A N   1 
ATOM   546  C CA  . GLU A 1 89  ? 5.636   -4.317  5.886   1.00 11.01  ? 1380 GLU A CA  1 
ATOM   547  C C   . GLU A 1 89  ? 4.949   -3.881  4.585   1.00 10.10  ? 1380 GLU A C   1 
ATOM   548  O O   . GLU A 1 89  ? 5.396   -2.922  3.938   1.00 10.79  ? 1380 GLU A O   1 
ATOM   549  C CB  . GLU A 1 89  ? 6.548   -5.497  5.595   1.00 12.02  ? 1380 GLU A CB  1 
ATOM   550  C CG  . GLU A 1 89  ? 7.456   -5.889  6.747   1.00 13.41  ? 1380 GLU A CG  1 
ATOM   551  C CD  . GLU A 1 89  ? 8.318   -7.098  6.422   1.00 13.74  ? 1380 GLU A CD  1 
ATOM   552  O OE1 . GLU A 1 89  ? 8.079   -7.758  5.440   1.00 14.80  ? 1380 GLU A OE1 1 
ATOM   553  O OE2 . GLU A 1 89  ? 9.243   -7.369  7.281   1.00 19.25  ? 1380 GLU A OE2 1 
ATOM   554  N N   . LEU A 1 90  ? 3.914   -4.603  4.143   1.00 10.09  ? 1381 LEU A N   1 
ATOM   555  C CA  . LEU A 1 90  ? 3.158   -4.219  2.933   1.00 10.42  ? 1381 LEU A CA  1 
ATOM   556  C C   . LEU A 1 90  ? 2.575   -2.820  3.133   1.00 10.40  ? 1381 LEU A C   1 
ATOM   557  O O   . LEU A 1 90  ? 2.621   -1.974  2.229   1.00 10.34  ? 1381 LEU A O   1 
ATOM   558  C CB  . LEU A 1 90  ? 2.091   -5.278  2.636   1.00 10.73  ? 1381 LEU A CB  1 
ATOM   559  C CG  . LEU A 1 90  ? 1.195   -4.984  1.415   1.00 11.27  ? 1381 LEU A CG  1 
ATOM   560  C CD1 . LEU A 1 90  ? 0.860   -6.248  0.644   1.00 11.68  ? 1381 LEU A CD1 1 
ATOM   561  C CD2 . LEU A 1 90  ? -0.075  -4.228  1.778   1.00 11.31  ? 1381 LEU A CD2 1 
ATOM   562  N N   A CYS A 1 91  ? 1.981   -2.586  4.302   0.35 10.75  ? 1382 CYS A N   1 
ATOM   563  N N   B CYS A 1 91  ? 1.982   -2.550  4.293   0.15 10.65  ? 1382 CYS A N   1 
ATOM   564  C CA  A CYS A 1 91  ? 1.317   -1.304  4.622   0.35 11.18  ? 1382 CYS A CA  1 
ATOM   565  C CA  B CYS A 1 91  ? 1.391   -1.216  4.578   0.15 10.75  ? 1382 CYS A CA  1 
ATOM   566  C C   A CYS A 1 91  ? 2.358   -0.170  4.541   0.35 10.85  ? 1382 CYS A C   1 
ATOM   567  C C   B CYS A 1 91  ? 2.431   -0.126  4.444   0.15 10.91  ? 1382 CYS A C   1 
ATOM   568  O O   A CYS A 1 91  ? 2.005   0.925   4.050   0.35 12.78  ? 1382 CYS A O   1 
ATOM   569  O O   B CYS A 1 91  ? 2.127   0.969   3.911   0.15 11.87  ? 1382 CYS A O   1 
ATOM   570  C CB  A CYS A 1 91  ? 0.618   -1.429  5.980   0.35 12.01  ? 1382 CYS A CB  1 
ATOM   571  C CB  B CYS A 1 91  ? 0.900   -1.108  6.005   0.15 10.81  ? 1382 CYS A CB  1 
ATOM   572  S SG  A CYS A 1 91  ? -0.438  -0.019  6.418   0.35 13.22  ? 1382 CYS A SG  1 
ATOM   573  S SG  B CYS A 1 91  ? -0.687  -1.940  6.130   0.15 11.20  ? 1382 CYS A SG  1 
ATOM   574  N N   . LYS A 1 92  ? 3.595   -0.379  5.014   1.00 11.56  ? 1383 LYS A N   1 
ATOM   575  C CA  . LYS A 1 92  ? 4.626   0.661   4.996   1.00 11.57  ? 1383 LYS A CA  1 
ATOM   576  C C   . LYS A 1 92  ? 4.906   1.032   3.532   1.00 11.41  ? 1383 LYS A C   1 
ATOM   577  O O   . LYS A 1 92  ? 5.045   2.213   3.186   1.00 11.82  ? 1383 LYS A O   1 
ATOM   578  C CB  . LYS A 1 92  ? 5.863   0.154   5.742   1.00 14.08  ? 1383 LYS A CB  1 
ATOM   579  C CG  . LYS A 1 92  ? 7.005   1.138   5.749   1.00 16.61  ? 1383 LYS A CG  1 
ATOM   580  C CD  . LYS A 1 92  ? 8.179   0.647   6.589   1.00 20.80  ? 1383 LYS A CD  1 
ATOM   581  C CE  . LYS A 1 92  ? 9.364   1.581   6.530   1.00 25.16  ? 1383 LYS A CE  1 
ATOM   582  N NZ  . LYS A 1 92  ? 10.599  0.986   7.128   1.00 30.97  ? 1383 LYS A NZ  1 
ATOM   583  N N   . ASP A 1 93  ? 5.018   0.051   2.630   1.00 10.61  ? 1384 ASP A N   1 
ATOM   584  C CA  . ASP A 1 93  ? 5.271   0.339   1.203   1.00 10.95  ? 1384 ASP A CA  1 
ATOM   585  C C   . ASP A 1 93  ? 4.085   1.073   0.539   1.00 9.73   ? 1384 ASP A C   1 
ATOM   586  O O   . ASP A 1 93  ? 4.283   1.988   -0.245  1.00 9.95   ? 1384 ASP A O   1 
ATOM   587  C CB  . ASP A 1 93  ? 5.669   -0.900  0.420   1.00 11.51  ? 1384 ASP A CB  1 
ATOM   588  C CG  . ASP A 1 93  ? 7.092   -1.380  0.589   1.00 15.27  ? 1384 ASP A CG  1 
ATOM   589  O OD1 . ASP A 1 93  ? 7.880   -0.636  1.263   1.00 19.53  ? 1384 ASP A OD1 1 
ATOM   590  O OD2 . ASP A 1 93  ? 7.389   -2.514  0.123   1.00 13.67  ? 1384 ASP A OD2 1 
ATOM   591  N N   . VAL A 1 94  ? 2.847   0.668   0.838   1.00 9.51   ? 1385 VAL A N   1 
ATOM   592  C CA  . VAL A 1 94  ? 1.674   1.343   0.230   1.00 9.84   ? 1385 VAL A CA  1 
ATOM   593  C C   . VAL A 1 94  ? 1.649   2.771   0.765   1.00 9.76   ? 1385 VAL A C   1 
ATOM   594  O O   . VAL A 1 94  ? 1.429   3.710   0.004   1.00 9.73   ? 1385 VAL A O   1 
ATOM   595  C CB  . VAL A 1 94  ? 0.364   0.610   0.554   1.00 9.61   ? 1385 VAL A CB  1 
ATOM   596  C CG1 . VAL A 1 94  ? -0.821  1.448   0.172   1.00 10.17  ? 1385 VAL A CG1 1 
ATOM   597  C CG2 . VAL A 1 94  ? 0.329   -0.744  -0.145  1.00 10.09  ? 1385 VAL A CG2 1 
ATOM   598  N N   . ARG A 1 95  ? 1.929   2.998   2.055   1.00 9.98   ? 1386 ARG A N   1 
ATOM   599  C CA  . ARG A 1 95  ? 1.924   4.350   2.607   1.00 9.76   ? 1386 ARG A CA  1 
ATOM   600  C C   . ARG A 1 95  ? 3.032   5.181   1.968   1.00 9.88   ? 1386 ARG A C   1 
ATOM   601  O O   . ARG A 1 95  ? 2.834   6.415   1.794   1.00 10.72  ? 1386 ARG A O   1 
ATOM   602  C CB  . ARG A 1 95  ? 2.007   4.321   4.128   1.00 10.37  ? 1386 ARG A CB  1 
ATOM   603  C CG  . ARG A 1 95  ? 0.691   3.861   4.725   1.00 11.73  ? 1386 ARG A CG  1 
ATOM   604  C CD  . ARG A 1 95  ? 0.851   3.565   6.202   1.00 13.76  ? 1386 ARG A CD  1 
ATOM   605  N NE  . ARG A 1 95  ? -0.416  3.183   6.814   1.00 15.47  ? 1386 ARG A NE  1 
ATOM   606  C CZ  . ARG A 1 95  ? -0.574  2.809   8.084   1.00 18.86  ? 1386 ARG A CZ  1 
ATOM   607  N NH1 . ARG A 1 95  ? 0.472   2.619   8.892   1.00 20.19  ? 1386 ARG A NH1 1 
ATOM   608  N NH2 . ARG A 1 95  ? -1.806  2.565   8.519   1.00 21.12  ? 1386 ARG A NH2 1 
ATOM   609  N N   . LEU A 1 96  ? 4.122   4.583   1.528   1.00 9.81   ? 1387 LEU A N   1 
ATOM   610  C CA  . LEU A 1 96  ? 5.207   5.282   0.797   1.00 10.29  ? 1387 LEU A CA  1 
ATOM   611  C C   . LEU A 1 96  ? 4.719   5.771   -0.573  1.00 10.15  ? 1387 LEU A C   1 
ATOM   612  O O   . LEU A 1 96  ? 5.108   6.867   -1.024  1.00 10.51  ? 1387 LEU A O   1 
ATOM   613  C CB  . LEU A 1 96  ? 6.406   4.351   0.653   1.00 12.22  ? 1387 LEU A CB  1 
ATOM   614  C CG  . LEU A 1 96  ? 7.645   4.856   -0.058  1.00 12.73  ? 1387 LEU A CG  1 
ATOM   615  C CD1 . LEU A 1 96  ? 8.201   6.075   0.609   1.00 13.62  ? 1387 LEU A CD1 1 
ATOM   616  C CD2 . LEU A 1 96  ? 8.698   3.755   -0.078  1.00 12.91  ? 1387 LEU A CD2 1 
ATOM   617  N N   . ILE A 1 97  ? 3.877   5.005   -1.259  1.00 10.64  ? 1388 ILE A N   1 
ATOM   618  C CA  . ILE A 1 97  ? 3.282   5.467   -2.542  1.00 10.17  ? 1388 ILE A CA  1 
ATOM   619  C C   . ILE A 1 97  ? 2.620   6.832   -2.266  1.00 10.27  ? 1388 ILE A C   1 
ATOM   620  O O   . ILE A 1 97  ? 2.782   7.794   -3.034  1.00 10.22  ? 1388 ILE A O   1 
ATOM   621  C CB  . ILE A 1 97  ? 2.287   4.442   -3.103  1.00 10.54  ? 1388 ILE A CB  1 
ATOM   622  C CG1 . ILE A 1 97  ? 2.989   3.115   -3.416  1.00 10.50  ? 1388 ILE A CG1 1 
ATOM   623  C CG2 . ILE A 1 97  ? 1.546   4.992   -4.317  1.00 10.75  ? 1388 ILE A CG2 1 
ATOM   624  C CD1 . ILE A 1 97  ? 2.041   1.969   -3.761  1.00 10.40  ? 1388 ILE A CD1 1 
ATOM   625  N N   . PHE A 1 98  ? 1.842   6.909   -1.204  1.00 9.57   ? 1389 PHE A N   1 
ATOM   626  C CA  . PHE A 1 98  ? 1.022   8.099   -0.939  1.00 10.18  ? 1389 PHE A CA  1 
ATOM   627  C C   . PHE A 1 98  ? 1.919   9.245   -0.453  1.00 10.17  ? 1389 PHE A C   1 
ATOM   628  O O   . PHE A 1 98  ? 1.711   10.403  -0.849  1.00 10.67  ? 1389 PHE A O   1 
ATOM   629  C CB  . PHE A 1 98  ? -0.126  7.809   0.025   1.00 10.81  ? 1389 PHE A CB  1 
ATOM   630  C CG  . PHE A 1 98  ? -1.055  6.727   -0.485  1.00 10.71  ? 1389 PHE A CG  1 
ATOM   631  C CD1 . PHE A 1 98  ? -1.538  6.729   -1.783  1.00 12.68  ? 1389 PHE A CD1 1 
ATOM   632  C CD2 . PHE A 1 98  ? -1.451  5.684   0.323   1.00 11.69  ? 1389 PHE A CD2 1 
ATOM   633  C CE1 . PHE A 1 98  ? -2.440  5.744   -2.242  1.00 14.43  ? 1389 PHE A CE1 1 
ATOM   634  C CE2 . PHE A 1 98  ? -2.319  4.696   -0.177  1.00 12.34  ? 1389 PHE A CE2 1 
ATOM   635  C CZ  . PHE A 1 98  ? -2.790  4.755   -1.414  1.00 13.70  ? 1389 PHE A CZ  1 
ATOM   636  N N   . SER A 1 99  ? 2.906   8.976   0.422   1.00 10.57  ? 1390 SER A N   1 
ATOM   637  C CA  . SER A 1 99  ? 3.808   10.065  0.885   1.00 10.43  ? 1390 SER A CA  1 
ATOM   638  C C   . SER A 1 99  ? 4.619   10.568  -0.294  1.00 10.64  ? 1390 SER A C   1 
ATOM   639  O O   . SER A 1 99  ? 4.911   11.793  -0.346  1.00 11.30  ? 1390 SER A O   1 
ATOM   640  C CB  . SER A 1 99  ? 4.631   9.637   2.087   1.00 12.15  ? 1390 SER A CB  1 
ATOM   641  O OG  . SER A 1 99  ? 5.464   8.574   1.789   1.00 13.60  ? 1390 SER A OG  1 
ATOM   642  N N   . ASN A 1 100 ? 5.076   9.720   -1.192  1.00 10.50  ? 1391 ASN A N   1 
ATOM   643  C CA  . ASN A 1 100 ? 5.805   10.207  -2.383  1.00 10.84  ? 1391 ASN A CA  1 
ATOM   644  C C   . ASN A 1 100 ? 4.908   11.158  -3.163  1.00 11.27  ? 1391 ASN A C   1 
ATOM   645  O O   . ASN A 1 100 ? 5.393   12.236  -3.665  1.00 12.16  ? 1391 ASN A O   1 
ATOM   646  C CB  . ASN A 1 100 ? 6.270   9.061   -3.257  1.00 11.26  ? 1391 ASN A CB  1 
ATOM   647  C CG  . ASN A 1 100 ? 7.437   8.285   -2.670  1.00 11.02  ? 1391 ASN A CG  1 
ATOM   648  O OD1 . ASN A 1 100 ? 8.110   8.717   -1.722  1.00 11.86  ? 1391 ASN A OD1 1 
ATOM   649  N ND2 . ASN A 1 100 ? 7.741   7.175   -3.284  1.00 11.86  ? 1391 ASN A ND2 1 
ATOM   650  N N   . SER A 1 101 ? 3.629   10.803  -3.395  1.00 10.65  ? 1392 SER A N   1 
ATOM   651  C CA  . SER A 1 101 ? 2.727   11.699  -4.174  1.00 10.71  ? 1392 SER A CA  1 
ATOM   652  C C   . SER A 1 101 ? 2.622   13.058  -3.468  1.00 11.26  ? 1392 SER A C   1 
ATOM   653  O O   . SER A 1 101 ? 2.631   14.111  -4.138  1.00 11.92  ? 1392 SER A O   1 
ATOM   654  C CB  . SER A 1 101 ? 1.403   11.005  -4.388  1.00 10.52  ? 1392 SER A CB  1 
ATOM   655  O OG  . SER A 1 101 ? 0.492   11.866  -5.120  1.00 12.29  ? 1392 SER A OG  1 
ATOM   656  N N   . LYS A 1 102 ? 2.481   13.076  -2.160  1.00 11.35  ? 1393 LYS A N   1 
ATOM   657  C CA  . LYS A 1 102 ? 2.349   14.330  -1.400  1.00 11.74  ? 1393 LYS A CA  1 
ATOM   658  C C   . LYS A 1 102 ? 3.641   15.127  -1.488  1.00 12.23  ? 1393 LYS A C   1 
ATOM   659  O O   . LYS A 1 102 ? 3.580   16.391  -1.594  1.00 13.07  ? 1393 LYS A O   1 
ATOM   660  C CB  . LYS A 1 102 ? 2.019   13.992  0.053   1.00 12.28  ? 1393 LYS A CB  1 
ATOM   661  C CG  . LYS A 1 102 ? 1.703   15.206  0.941   1.00 13.89  ? 1393 LYS A CG  1 
ATOM   662  C CD  . LYS A 1 102 ? 1.195   14.837  2.261   1.00 14.55  ? 1393 LYS A CD  1 
ATOM   663  C CE  . LYS A 1 102 ? 0.705   16.043  3.057   1.00 16.55  ? 1393 LYS A CE  1 
ATOM   664  N NZ  . LYS A 1 102 ? 0.106   15.637  4.352   1.00 20.36  ? 1393 LYS A NZ  1 
ATOM   665  N N   . ALA A 1 103 ? 4.778   14.490  -1.463  1.00 12.65  ? 1394 ALA A N   1 
ATOM   666  C CA  . ALA A 1 103 ? 6.065   15.210  -1.516  1.00 12.98  ? 1394 ALA A CA  1 
ATOM   667  C C   . ALA A 1 103 ? 6.330   15.771  -2.903  1.00 13.26  ? 1394 ALA A C   1 
ATOM   668  O O   . ALA A 1 103 ? 6.938   16.855  -3.017  1.00 14.57  ? 1394 ALA A O   1 
ATOM   669  C CB  . ALA A 1 103 ? 7.153   14.249  -1.076  1.00 13.24  ? 1394 ALA A CB  1 
ATOM   670  N N   . TYR A 1 104 ? 5.907   15.082  -3.956  1.00 12.14  ? 1395 TYR A N   1 
ATOM   671  C CA  . TYR A 1 104 ? 6.177   15.515  -5.354  1.00 12.57  ? 1395 TYR A CA  1 
ATOM   672  C C   . TYR A 1 104 ? 5.165   16.555  -5.841  1.00 12.53  ? 1395 TYR A C   1 
ATOM   673  O O   . TYR A 1 104 ? 5.486   17.329  -6.753  1.00 12.01  ? 1395 TYR A O   1 
ATOM   674  C CB  . TYR A 1 104 ? 6.220   14.345  -6.333  1.00 13.40  ? 1395 TYR A CB  1 
ATOM   675  C CG  . TYR A 1 104 ? 6.758   14.772  -7.672  1.00 13.68  ? 1395 TYR A CG  1 
ATOM   676  C CD1 . TYR A 1 104 ? 8.064   15.214  -7.845  1.00 14.01  ? 1395 TYR A CD1 1 
ATOM   677  C CD2 . TYR A 1 104 ? 5.917   14.793  -8.768  1.00 15.76  ? 1395 TYR A CD2 1 
ATOM   678  C CE1 . TYR A 1 104 ? 8.510   15.670  -9.082  1.00 13.58  ? 1395 TYR A CE1 1 
ATOM   679  C CE2 . TYR A 1 104 ? 6.343   15.218  -10.011 1.00 15.21  ? 1395 TYR A CE2 1 
ATOM   680  C CZ  . TYR A 1 104 ? 7.646   15.660  -10.162 1.00 14.33  ? 1395 TYR A CZ  1 
ATOM   681  O OH  . TYR A 1 104 ? 8.058   16.104  -11.384 1.00 15.32  ? 1395 TYR A OH  1 
ATOM   682  N N   . THR A 1 105 ? 3.968   16.613  -5.274  1.00 13.08  ? 1396 THR A N   1 
ATOM   683  C CA  . THR A 1 105 ? 2.923   17.470  -5.839  1.00 11.77  ? 1396 THR A CA  1 
ATOM   684  C C   . THR A 1 105 ? 3.334   18.944  -5.747  1.00 14.25  ? 1396 THR A C   1 
ATOM   685  O O   . THR A 1 105 ? 3.821   19.378  -4.691  1.00 14.74  ? 1396 THR A O   1 
ATOM   686  C CB  . THR A 1 105 ? 1.555   17.215  -5.217  1.00 11.79  ? 1396 THR A CB  1 
ATOM   687  O OG1 . THR A 1 105 ? 0.593   17.831  -6.077  1.00 13.72  ? 1396 THR A OG1 1 
ATOM   688  C CG2 . THR A 1 105 ? 1.404   17.711  -3.807  1.00 12.95  ? 1396 THR A CG2 1 
ATOM   689  N N   . PRO A 1 106 ? 3.098   19.777  -6.797  1.00 14.47  ? 1397 PRO A N   1 
ATOM   690  C CA  . PRO A 1 106 ? 3.363   21.215  -6.666  1.00 14.57  ? 1397 PRO A CA  1 
ATOM   691  C C   . PRO A 1 106 ? 2.262   21.953  -5.915  1.00 15.54  ? 1397 PRO A C   1 
ATOM   692  O O   . PRO A 1 106 ? 2.426   23.121  -5.527  1.00 16.15  ? 1397 PRO A O   1 
ATOM   693  C CB  . PRO A 1 106 ? 3.414   21.675  -8.136  1.00 17.13  ? 1397 PRO A CB  1 
ATOM   694  C CG  . PRO A 1 106 ? 2.609   20.656  -8.941  1.00 18.22  ? 1397 PRO A CG  1 
ATOM   695  C CD  . PRO A 1 106 ? 2.679   19.374  -8.148  1.00 15.55  ? 1397 PRO A CD  1 
ATOM   696  N N   . SER A 1 107 ? 1.102   21.321  -5.720  1.00 14.81  ? 1398 SER A N   1 
ATOM   697  C CA  . SER A 1 107 ? -0.046  21.919  -4.996  1.00 15.28  ? 1398 SER A CA  1 
ATOM   698  C C   . SER A 1 107 ? -0.989  20.836  -4.444  1.00 15.29  ? 1398 SER A C   1 
ATOM   699  O O   . SER A 1 107 ? -1.057  19.690  -4.970  1.00 15.00  ? 1398 SER A O   1 
ATOM   700  C CB  . SER A 1 107 ? -0.762  22.895  -5.892  1.00 17.16  ? 1398 SER A CB  1 
ATOM   701  O OG  . SER A 1 107 ? -2.108  23.055  -5.506  1.00 19.73  ? 1398 SER A OG  1 
ATOM   702  N N   . LYS A 1 108 ? -1.802  21.211  -3.457  1.00 17.11  ? 1399 LYS A N   1 
ATOM   703  C CA  . LYS A 1 108 ? -2.751  20.297  -2.793  1.00 19.66  ? 1399 LYS A CA  1 
ATOM   704  C C   . LYS A 1 108 ? -3.953  20.065  -3.706  1.00 22.18  ? 1399 LYS A C   1 
ATOM   705  O O   . LYS A 1 108 ? -4.662  19.092  -3.452  1.00 22.09  ? 1399 LYS A O   1 
ATOM   706  C CB  . LYS A 1 108 ? -3.124  20.873  -1.428  1.00 23.18  ? 1399 LYS A CB  1 
ATOM   707  C CG  . LYS A 1 108 ? -1.928  21.128  -0.512  1.00 26.63  ? 1399 LYS A CG  1 
ATOM   708  C CD  . LYS A 1 108 ? -1.628  20.046  0.498   1.00 30.29  ? 1399 LYS A CD  1 
ATOM   709  C CE  . LYS A 1 108 ? -0.372  20.349  1.292   1.00 31.28  ? 1399 LYS A CE  1 
ATOM   710  N NZ  . LYS A 1 108 ? 0.116   19.158  2.026   1.00 33.63  ? 1399 LYS A NZ  1 
ATOM   711  N N   . ARG A 1 109 ? -4.188  20.909  -4.715  1.00 22.91  ? 1400 ARG A N   1 
ATOM   712  C CA  . ARG A 1 109 ? -5.367  20.742  -5.615  1.00 25.18  ? 1400 ARG A CA  1 
ATOM   713  C C   . ARG A 1 109 ? -4.953  20.055  -6.915  1.00 23.78  ? 1400 ARG A C   1 
ATOM   714  O O   . ARG A 1 109 ? -5.701  20.158  -7.895  1.00 22.39  ? 1400 ARG A O   1 
ATOM   715  C CB  . ARG A 1 109 ? -6.008  22.076  -5.995  1.00 29.56  ? 1400 ARG A CB  1 
ATOM   716  C CG  . ARG A 1 109 ? -6.511  22.903  -4.823  1.00 33.32  ? 1400 ARG A CG  1 
ATOM   717  C CD  . ARG A 1 109 ? -6.557  24.368  -5.218  1.00 36.27  ? 1400 ARG A CD  1 
ATOM   718  N NE  . ARG A 1 109 ? -6.873  24.495  -6.636  1.00 39.54  ? 1400 ARG A NE  1 
ATOM   719  C CZ  . ARG A 1 109 ? -8.039  24.874  -7.144  1.00 40.65  ? 1400 ARG A CZ  1 
ATOM   720  N NH1 . ARG A 1 109 ? -9.050  25.217  -6.358  1.00 43.78  ? 1400 ARG A NH1 1 
ATOM   721  N NH2 . ARG A 1 109 ? -8.182  24.914  -8.457  1.00 43.27  ? 1400 ARG A NH2 1 
ATOM   722  N N   . SER A 1 110 ? -3.825  19.355  -6.936  1.00 21.50  ? 1401 SER A N   1 
ATOM   723  C CA  . SER A 1 110 ? -3.382  18.639  -8.150  1.00 19.74  ? 1401 SER A CA  1 
ATOM   724  C C   . SER A 1 110 ? -4.266  17.408  -8.366  1.00 17.03  ? 1401 SER A C   1 
ATOM   725  O O   . SER A 1 110 ? -4.759  16.834  -7.383  1.00 16.12  ? 1401 SER A O   1 
ATOM   726  C CB  . SER A 1 110 ? -1.938  18.282  -8.076  1.00 20.23  ? 1401 SER A CB  1 
ATOM   727  O OG  . SER A 1 110 ? -1.763  16.915  -7.748  1.00 24.63  ? 1401 SER A OG  1 
ATOM   728  N N   . ARG A 1 111 ? -4.513  17.069  -9.627  1.00 15.21  ? 1402 ARG A N   1 
ATOM   729  C CA  . ARG A 1 111 ? -5.294  15.870  -10.014 1.00 15.43  ? 1402 ARG A CA  1 
ATOM   730  C C   . ARG A 1 111 ? -4.683  14.624  -9.368  1.00 14.18  ? 1402 ARG A C   1 
ATOM   731  O O   . ARG A 1 111 ? -5.410  13.822  -8.739  1.00 13.37  ? 1402 ARG A O   1 
ATOM   732  C CB  . ARG A 1 111 ? -5.265  15.744  -11.538 1.00 16.53  ? 1402 ARG A CB  1 
ATOM   733  C CG  . ARG A 1 111 ? -5.941  14.493  -12.064 1.00 17.22  ? 1402 ARG A CG  1 
ATOM   734  C CD  . ARG A 1 111 ? -7.457  14.592  -11.964 1.00 18.63  ? 1402 ARG A CD  1 
ATOM   735  N NE  . ARG A 1 111 ? -8.154  13.308  -12.102 1.00 21.49  ? 1402 ARG A NE  1 
ATOM   736  C CZ  . ARG A 1 111 ? -8.670  12.800  -13.227 1.00 22.19  ? 1402 ARG A CZ  1 
ATOM   737  N NH1 . ARG A 1 111 ? -8.614  13.450  -14.373 1.00 23.93  ? 1402 ARG A NH1 1 
ATOM   738  N NH2 . ARG A 1 111 ? -9.269  11.620  -13.201 1.00 23.33  ? 1402 ARG A NH2 1 
ATOM   739  N N   . ILE A 1 112 ? -3.410  14.387  -9.612  1.00 12.34  ? 1403 ILE A N   1 
ATOM   740  C CA  . ILE A 1 112 ? -2.778  13.103  -9.173  1.00 12.30  ? 1403 ILE A CA  1 
ATOM   741  C C   . ILE A 1 112 ? -2.728  13.026  -7.645  1.00 12.47  ? 1403 ILE A C   1 
ATOM   742  O O   . ILE A 1 112 ? -3.187  12.024  -7.067  1.00 11.23  ? 1403 ILE A O   1 
ATOM   743  C CB  . ILE A 1 112 ? -1.408  12.913  -9.844  1.00 12.80  ? 1403 ILE A CB  1 
ATOM   744  C CG1 . ILE A 1 112 ? -1.596  12.757  -11.358 1.00 12.98  ? 1403 ILE A CG1 1 
ATOM   745  C CG2 . ILE A 1 112 ? -0.641  11.736  -9.237  1.00 13.83  ? 1403 ILE A CG2 1 
ATOM   746  C CD1 . ILE A 1 112 ? -0.313  12.811  -12.174 1.00 13.94  ? 1403 ILE A CD1 1 
ATOM   747  N N   . TYR A 1 113 ? -2.355  14.107  -6.963  1.00 11.47  ? 1404 TYR A N   1 
ATOM   748  C CA  . TYR A 1 113 ? -2.376  14.102  -5.497  1.00 11.59  ? 1404 TYR A CA  1 
ATOM   749  C C   . TYR A 1 113 ? -3.793  13.906  -4.994  1.00 11.32  ? 1404 TYR A C   1 
ATOM   750  O O   . TYR A 1 113 ? -4.025  13.159  -4.041  1.00 11.35  ? 1404 TYR A O   1 
ATOM   751  C CB  . TYR A 1 113 ? -1.734  15.357  -4.934  1.00 12.68  ? 1404 TYR A CB  1 
ATOM   752  C CG  . TYR A 1 113 ? -1.844  15.487  -3.433  1.00 11.43  ? 1404 TYR A CG  1 
ATOM   753  C CD1 . TYR A 1 113 ? -1.167  14.613  -2.581  1.00 13.36  ? 1404 TYR A CD1 1 
ATOM   754  C CD2 . TYR A 1 113 ? -2.598  16.516  -2.840  1.00 12.19  ? 1404 TYR A CD2 1 
ATOM   755  C CE1 . TYR A 1 113 ? -1.248  14.746  -1.196  1.00 13.24  ? 1404 TYR A CE1 1 
ATOM   756  C CE2 . TYR A 1 113 ? -2.700  16.642  -1.462  1.00 14.85  ? 1404 TYR A CE2 1 
ATOM   757  C CZ  . TYR A 1 113 ? -2.008  15.757  -0.643  1.00 14.56  ? 1404 TYR A CZ  1 
ATOM   758  O OH  . TYR A 1 113 ? -2.091  15.898  0.733   1.00 16.07  ? 1404 TYR A OH  1 
ATOM   759  N N   A SER A 1 114 ? -4.764  14.550  -5.636  0.34 11.56  ? 1405 SER A N   1 
ATOM   760  N N   B SER A 1 114 ? -4.787  14.541  -5.602  0.34 12.14  ? 1405 SER A N   1 
ATOM   761  C CA  A SER A 1 114 ? -6.185  14.430  -5.245  0.34 12.42  ? 1405 SER A CA  1 
ATOM   762  C CA  B SER A 1 114 ? -6.188  14.389  -5.140  0.34 13.43  ? 1405 SER A CA  1 
ATOM   763  C C   A SER A 1 114 ? -6.631  12.960  -5.323  0.34 11.70  ? 1405 SER A C   1 
ATOM   764  C C   B SER A 1 114 ? -6.657  12.930  -5.310  0.34 12.25  ? 1405 SER A C   1 
ATOM   765  O O   A SER A 1 114 ? -7.388  12.488  -4.437  0.34 12.70  ? 1405 SER A O   1 
ATOM   766  O O   B SER A 1 114 ? -7.453  12.418  -4.476  0.34 12.64  ? 1405 SER A O   1 
ATOM   767  C CB  A SER A 1 114 ? -7.104  15.338  -6.071  0.34 13.74  ? 1405 SER A CB  1 
ATOM   768  C CB  B SER A 1 114 ? -7.109  15.362  -5.842  0.34 15.83  ? 1405 SER A CB  1 
ATOM   769  O OG  A SER A 1 114 ? -7.395  14.803  -7.350  0.34 14.22  ? 1405 SER A OG  1 
ATOM   770  O OG  B SER A 1 114 ? -6.704  16.685  -5.546  0.34 18.17  ? 1405 SER A OG  1 
ATOM   771  N N   . MET A 1 115 ? -6.254  12.259  -6.389  1.00 11.59  ? 1406 MET A N   1 
ATOM   772  C CA  . MET A 1 115 ? -6.526  10.811  -6.571  1.00 11.77  ? 1406 MET A CA  1 
ATOM   773  C C   . MET A 1 115 ? -5.858  10.021  -5.430  1.00 11.04  ? 1406 MET A C   1 
ATOM   774  O O   . MET A 1 115 ? -6.500  9.089   -4.857  1.00 11.33  ? 1406 MET A O   1 
ATOM   775  C CB  . MET A 1 115 ? -5.998  10.330  -7.924  1.00 12.32  ? 1406 MET A CB  1 
ATOM   776  C CG  . MET A 1 115 ? -6.857  10.761  -9.100  1.00 12.11  ? 1406 MET A CG  1 
ATOM   777  S SD  . MET A 1 115 ? -6.059  10.606  -10.721 1.00 15.35  ? 1406 MET A SD  1 
ATOM   778  C CE  . MET A 1 115 ? -6.623  9.014   -11.294 1.00 16.84  ? 1406 MET A CE  1 
ATOM   779  N N   . SER A 1 116 ? -4.624  10.391  -5.066  1.00 11.03  ? 1407 SER A N   1 
ATOM   780  C CA  . SER A 1 116 ? -3.885  9.690   -4.001  1.00 11.19  ? 1407 SER A CA  1 
ATOM   781  C C   . SER A 1 116 ? -4.660  9.755   -2.691  1.00 9.92   ? 1407 SER A C   1 
ATOM   782  O O   . SER A 1 116 ? -4.654  8.783   -1.940  1.00 11.35  ? 1407 SER A O   1 
ATOM   783  C CB  . SER A 1 116 ? -2.453  10.195  -3.808  1.00 12.00  ? 1407 SER A CB  1 
ATOM   784  O OG  . SER A 1 116 ? -2.352  11.325  -2.976  1.00 11.45  ? 1407 SER A OG  1 
ATOM   785  N N   . LEU A 1 117 ? -5.261  10.904  -2.377  1.00 10.80  ? 1408 LEU A N   1 
ATOM   786  C CA  . LEU A 1 117 ? -5.950  11.040  -1.078  1.00 12.10  ? 1408 LEU A CA  1 
ATOM   787  C C   . LEU A 1 117 ? -7.182  10.145  -1.024  1.00 10.98  ? 1408 LEU A C   1 
ATOM   788  O O   . LEU A 1 117 ? -7.478  9.528   0.013   1.00 11.31  ? 1408 LEU A O   1 
ATOM   789  C CB  . LEU A 1 117 ? -6.317  12.482  -0.815  1.00 13.66  ? 1408 LEU A CB  1 
ATOM   790  C CG  . LEU A 1 117 ? -5.165  13.452  -0.602  1.00 14.47  ? 1408 LEU A CG  1 
ATOM   791  C CD1 . LEU A 1 117 ? -5.743  14.837  -0.338  1.00 17.29  ? 1408 LEU A CD1 1 
ATOM   792  C CD2 . LEU A 1 117 ? -4.294  13.001  0.552   1.00 17.69  ? 1408 LEU A CD2 1 
ATOM   793  N N   . ARG A 1 118 ? -7.955  10.080  -2.135  1.00 10.64  ? 1409 ARG A N   1 
ATOM   794  C CA  . ARG A 1 118 ? -9.132  9.170   -2.122  1.00 11.07  ? 1409 ARG A CA  1 
ATOM   795  C C   . ARG A 1 118 ? -8.661  7.719   -2.022  1.00 10.42  ? 1409 ARG A C   1 
ATOM   796  O O   . ARG A 1 118 ? -9.253  6.892   -1.280  1.00 11.32  ? 1409 ARG A O   1 
ATOM   797  C CB  . ARG A 1 118 ? -10.012 9.323   -3.366  1.00 11.66  ? 1409 ARG A CB  1 
ATOM   798  C CG  . ARG A 1 118 ? -10.700 10.694  -3.471  1.00 12.04  ? 1409 ARG A CG  1 
ATOM   799  C CD  . ARG A 1 118 ? -11.733 10.719  -4.587  1.00 12.67  ? 1409 ARG A CD  1 
ATOM   800  N NE  . ARG A 1 118 ? -11.093 10.644  -5.878  1.00 12.68  ? 1409 ARG A NE  1 
ATOM   801  C CZ  . ARG A 1 118 ? -10.795 11.645  -6.679  1.00 15.04  ? 1409 ARG A CZ  1 
ATOM   802  N NH1 . ARG A 1 118 ? -11.067 12.889  -6.346  1.00 16.74  ? 1409 ARG A NH1 1 
ATOM   803  N NH2 . ARG A 1 118 ? -10.225 11.387  -7.856  1.00 17.39  ? 1409 ARG A NH2 1 
ATOM   804  N N   . LEU A 1 119 ? -7.646  7.347   -2.786  1.00 10.27  ? 1410 LEU A N   1 
ATOM   805  C CA  . LEU A 1 119 ? -7.181  5.969   -2.756  1.00 10.08  ? 1410 LEU A CA  1 
ATOM   806  C C   . LEU A 1 119 ? -6.606  5.597   -1.391  1.00 9.78   ? 1410 LEU A C   1 
ATOM   807  O O   . LEU A 1 119 ? -6.822  4.438   -0.897  1.00 10.69  ? 1410 LEU A O   1 
ATOM   808  C CB  . LEU A 1 119 ? -6.158  5.726   -3.860  1.00 11.58  ? 1410 LEU A CB  1 
ATOM   809  C CG  . LEU A 1 119 ? -5.877  4.269   -4.225  1.00 12.61  ? 1410 LEU A CG  1 
ATOM   810  C CD1 . LEU A 1 119 ? -7.132  3.645   -4.890  1.00 14.42  ? 1410 LEU A CD1 1 
ATOM   811  C CD2 . LEU A 1 119 ? -4.709  4.220   -5.191  1.00 13.13  ? 1410 LEU A CD2 1 
ATOM   812  N N   . SER A 1 120 ? -5.910  6.513   -0.740  1.00 9.87   ? 1411 SER A N   1 
ATOM   813  C CA  . SER A 1 120 ? -5.386  6.262   0.618   1.00 10.76  ? 1411 SER A CA  1 
ATOM   814  C C   . SER A 1 120 ? -6.558  5.996   1.569   1.00 11.07  ? 1411 SER A C   1 
ATOM   815  O O   . SER A 1 120 ? -6.460  5.098   2.457   1.00 10.97  ? 1411 SER A O   1 
ATOM   816  C CB  . SER A 1 120 ? -4.555  7.456   1.028   1.00 11.43  ? 1411 SER A CB  1 
ATOM   817  O OG  . SER A 1 120 ? -4.161  7.363   2.402   1.00 12.44  ? 1411 SER A OG  1 
ATOM   818  N N   . ALA A 1 121 ? -7.618  6.805   1.525   1.00 10.45  ? 1412 ALA A N   1 
ATOM   819  C CA  . ALA A 1 121 ? -8.771  6.597   2.421   1.00 11.63  ? 1412 ALA A CA  1 
ATOM   820  C C   . ALA A 1 121 ? -9.357  5.210   2.222   1.00 10.33  ? 1412 ALA A C   1 
ATOM   821  O O   . ALA A 1 121 ? -9.683  4.518   3.195   1.00 11.06  ? 1412 ALA A O   1 
ATOM   822  C CB  . ALA A 1 121 ? -9.848  7.656   2.212   1.00 11.48  ? 1412 ALA A CB  1 
ATOM   823  N N   . PHE A 1 122 ? -9.494  4.801   0.962   1.00 10.47  ? 1413 PHE A N   1 
ATOM   824  C CA  . PHE A 1 122 ? -9.999  3.446   0.647   1.00 10.00  ? 1413 PHE A CA  1 
ATOM   825  C C   . PHE A 1 122 ? -9.089  2.367   1.240   1.00 10.91  ? 1413 PHE A C   1 
ATOM   826  O O   . PHE A 1 122 ? -9.546  1.387   1.855   1.00 11.50  ? 1413 PHE A O   1 
ATOM   827  C CB  . PHE A 1 122 ? -10.190 3.328   -0.872  1.00 11.25  ? 1413 PHE A CB  1 
ATOM   828  C CG  . PHE A 1 122 ? -10.619 1.965   -1.327  1.00 12.12  ? 1413 PHE A CG  1 
ATOM   829  C CD1 . PHE A 1 122 ? -11.959 1.585   -1.266  1.00 14.90  ? 1413 PHE A CD1 1 
ATOM   830  C CD2 . PHE A 1 122 ? -9.727  1.031   -1.815  1.00 13.21  ? 1413 PHE A CD2 1 
ATOM   831  C CE1 . PHE A 1 122 ? -12.373 0.298   -1.635  1.00 16.62  ? 1413 PHE A CE1 1 
ATOM   832  C CE2 . PHE A 1 122 ? -10.167 -0.227  -2.250  1.00 15.51  ? 1413 PHE A CE2 1 
ATOM   833  C CZ  . PHE A 1 122 ? -11.496 -0.573  -2.191  1.00 15.75  ? 1413 PHE A CZ  1 
ATOM   834  N N   . PHE A 1 123 ? -7.780  2.522   0.984   1.00 10.34  ? 1414 PHE A N   1 
ATOM   835  C CA  . PHE A 1 123 ? -6.809  1.545   1.474   1.00 10.20  ? 1414 PHE A CA  1 
ATOM   836  C C   . PHE A 1 123 ? -6.860  1.435   3.009   1.00 10.56  ? 1414 PHE A C   1 
ATOM   837  O O   . PHE A 1 123 ? -6.899  0.312   3.573   1.00 11.20  ? 1414 PHE A O   1 
ATOM   838  C CB  . PHE A 1 123 ? -5.389  1.893   0.997   1.00 10.43  ? 1414 PHE A CB  1 
ATOM   839  C CG  . PHE A 1 123 ? -4.298  1.019   1.620   1.00 10.59  ? 1414 PHE A CG  1 
ATOM   840  C CD1 . PHE A 1 123 ? -4.091  -0.270  1.163   1.00 11.35  ? 1414 PHE A CD1 1 
ATOM   841  C CD2 . PHE A 1 123 ? -3.500  1.468   2.688   1.00 11.34  ? 1414 PHE A CD2 1 
ATOM   842  C CE1 . PHE A 1 123 ? -3.151  -1.101  1.780   1.00 11.89  ? 1414 PHE A CE1 1 
ATOM   843  C CE2 . PHE A 1 123 ? -2.545  0.622   3.261   1.00 11.87  ? 1414 PHE A CE2 1 
ATOM   844  C CZ  . PHE A 1 123 ? -2.402  -0.613  2.793   1.00 11.89  ? 1414 PHE A CZ  1 
ATOM   845  N N   . GLU A 1 124 ? -6.835  2.563   3.703   1.00 10.14  ? 1415 GLU A N   1 
ATOM   846  C CA  . GLU A 1 124 ? -6.823  2.558   5.174   1.00 11.52  ? 1415 GLU A CA  1 
ATOM   847  C C   . GLU A 1 124 ? -8.096  1.888   5.712   1.00 12.30  ? 1415 GLU A C   1 
ATOM   848  O O   . GLU A 1 124 ? -8.042  1.162   6.718   1.00 13.55  ? 1415 GLU A O   1 
ATOM   849  C CB  . GLU A 1 124 ? -6.621  3.973   5.723   1.00 12.10  ? 1415 GLU A CB  1 
ATOM   850  C CG  . GLU A 1 124 ? -5.202  4.555   5.461   1.00 13.40  ? 1415 GLU A CG  1 
ATOM   851  C CD  . GLU A 1 124 ? -4.032  3.799   6.085   1.00 14.78  ? 1415 GLU A CD  1 
ATOM   852  O OE1 . GLU A 1 124 ? -4.243  3.171   7.162   1.00 17.06  ? 1415 GLU A OE1 1 
ATOM   853  O OE2 . GLU A 1 124 ? -2.923  3.842   5.521   1.00 14.38  ? 1415 GLU A OE2 1 
ATOM   854  N N   . GLU A 1 125 ? -9.240  2.154   5.072   1.00 11.40  ? 1416 GLU A N   1 
ATOM   855  C CA  . GLU A 1 125 ? -10.521 1.580   5.535   1.00 12.71  ? 1416 GLU A CA  1 
ATOM   856  C C   . GLU A 1 125 ? -10.469 0.065   5.485   1.00 12.06  ? 1416 GLU A C   1 
ATOM   857  O O   . GLU A 1 125 ? -11.013 -0.588  6.374   1.00 13.99  ? 1416 GLU A O   1 
ATOM   858  C CB  . GLU A 1 125 ? -11.574 2.115   4.559   1.00 12.03  ? 1416 GLU A CB  1 
ATOM   859  C CG  . GLU A 1 125 ? -13.001 1.586   4.746   1.00 13.75  ? 1416 GLU A CG  1 
ATOM   860  C CD  . GLU A 1 125 ? -13.942 2.279   3.761   1.00 14.22  ? 1416 GLU A CD  1 
ATOM   861  O OE1 . GLU A 1 125 ? -14.145 3.524   3.907   1.00 14.41  ? 1416 GLU A OE1 1 
ATOM   862  O OE2 . GLU A 1 125 ? -14.402 1.647   2.777   1.00 16.17  ? 1416 GLU A OE2 1 
ATOM   863  N N   . HIS A 1 126 ? -9.796  -0.501  4.501   1.00 12.19  ? 1417 HIS A N   1 
ATOM   864  C CA  . HIS A 1 126 ? -9.784  -1.967  4.269   1.00 13.04  ? 1417 HIS A CA  1 
ATOM   865  C C   . HIS A 1 126 ? -8.575  -2.686  4.869   1.00 12.42  ? 1417 HIS A C   1 
ATOM   866  O O   . HIS A 1 126 ? -8.679  -3.911  5.045   1.00 13.97  ? 1417 HIS A O   1 
ATOM   867  C CB  . HIS A 1 126 ? -9.917  -2.252  2.780   1.00 12.97  ? 1417 HIS A CB  1 
ATOM   868  C CG  . HIS A 1 126 ? -11.335 -2.086  2.382   1.00 14.14  ? 1417 HIS A CG  1 
ATOM   869  N ND1 . HIS A 1 126 ? -11.815 -0.966  1.763   1.00 15.06  ? 1417 HIS A ND1 1 
ATOM   870  C CD2 . HIS A 1 126 ? -12.396 -2.856  2.663   1.00 13.76  ? 1417 HIS A CD2 1 
ATOM   871  C CE1 . HIS A 1 126 ? -13.121 -1.111  1.598   1.00 12.54  ? 1417 HIS A CE1 1 
ATOM   872  N NE2 . HIS A 1 126 ? -13.494 -2.231  2.145   1.00 15.13  ? 1417 HIS A NE2 1 
ATOM   873  N N   . ILE A 1 127 ? -7.459  -1.993  5.106   1.00 12.45  ? 1418 ILE A N   1 
ATOM   874  C CA  . ILE A 1 127 ? -6.280  -2.635  5.729   1.00 11.95  ? 1418 ILE A CA  1 
ATOM   875  C C   . ILE A 1 127 ? -6.406  -2.781  7.251   1.00 12.17  ? 1418 ILE A C   1 
ATOM   876  O O   . ILE A 1 127 ? -5.765  -3.635  7.869   1.00 11.90  ? 1418 ILE A O   1 
ATOM   877  C CB  . ILE A 1 127 ? -4.969  -1.915  5.358   1.00 12.06  ? 1418 ILE A CB  1 
ATOM   878  C CG1 . ILE A 1 127 ? -3.730  -2.841  5.427   1.00 13.08  ? 1418 ILE A CG1 1 
ATOM   879  C CG2 . ILE A 1 127 ? -4.749  -0.693  6.205   1.00 12.68  ? 1418 ILE A CG2 1 
ATOM   880  C CD1 . ILE A 1 127 ? -3.744  -4.012  4.504   1.00 14.43  ? 1418 ILE A CD1 1 
ATOM   881  N N   A SER A 1 128 ? -7.235  -1.968  7.905   0.25 12.06  ? 1419 SER A N   1 
ATOM   882  N N   B SER A 1 128 ? -7.256  -1.952  7.858   0.25 12.49  ? 1419 SER A N   1 
ATOM   883  C CA  A SER A 1 128 ? -7.317  -1.964  9.393   0.25 11.97  ? 1419 SER A CA  1 
ATOM   884  C CA  B SER A 1 128 ? -7.483  -1.910  9.326   0.25 12.85  ? 1419 SER A CA  1 
ATOM   885  C C   A SER A 1 128 ? -7.685  -3.375  9.918   0.25 12.11  ? 1419 SER A C   1 
ATOM   886  C C   B SER A 1 128 ? -7.684  -3.338  9.872   0.25 12.99  ? 1419 SER A C   1 
ATOM   887  O O   A SER A 1 128 ? -6.976  -3.897  10.846  0.25 13.08  ? 1419 SER A O   1 
ATOM   888  O O   B SER A 1 128 ? -6.862  -3.789  10.758  0.25 16.01  ? 1419 SER A O   1 
ATOM   889  C CB  A SER A 1 128 ? -8.229  -0.863  9.884   0.25 13.37  ? 1419 SER A CB  1 
ATOM   890  C CB  B SER A 1 128 ? -8.649  -1.003  9.656   0.25 14.38  ? 1419 SER A CB  1 
ATOM   891  O OG  A SER A 1 128 ? -9.504  -0.982  9.288   0.25 14.35  ? 1419 SER A OG  1 
ATOM   892  O OG  B SER A 1 128 ? -8.917  -1.066  11.047  0.25 17.51  ? 1419 SER A OG  1 
ATOM   893  N N   . SER A 1 129 ? -8.685  -4.048  9.351   1.00 11.56  ? 1420 SER A N   1 
ATOM   894  C CA  . SER A 1 129 ? -9.063  -5.389  9.871   1.00 13.13  ? 1420 SER A CA  1 
ATOM   895  C C   . SER A 1 129 ? -7.938  -6.394  9.574   1.00 12.23  ? 1420 SER A C   1 
ATOM   896  O O   . SER A 1 129 ? -7.758  -7.327  10.359  1.00 12.88  ? 1420 SER A O   1 
ATOM   897  C CB  . SER A 1 129 ? -10.357 -5.862  9.305   1.00 15.91  ? 1420 SER A CB  1 
ATOM   898  O OG  . SER A 1 129 ? -10.339 -5.959  7.911   1.00 22.10  ? 1420 SER A OG  1 
ATOM   899  N N   . VAL A 1 130 ? -7.284  -6.266  8.408   1.00 11.02  ? 1421 VAL A N   1 
ATOM   900  C CA  . VAL A 1 130 ? -6.172  -7.201  8.074   1.00 10.63  ? 1421 VAL A CA  1 
ATOM   901  C C   . VAL A 1 130 ? -5.084  -7.096  9.140   1.00 10.61  ? 1421 VAL A C   1 
ATOM   902  O O   . VAL A 1 130 ? -4.578  -8.151  9.653   1.00 11.11  ? 1421 VAL A O   1 
ATOM   903  C CB  . VAL A 1 130 ? -5.613  -6.882  6.700   1.00 10.19  ? 1421 VAL A CB  1 
ATOM   904  C CG1 . VAL A 1 130 ? -4.420  -7.776  6.383   1.00 10.96  ? 1421 VAL A CG1 1 
ATOM   905  C CG2 . VAL A 1 130 ? -6.671  -6.975  5.630   1.00 11.58  ? 1421 VAL A CG2 1 
ATOM   906  N N   . LEU A 1 131 ? -4.677  -5.880  9.494   1.00 10.63  ? 1422 LEU A N   1 
ATOM   907  C CA  . LEU A 1 131 ? -3.642  -5.691  10.535  1.00 10.87  ? 1422 LEU A CA  1 
ATOM   908  C C   . LEU A 1 131 ? -4.110  -6.175  11.893  1.00 10.37  ? 1422 LEU A C   1 
ATOM   909  O O   . LEU A 1 131 ? -3.348  -6.881  12.605  1.00 12.17  ? 1422 LEU A O   1 
ATOM   910  C CB  . LEU A 1 131 ? -3.290  -4.188  10.640  1.00 11.30  ? 1422 LEU A CB  1 
ATOM   911  C CG  . LEU A 1 131 ? -2.601  -3.575  9.426   1.00 12.52  ? 1422 LEU A CG  1 
ATOM   912  C CD1 . LEU A 1 131 ? -2.583  -2.069  9.512   1.00 13.10  ? 1422 LEU A CD1 1 
ATOM   913  C CD2 . LEU A 1 131 ? -1.202  -4.152  9.269   1.00 13.88  ? 1422 LEU A CD2 1 
ATOM   914  N N   A SER A 1 132 ? -5.323  -5.810  12.296  0.40 11.10  ? 1423 SER A N   1 
ATOM   915  N N   B SER A 1 132 ? -5.344  -5.829  12.261  0.10 11.58  ? 1423 SER A N   1 
ATOM   916  C CA  A SER A 1 132 ? -5.851  -6.243  13.620  0.40 11.53  ? 1423 SER A CA  1 
ATOM   917  C CA  B SER A 1 132 ? -5.956  -6.194  13.565  0.10 12.05  ? 1423 SER A CA  1 
ATOM   918  C C   A SER A 1 132 ? -5.891  -7.771  13.702  0.40 11.51  ? 1423 SER A C   1 
ATOM   919  C C   B SER A 1 132 ? -6.010  -7.721  13.722  0.10 11.91  ? 1423 SER A C   1 
ATOM   920  O O   A SER A 1 132 ? -5.472  -8.348  14.756  0.40 12.06  ? 1423 SER A O   1 
ATOM   921  O O   B SER A 1 132 ? -5.688  -8.231  14.813  0.10 12.39  ? 1423 SER A O   1 
ATOM   922  C CB  A SER A 1 132 ? -7.244  -5.689  13.879  0.40 12.46  ? 1423 SER A CB  1 
ATOM   923  C CB  B SER A 1 132 ? -7.325  -5.583  13.697  0.10 12.64  ? 1423 SER A CB  1 
ATOM   924  O OG  A SER A 1 132 ? -7.233  -4.285  13.993  0.40 13.68  ? 1423 SER A OG  1 
ATOM   925  O OG  B SER A 1 132 ? -7.703  -5.537  15.059  0.10 13.96  ? 1423 SER A OG  1 
ATOM   926  N N   . ASP A 1 133 ? -6.437  -8.432  12.681  1.00 11.51  ? 1424 ASP A N   1 
ATOM   927  C CA  . ASP A 1 133 ? -6.528  -9.913  12.734  1.00 11.62  ? 1424 ASP A CA  1 
ATOM   928  C C   . ASP A 1 133 ? -5.141  -10.556 12.800  1.00 11.76  ? 1424 ASP A C   1 
ATOM   929  O O   . ASP A 1 133 ? -4.940  -11.522 13.563  1.00 12.08  ? 1424 ASP A O   1 
ATOM   930  C CB  . ASP A 1 133 ? -7.320  -10.465 11.555  1.00 13.39  ? 1424 ASP A CB  1 
ATOM   931  C CG  . ASP A 1 133 ? -8.808  -10.192 11.530  1.00 17.11  ? 1424 ASP A CG  1 
ATOM   932  O OD1 . ASP A 1 133 ? -9.349  -9.581  12.482  1.00 18.37  ? 1424 ASP A OD1 1 
ATOM   933  O OD2 . ASP A 1 133 ? -9.426  -10.650 10.545  1.00 23.80  ? 1424 ASP A OD2 1 
ATOM   934  N N   . TYR A 1 134 ? -4.188  -10.053 12.025  1.00 10.49  ? 1425 TYR A N   1 
ATOM   935  C CA  . TYR A 1 134 ? -2.832  -10.608 12.064  1.00 10.64  ? 1425 TYR A CA  1 
ATOM   936  C C   . TYR A 1 134 ? -2.230  -10.459 13.457  1.00 11.62  ? 1425 TYR A C   1 
ATOM   937  O O   . TYR A 1 134 ? -1.660  -11.418 14.030  1.00 11.68  ? 1425 TYR A O   1 
ATOM   938  C CB  . TYR A 1 134 ? -1.943  -9.986  10.973  1.00 11.48  ? 1425 TYR A CB  1 
ATOM   939  C CG  . TYR A 1 134 ? -0.521  -10.416 11.057  1.00 11.42  ? 1425 TYR A CG  1 
ATOM   940  C CD1 . TYR A 1 134 ? -0.119  -11.631 10.552  1.00 12.60  ? 1425 TYR A CD1 1 
ATOM   941  C CD2 . TYR A 1 134 ? 0.419   -9.628  11.681  1.00 12.49  ? 1425 TYR A CD2 1 
ATOM   942  C CE1 . TYR A 1 134 ? 1.200   -12.044 10.592  1.00 13.63  ? 1425 TYR A CE1 1 
ATOM   943  C CE2 . TYR A 1 134 ? 1.744   -10.022 11.746  1.00 13.70  ? 1425 TYR A CE2 1 
ATOM   944  C CZ  . TYR A 1 134 ? 2.121   -11.238 11.225  1.00 14.52  ? 1425 TYR A CZ  1 
ATOM   945  O OH  . TYR A 1 134 ? 3.426   -11.718 11.226  1.00 19.05  ? 1425 TYR A OH  1 
ATOM   946  N N   . LYS A 1 135 ? -2.324  -9.257  14.019  1.00 11.45  ? 1426 LYS A N   1 
ATOM   947  C CA  . LYS A 1 135 ? -1.671  -9.007  15.311  1.00 10.99  ? 1426 LYS A CA  1 
ATOM   948  C C   . LYS A 1 135 ? -2.349  -9.860  16.399  1.00 11.15  ? 1426 LYS A C   1 
ATOM   949  O O   . LYS A 1 135 ? -1.655  -10.386 17.284  1.00 11.02  ? 1426 LYS A O   1 
ATOM   950  C CB  . LYS A 1 135 ? -1.669  -7.518  15.658  1.00 12.43  ? 1426 LYS A CB  1 
ATOM   951  C CG  . LYS A 1 135 ? -0.839  -6.691  14.672  1.00 13.29  ? 1426 LYS A CG  1 
ATOM   952  C CD  . LYS A 1 135 ? -0.888  -5.176  14.969  1.00 14.25  ? 1426 LYS A CD  1 
ATOM   953  C CE  . LYS A 1 135 ? -0.081  -4.368  13.990  1.00 18.97  ? 1426 LYS A CE  1 
ATOM   954  N NZ  . LYS A 1 135 ? -0.302  -2.923  14.249  1.00 25.47  ? 1426 LYS A NZ  1 
ATOM   955  N N   A SER A 1 136 ? -3.662  -10.018 16.318  0.40 10.97  ? 1427 SER A N   1 
ATOM   956  N N   B SER A 1 136 ? -3.661  -10.068 16.311  0.10 11.41  ? 1427 SER A N   1 
ATOM   957  C CA  A SER A 1 136 ? -4.423  -10.899 17.253  0.40 11.91  ? 1427 SER A CA  1 
ATOM   958  C CA  B SER A 1 136 ? -4.403  -10.889 17.304  0.10 11.86  ? 1427 SER A CA  1 
ATOM   959  C C   A SER A 1 136 ? -3.952  -12.354 17.114  0.40 12.39  ? 1427 SER A C   1 
ATOM   960  C C   B SER A 1 136 ? -4.122  -12.387 17.097  0.10 12.26  ? 1427 SER A C   1 
ATOM   961  O O   A SER A 1 136 ? -3.715  -13.045 18.151  0.40 10.42  ? 1427 SER A O   1 
ATOM   962  O O   B SER A 1 136 ? -4.191  -13.126 18.092  0.10 11.92  ? 1427 SER A O   1 
ATOM   963  C CB  A SER A 1 136 ? -5.878  -10.760 16.957  0.40 12.74  ? 1427 SER A CB  1 
ATOM   964  C CB  B SER A 1 136 ? -5.869  -10.563 17.285  0.10 12.10  ? 1427 SER A CB  1 
ATOM   965  O OG  A SER A 1 136 ? -6.611  -11.842 17.519  0.40 15.99  ? 1427 SER A OG  1 
ATOM   966  O OG  B SER A 1 136 ? -6.495  -11.062 16.120  0.10 12.70  ? 1427 SER A OG  1 
ATOM   967  N N   . ALA A 1 137 ? -3.790  -12.828 15.875  1.00 12.72  ? 1428 ALA A N   1 
ATOM   968  C CA  . ALA A 1 137 ? -3.325  -14.206 15.609  1.00 12.32  ? 1428 ALA A CA  1 
ATOM   969  C C   . ALA A 1 137 ? -1.953  -14.387 16.198  1.00 12.77  ? 1428 ALA A C   1 
ATOM   970  O O   . ALA A 1 137 ? -1.650  -15.464 16.795  1.00 13.71  ? 1428 ALA A O   1 
ATOM   971  C CB  . ALA A 1 137 ? -3.275  -14.488 14.125  1.00 13.51  ? 1428 ALA A CB  1 
ATOM   972  N N   . LEU A 1 138 ? -1.014  -13.466 16.077  1.00 12.80  ? 1429 LEU A N   1 
ATOM   973  C CA  . LEU A 1 138 ? 0.321   -13.623 16.631  1.00 14.22  ? 1429 LEU A CA  1 
ATOM   974  C C   . LEU A 1 138 ? 0.241   -13.638 18.136  1.00 12.41  ? 1429 LEU A C   1 
ATOM   975  O O   . LEU A 1 138 ? 0.971   -14.458 18.771  1.00 13.59  ? 1429 LEU A O   1 
ATOM   976  C CB  . LEU A 1 138 ? 1.235   -12.503 16.147  1.00 18.86  ? 1429 LEU A CB  1 
ATOM   977  C CG  . LEU A 1 138 ? 2.549   -12.882 15.521  1.00 26.22  ? 1429 LEU A CG  1 
ATOM   978  C CD1 . LEU A 1 138 ? 2.469   -13.997 14.497  1.00 23.67  ? 1429 LEU A CD1 1 
ATOM   979  C CD2 . LEU A 1 138 ? 3.154   -11.639 14.924  1.00 24.27  ? 1429 LEU A CD2 1 
ATOM   980  N N   . ARG A 1 139 ? -0.597  -12.759 18.725  1.00 10.81  ? 1430 ARG A N   1 
ATOM   981  C CA  . ARG A 1 139 ? -0.693  -12.775 20.201  1.00 12.04  ? 1430 ARG A CA  1 
ATOM   982  C C   . ARG A 1 139 ? -1.250  -14.145 20.653  1.00 10.74  ? 1430 ARG A C   1 
ATOM   983  O O   . ARG A 1 139 ? -0.749  -14.715 21.650  1.00 12.50  ? 1430 ARG A O   1 
ATOM   984  C CB  . ARG A 1 139 ? -1.590  -11.675 20.743  1.00 11.39  ? 1430 ARG A CB  1 
ATOM   985  C CG  . ARG A 1 139 ? -0.994  -10.262 20.575  1.00 12.35  ? 1430 ARG A CG  1 
ATOM   986  C CD  . ARG A 1 139 ? -1.841  -9.208  21.275  1.00 11.99  ? 1430 ARG A CD  1 
ATOM   987  N NE  . ARG A 1 139 ? -3.151  -8.997  20.718  1.00 12.85  ? 1430 ARG A NE  1 
ATOM   988  C CZ  . ARG A 1 139 ? -3.507  -8.096  19.792  1.00 11.78  ? 1430 ARG A CZ  1 
ATOM   989  N NH1 . ARG A 1 139 ? -2.571  -7.357  19.215  1.00 13.67  ? 1430 ARG A NH1 1 
ATOM   990  N NH2 . ARG A 1 139 ? -4.773  -7.924  19.476  1.00 13.24  ? 1430 ARG A NH2 1 
ATOM   991  N N   . PHE A 1 140 ? -2.241  -14.726 19.963  1.00 9.64   ? 1431 PHE A N   1 
ATOM   992  C CA  . PHE A 1 140 ? -2.801  -16.042 20.321  1.00 10.87  ? 1431 PHE A CA  1 
ATOM   993  C C   . PHE A 1 140 ? -1.723  -17.107 20.235  1.00 11.48  ? 1431 PHE A C   1 
ATOM   994  O O   . PHE A 1 140 ? -1.583  -17.962 21.113  1.00 11.96  ? 1431 PHE A O   1 
ATOM   995  C CB  . PHE A 1 140 ? -4.013  -16.382 19.471  1.00 11.30  ? 1431 PHE A CB  1 
ATOM   996  C CG  . PHE A 1 140 ? -4.742  -17.613 19.929  1.00 12.81  ? 1431 PHE A CG  1 
ATOM   997  C CD1 . PHE A 1 140 ? -5.646  -17.539 20.986  1.00 14.66  ? 1431 PHE A CD1 1 
ATOM   998  C CD2 . PHE A 1 140 ? -4.535  -18.843 19.325  1.00 13.55  ? 1431 PHE A CD2 1 
ATOM   999  C CE1 . PHE A 1 140 ? -6.326  -18.676 21.424  1.00 15.13  ? 1431 PHE A CE1 1 
ATOM   1000 C CE2 . PHE A 1 140 ? -5.205  -19.985 19.783  1.00 16.54  ? 1431 PHE A CE2 1 
ATOM   1001 C CZ  . PHE A 1 140 ? -6.124  -19.890 20.810  1.00 15.55  ? 1431 PHE A CZ  1 
ATOM   1002 N N   . HIS A 1 141 ? -0.878  -17.021 19.211  1.00 12.82  ? 1432 HIS A N   1 
ATOM   1003 C CA  . HIS A 1 141 ? 0.218   -18.017 19.037  1.00 13.77  ? 1432 HIS A CA  1 
ATOM   1004 C C   . HIS A 1 141 ? 1.160   -18.022 20.245  1.00 18.16  ? 1432 HIS A C   1 
ATOM   1005 O O   . HIS A 1 141 ? 1.695   -19.099 20.601  1.00 18.35  ? 1432 HIS A O   1 
ATOM   1006 C CB  . HIS A 1 141 ? 0.976   -17.704 17.742  1.00 14.37  ? 1432 HIS A CB  1 
ATOM   1007 C CG  . HIS A 1 141 ? 1.926   -18.822 17.370  1.00 14.17  ? 1432 HIS A CG  1 
ATOM   1008 N ND1 . HIS A 1 141 ? 1.463   -20.024 16.865  1.00 13.81  ? 1432 HIS A ND1 1 
ATOM   1009 C CD2 . HIS A 1 141 ? 3.269   -18.836 17.313  1.00 16.53  ? 1432 HIS A CD2 1 
ATOM   1010 C CE1 . HIS A 1 141 ? 2.517   -20.789 16.571  1.00 13.61  ? 1432 HIS A CE1 1 
ATOM   1011 N NE2 . HIS A 1 141 ? 3.623   -20.075 16.825  1.00 15.20  ? 1432 HIS A NE2 1 
ATOM   1012 N N   . LYS A 1 142 ? 1.353   -16.870 20.898  1.00 18.82  ? 1433 LYS A N   1 
ATOM   1013 C CA  . LYS A 1 142 ? 2.282   -16.691 22.055  1.00 20.47  ? 1433 LYS A CA  1 
ATOM   1014 C C   . LYS A 1 142 ? 1.546   -16.734 23.407  1.00 21.92  ? 1433 LYS A C   1 
ATOM   1015 O O   . LYS A 1 142 ? 2.199   -16.444 24.443  1.00 23.05  ? 1433 LYS A O   1 
ATOM   1016 C CB  . LYS A 1 142 ? 3.017   -15.356 21.876  1.00 23.83  ? 1433 LYS A CB  1 
ATOM   1017 C CG  . LYS A 1 142 ? 3.771   -15.245 20.557  1.00 23.97  ? 1433 LYS A CG  1 
ATOM   1018 C CD  . LYS A 1 142 ? 4.059   -13.840 20.075  1.00 26.27  ? 1433 LYS A CD  1 
ATOM   1019 C CE  . LYS A 1 142 ? 4.440   -13.847 18.613  1.00 25.54  ? 1433 LYS A CE  1 
ATOM   1020 N NZ  . LYS A 1 142 ? 3.713   -14.918 17.887  1.00 22.22  ? 1433 LYS A NZ  1 
ATOM   1021 N N   . ARG A 1 143 ? 0.264   -17.101 23.443  1.00 22.19  ? 1434 ARG A N   1 
ATOM   1022 C CA  . ARG A 1 143 ? -0.609  -16.949 24.639  1.00 23.20  ? 1434 ARG A CA  1 
ATOM   1023 C C   . ARG A 1 143 ? -0.109  -17.774 25.835  1.00 26.95  ? 1434 ARG A C   1 
ATOM   1024 O O   . ARG A 1 143 ? -0.427  -17.367 26.977  1.00 28.92  ? 1434 ARG A O   1 
ATOM   1025 C CB  . ARG A 1 143 ? -2.040  -17.358 24.312  1.00 22.12  ? 1434 ARG A CB  1 
ATOM   1026 C CG  . ARG A 1 143 ? -2.212  -18.854 24.114  1.00 21.29  ? 1434 ARG A CG  1 
ATOM   1027 C CD  . ARG A 1 143 ? -3.546  -19.172 23.492  1.00 20.91  ? 1434 ARG A CD  1 
ATOM   1028 N NE  . ARG A 1 143 ? -3.736  -20.602 23.314  1.00 19.88  ? 1434 ARG A NE  1 
ATOM   1029 C CZ  . ARG A 1 143 ? -3.210  -21.322 22.341  1.00 20.43  ? 1434 ARG A CZ  1 
ATOM   1030 N NH1 . ARG A 1 143 ? -2.426  -20.755 21.441  1.00 18.47  ? 1434 ARG A NH1 1 
ATOM   1031 N NH2 . ARG A 1 143 ? -3.467  -22.617 22.260  1.00 22.45  ? 1434 ARG A NH2 1 
ATOM   1032 N N   . ASN A 1 144 ? 0.550   -18.914 25.616  1.00 26.82  ? 1435 ASN A N   1 
ATOM   1033 C CA  . ASN A 1 144 ? 1.106   -19.782 26.696  1.00 29.66  ? 1435 ASN A CA  1 
ATOM   1034 C C   . ASN A 1 144 ? 2.635   -19.733 26.638  1.00 32.40  ? 1435 ASN A C   1 
ATOM   1035 O O   . ASN A 1 144 ? 3.268   -20.005 27.685  1.00 34.26  ? 1435 ASN A O   1 
ATOM   1036 C CB  . ASN A 1 144 ? 0.696   -21.254 26.573  1.00 29.26  ? 1435 ASN A CB  1 
ATOM   1037 C CG  . ASN A 1 144 ? -0.796  -21.494 26.683  1.00 28.73  ? 1435 ASN A CG  1 
ATOM   1038 O OD1 . ASN A 1 144 ? -1.409  -21.220 27.711  1.00 27.94  ? 1435 ASN A OD1 1 
ATOM   1039 N ND2 . ASN A 1 144 ? -1.378  -22.044 25.631  1.00 26.24  ? 1435 ASN A ND2 1 
ATOM   1040 N N   . THR A 1 145 ? 3.178   -19.437 25.447  1.00 33.34  ? 1436 THR A N   1 
ATOM   1041 C CA  . THR A 1 145 ? 4.620   -19.529 25.075  1.00 33.72  ? 1436 THR A CA  1 
ATOM   1042 C C   . THR A 1 145 ? 5.378   -20.299 26.167  1.00 32.52  ? 1436 THR A C   1 
ATOM   1043 O O   . THR A 1 145 ? 4.736   -21.170 26.807  1.00 30.38  ? 1436 THR A O   1 
ATOM   1044 C CB  . THR A 1 145 ? 5.201   -18.136 24.789  1.00 34.52  ? 1436 THR A CB  1 
ATOM   1045 O OG1 . THR A 1 145 ? 5.245   -17.947 23.375  1.00 36.06  ? 1436 THR A OG1 1 
ATOM   1046 C CG2 . THR A 1 145 ? 6.597   -17.940 25.346  1.00 35.32  ? 1436 THR A CG2 1 
HETATM 1047 N N1  . ZJN B 2 .   ? 3.176   6.599   -13.594 0.68 41.44  ? 1901 ZJN A N1  1 
HETATM 1048 N N3  . ZJN B 2 .   ? 3.017   9.723   -11.862 0.68 34.99  ? 1901 ZJN A N3  1 
HETATM 1049 C C4  . ZJN B 2 .   ? 2.988   9.749   -9.412  0.68 34.47  ? 1901 ZJN A C4  1 
HETATM 1050 C C5  . ZJN B 2 .   ? 4.018   11.604  -10.624 0.68 34.14  ? 1901 ZJN A C5  1 
HETATM 1051 C C6  . ZJN B 2 .   ? 3.315   11.155  -11.895 0.68 34.28  ? 1901 ZJN A C6  1 
HETATM 1052 C C7  . ZJN B 2 .   ? 2.798   11.933  -8.421  0.68 31.52  ? 1901 ZJN A C7  1 
HETATM 1053 C C8  . ZJN B 2 .   ? 2.417   13.322  -8.552  0.68 31.99  ? 1901 ZJN A C8  1 
HETATM 1054 C C10 . ZJN B 2 .   ? 1.663   15.407  -8.347  0.68 29.36  ? 1901 ZJN A C10 1 
HETATM 1055 C C13 . ZJN B 2 .   ? 3.704   6.000   -16.651 0.68 49.64  ? 1901 ZJN A C13 1 
HETATM 1056 C C15 . ZJN B 2 .   ? 4.944   4.956   -18.586 0.68 51.96  ? 1901 ZJN A C15 1 
HETATM 1057 C C17 . ZJN B 2 .   ? 3.912   3.353   -20.025 0.68 53.09  ? 1901 ZJN A C17 1 
HETATM 1058 C C20 . ZJN B 2 .   ? 1.368   4.395   -17.428 0.68 51.05  ? 1901 ZJN A C20 1 
HETATM 1059 C C21 . ZJN B 2 .   ? 0.008   5.724   -15.867 0.68 50.22  ? 1901 ZJN A C21 1 
HETATM 1060 C C22 . ZJN B 2 .   ? -1.076  4.807   -16.377 0.68 49.38  ? 1901 ZJN A C22 1 
HETATM 1061 C C24 . ZJN B 2 .   ? -2.312  2.747   -16.227 0.68 48.94  ? 1901 ZJN A C24 1 
HETATM 1062 C C26 . ZJN B 2 .   ? -2.818  4.299   -17.962 0.68 50.28  ? 1901 ZJN A C26 1 
HETATM 1063 C C1  . ZJN B 2 .   ? 2.400   6.794   -14.675 0.68 45.15  ? 1901 ZJN A C1  1 
HETATM 1064 C C11 . ZJN B 2 .   ? 2.088   15.204  -9.634  0.68 31.81  ? 1901 ZJN A C11 1 
HETATM 1065 C C12 . ZJN B 2 .   ? 2.497   5.715   -15.760 0.68 48.52  ? 1901 ZJN A C12 1 
HETATM 1066 C C14 . ZJN B 2 .   ? 3.771   5.068   -17.833 0.68 51.31  ? 1901 ZJN A C14 1 
HETATM 1067 C C16 . ZJN B 2 .   ? 5.014   4.106   -19.670 0.68 52.67  ? 1901 ZJN A C16 1 
HETATM 1068 C C18 . ZJN B 2 .   ? 2.742   3.453   -19.293 0.68 52.81  ? 1901 ZJN A C18 1 
HETATM 1069 C C19 . ZJN B 2 .   ? 2.663   4.310   -18.197 0.68 52.03  ? 1901 ZJN A C19 1 
HETATM 1070 C C2  . ZJN B 2 .   ? 3.420   8.863   -12.846 0.68 37.30  ? 1901 ZJN A C2  1 
HETATM 1071 C C23 . ZJN B 2 .   ? -1.323  3.595   -15.753 0.68 49.69  ? 1901 ZJN A C23 1 
HETATM 1072 C C25 . ZJN B 2 .   ? -3.059  3.101   -17.329 0.68 49.25  ? 1901 ZJN A C25 1 
HETATM 1073 C C27 . ZJN B 2 .   ? -1.831  5.151   -17.488 0.68 49.61  ? 1901 ZJN A C27 1 
HETATM 1074 C C3  . ZJN B 2 .   ? 2.252   9.349   -10.671 0.68 33.14  ? 1901 ZJN A C3  1 
HETATM 1075 C C9  . ZJN B 2 .   ? 1.888   14.189  -7.657  0.68 30.96  ? 1901 ZJN A C9  1 
HETATM 1076 N N2  . ZJN B 2 .   ? 3.283   7.540   -12.586 0.68 39.13  ? 1901 ZJN A N2  1 
HETATM 1077 N N4  . ZJN B 2 .   ? 3.257   11.189  -9.439  0.68 33.54  ? 1901 ZJN A N4  1 
HETATM 1078 N N5  . ZJN B 2 .   ? 1.290   5.600   -16.594 0.68 50.16  ? 1901 ZJN A N5  1 
HETATM 1079 O O1  . ZJN B 2 .   ? 1.643   7.761   -14.802 0.68 42.14  ? 1901 ZJN A O1  1 
HETATM 1080 O O2  . ZJN B 2 .   ? 3.886   9.267   -13.925 0.68 33.57  ? 1901 ZJN A O2  1 
HETATM 1081 O O3  . ZJN B 2 .   ? 2.566   11.387  -7.347  0.68 30.97  ? 1901 ZJN A O3  1 
HETATM 1082 O O4  . ZJN B 2 .   ? 2.548   13.928  -9.775  0.68 29.50  ? 1901 ZJN A O4  1 
HETATM 1083 O O   . HOH C 3 .   ? -5.495  -0.930  -11.679 0.68 32.86  ? 2001 HOH A O   1 
HETATM 1084 O O   . HOH C 3 .   ? -1.888  -1.533  14.393  1.00 34.96  ? 2002 HOH A O   1 
HETATM 1085 O O   . HOH C 3 .   ? 4.663   8.812   -21.907 1.00 46.35  ? 2003 HOH A O   1 
HETATM 1086 O O   . HOH C 3 .   ? -3.324  24.237  -3.838  1.00 35.74  ? 2004 HOH A O   1 
HETATM 1087 O O   . HOH C 3 .   ? 17.453  13.474  -10.942 1.00 29.50  ? 2005 HOH A O   1 
HETATM 1088 O O   . HOH C 3 .   ? 6.016   -2.463  -13.376 0.68 29.67  ? 2006 HOH A O   1 
HETATM 1089 O O   . HOH C 3 .   ? 10.659  -14.298 11.759  1.00 36.11  ? 2007 HOH A O   1 
HETATM 1090 O O   . HOH C 3 .   ? -7.671  7.218   -13.954 1.00 23.68  ? 2008 HOH A O   1 
HETATM 1091 O O   . HOH C 3 .   ? 4.173   -13.696 10.040  1.00 36.21  ? 2009 HOH A O   1 
HETATM 1092 O O   . HOH C 3 .   ? 4.361   -4.205  -14.123 0.68 38.26  ? 2010 HOH A O   1 
HETATM 1093 O O   . HOH C 3 .   ? -9.008  13.890  -9.027  1.00 30.34  ? 2011 HOH A O   1 
HETATM 1094 O O   . HOH C 3 .   ? -9.007  -13.504 1.676   1.00 39.47  ? 2012 HOH A O   1 
HETATM 1095 O O   . HOH C 3 .   ? 8.483   18.017  -1.408  1.00 21.12  ? 2013 HOH A O   1 
HETATM 1096 O O   . HOH C 3 .   ? 4.786   10.186  -6.501  0.68 13.86  ? 2014 HOH A O   1 
HETATM 1097 O O   . HOH C 3 .   ? 1.402   11.969  -15.241 0.68 29.15  ? 2015 HOH A O   1 
HETATM 1098 O O   . HOH C 3 .   ? 12.598  19.857  -9.146  0.68 25.34  ? 2016 HOH A O   1 
HETATM 1099 O O   . HOH C 3 .   ? 0.207   9.727   -14.045 0.68 16.80  ? 2017 HOH A O   1 
HETATM 1100 O O   . HOH C 3 .   ? 8.223   2.557   -8.317  0.68 20.39  ? 2018 HOH A O   1 
HETATM 1101 O O   . HOH C 3 .   ? -8.487  -16.685 11.121  1.00 22.54  ? 2019 HOH A O   1 
HETATM 1102 O O   . HOH C 3 .   ? -10.502 -5.727  4.814   1.00 29.83  ? 2020 HOH A O   1 
HETATM 1103 O O   . HOH C 3 .   ? -11.327 -17.225 20.970  0.68 24.76  ? 2021 HOH A O   1 
HETATM 1104 O O   . HOH C 3 .   ? 9.698   -3.703  0.368   1.00 32.27  ? 2022 HOH A O   1 
HETATM 1105 O O   . HOH C 3 .   ? -3.658  0.295   -16.291 1.00 35.56  ? 2023 HOH A O   1 
HETATM 1106 O O   . HOH C 3 .   ? 3.525   5.704   -9.917  1.00 14.90  ? 2024 HOH A O   1 
HETATM 1107 O O   . HOH C 3 .   ? 15.507  19.541  -9.256  0.68 20.69  ? 2025 HOH A O   1 
HETATM 1108 O O   . HOH C 3 .   ? 1.785   16.185  -13.111 0.68 38.21  ? 2026 HOH A O   1 
HETATM 1109 O O   . HOH C 3 .   ? -7.586  -11.737 19.978  1.00 22.05  ? 2027 HOH A O   1 
HETATM 1110 O O   . HOH C 3 .   ? 17.690  6.690   -2.814  1.00 40.41  ? 2028 HOH A O   1 
HETATM 1111 O O   . HOH C 3 .   ? 6.657   -7.044  10.686  1.00 28.49  ? 2029 HOH A O   1 
HETATM 1112 O O   . HOH C 3 .   ? 12.236  1.664   -4.745  1.00 27.10  ? 2030 HOH A O   1 
HETATM 1113 O O   . HOH C 3 .   ? -2.387  5.488   3.491   1.00 16.26  ? 2031 HOH A O   1 
HETATM 1114 O O   . HOH C 3 .   ? 4.593   -16.497 -2.729  1.00 18.07  ? 2032 HOH A O   1 
HETATM 1115 O O   . HOH C 3 .   ? -3.854  17.490  1.955   1.00 30.69  ? 2033 HOH A O   1 
HETATM 1116 O O   . HOH C 3 .   ? 4.665   19.192  -2.158  1.00 18.31  ? 2034 HOH A O   1 
HETATM 1117 O O   . HOH C 3 .   ? -13.826 4.721   6.285   1.00 23.32  ? 2035 HOH A O   1 
HETATM 1118 O O   . HOH C 3 .   ? 13.000  -12.081 -4.534  1.00 30.10  ? 2036 HOH A O   1 
HETATM 1119 O O   . HOH C 3 .   ? -6.048  1.734   8.588   1.00 17.14  ? 2037 HOH A O   1 
HETATM 1120 O O   . HOH C 3 .   ? 7.749   9.782   0.751   1.00 16.34  ? 2038 HOH A O   1 
HETATM 1121 O O   . HOH C 3 .   ? -6.502  18.421  -1.568  0.68 25.47  ? 2039 HOH A O   1 
HETATM 1122 O O   . HOH C 3 .   ? 10.261  -1.411  -8.101  1.00 33.86  ? 2040 HOH A O   1 
HETATM 1123 O O   . HOH C 3 .   ? -8.211  -18.550 7.193   1.00 36.40  ? 2041 HOH A O   1 
HETATM 1124 O O   . HOH C 3 .   ? 1.961   -21.693 19.818  1.00 35.56  ? 2042 HOH A O   1 
HETATM 1125 O O   . HOH C 3 .   ? -1.239  -20.349 16.769  1.00 13.95  ? 2043 HOH A O   1 
HETATM 1126 O O   . HOH C 3 .   ? 10.221  -15.816 -4.845  1.00 27.63  ? 2044 HOH A O   1 
HETATM 1127 O O   . HOH C 3 .   ? -0.928  11.299  -0.649  1.00 14.25  ? 2045 HOH A O   1 
HETATM 1128 O O   . HOH C 3 .   ? -1.179  -16.540 -1.528  1.00 26.46  ? 2046 HOH A O   1 
HETATM 1129 O O   . HOH C 3 .   ? -9.674  -8.015  14.697  1.00 30.97  ? 2047 HOH A O   1 
HETATM 1130 O O   . HOH C 3 .   ? -8.374  18.842  -5.711  1.00 42.21  ? 2048 HOH A O   1 
HETATM 1131 O O   . HOH C 3 .   ? -3.056  -19.039 27.775  1.00 39.66  ? 2049 HOH A O   1 
HETATM 1132 O O   . HOH C 3 .   ? 0.126   -22.861 23.497  1.00 44.39  ? 2050 HOH A O   1 
HETATM 1133 O O   . HOH C 3 .   ? 6.816   6.692   -6.304  0.68 13.27  ? 2051 HOH A O   1 
HETATM 1134 O O   . HOH C 3 .   ? 5.413   -10.315 12.506  1.00 27.77  ? 2052 HOH A O   1 
HETATM 1135 O O   . HOH C 3 .   ? -14.550 3.329   0.608   1.00 14.40  ? 2053 HOH A O   1 
HETATM 1136 O O   . HOH C 3 .   ? 8.981   1.394   2.757   1.00 28.67  ? 2054 HOH A O   1 
HETATM 1137 O O   . HOH C 3 .   ? -10.651 1.526   9.195   1.00 32.27  ? 2055 HOH A O   1 
HETATM 1138 O O   . HOH C 3 .   ? -2.616  -18.019 16.146  1.00 14.06  ? 2056 HOH A O   1 
HETATM 1139 O O   . HOH C 3 .   ? -9.971  9.589   -11.055 1.00 36.95  ? 2057 HOH A O   1 
HETATM 1140 O O   . HOH C 3 .   ? 17.069  9.844   -5.386  1.00 29.10  ? 2058 HOH A O   1 
HETATM 1141 O O   . HOH C 3 .   ? -10.146 -13.090 19.998  0.68 16.73  ? 2059 HOH A O   1 
HETATM 1142 O O   . HOH C 3 .   ? 10.085  -6.471  1.651   1.00 23.73  ? 2060 HOH A O   1 
HETATM 1143 O O   . HOH C 3 .   ? -16.053 -0.317  3.816   1.00 23.49  ? 2061 HOH A O   1 
HETATM 1144 O O   . HOH C 3 .   ? 5.699   7.008   4.063   1.00 15.98  ? 2062 HOH A O   1 
HETATM 1145 O O   . HOH C 3 .   ? 0.030   -13.358 23.946  1.00 26.67  ? 2063 HOH A O   1 
HETATM 1146 O O   . HOH C 3 .   ? -4.888  -10.705 22.058  1.00 17.05  ? 2064 HOH A O   1 
HETATM 1147 O O   . HOH C 3 .   ? -9.093  13.988  -2.829  1.00 16.93  ? 2065 HOH A O   1 
HETATM 1148 O O   . HOH C 3 .   ? -7.093  -15.214 3.863   1.00 22.73  ? 2066 HOH A O   1 
HETATM 1149 O O   . HOH C 3 .   ? 2.113   9.942   -16.903 0.68 31.98  ? 2067 HOH A O   1 
HETATM 1150 O O   . HOH C 3 .   ? 1.576   8.062   3.655   1.00 12.72  ? 2068 HOH A O   1 
HETATM 1151 O O   . HOH C 3 .   ? -9.168  -8.039  1.523   1.00 24.43  ? 2069 HOH A O   1 
HETATM 1152 O O   . HOH C 3 .   ? 5.998   4.383   4.652   1.00 15.35  ? 2070 HOH A O   1 
HETATM 1153 O O   . HOH C 3 .   ? 6.373   -16.400 -6.520  1.00 46.97  ? 2071 HOH A O   1 
HETATM 1154 O O   . HOH C 3 .   ? -2.694  9.572   3.271   1.00 22.75  ? 2072 HOH A O   1 
HETATM 1155 O O   . HOH C 3 .   ? -3.276  -16.128 2.909   1.00 13.29  ? 2073 HOH A O   1 
HETATM 1156 O O   . HOH C 3 .   ? 3.382   -0.517  8.887   1.00 19.95  ? 2074 HOH A O   1 
HETATM 1157 O O   . HOH C 3 .   ? 3.522   5.598   -7.311  0.68 14.84  ? 2075 HOH A O   1 
HETATM 1158 O O   . HOH C 3 .   ? -6.170  -2.069  -13.494 0.68 24.60  ? 2076 HOH A O   1 
HETATM 1159 O O   . HOH C 3 .   ? -10.984 -3.027  7.766   1.00 18.78  ? 2077 HOH A O   1 
HETATM 1160 O O   . HOH C 3 .   ? -12.289 0.630   8.561   1.00 24.48  ? 2078 HOH A O   1 
HETATM 1161 O O   . HOH C 3 .   ? -5.219  -13.065 20.708  1.00 14.08  ? 2079 HOH A O   1 
HETATM 1162 O O   . HOH C 3 .   ? -6.920  10.444  2.615   1.00 22.58  ? 2080 HOH A O   1 
HETATM 1163 O O   . HOH C 3 .   ? -10.133 5.852   5.633   1.00 22.21  ? 2081 HOH A O   1 
HETATM 1164 O O   . HOH C 3 .   ? -5.048  -10.860 8.748   1.00 11.71  ? 2082 HOH A O   1 
HETATM 1165 O O   . HOH C 3 .   ? -8.244  -5.951  -10.466 1.00 25.63  ? 2083 HOH A O   1 
HETATM 1166 O O   . HOH C 3 .   ? -5.755  -1.901  12.532  1.00 18.81  ? 2084 HOH A O   1 
HETATM 1167 O O   . HOH C 3 .   ? -9.695  11.732  -16.339 0.68 33.49  ? 2085 HOH A O   1 
HETATM 1168 O O   . HOH C 3 .   ? -0.154  1.036   11.153  1.00 31.52  ? 2086 HOH A O   1 
HETATM 1169 O O   . HOH C 3 .   ? -12.477 2.510   -16.251 1.00 22.33  ? 2087 HOH A O   1 
HETATM 1170 O O   . HOH C 3 .   ? -12.021 6.491   -1.739  1.00 17.34  ? 2088 HOH A O   1 
HETATM 1171 O O   . HOH C 3 .   ? -9.715  -3.230  13.122  1.00 21.91  ? 2089 HOH A O   1 
HETATM 1172 O O   . HOH C 3 .   ? 8.204   -2.525  3.810   1.00 20.47  ? 2090 HOH A O   1 
HETATM 1173 O O   . HOH C 3 .   ? 2.131   -18.268 -0.027  1.00 19.14  ? 2091 HOH A O   1 
HETATM 1174 O O   . HOH C 3 .   ? -11.724 14.195  -3.907  1.00 15.76  ? 2092 HOH A O   1 
HETATM 1175 O O   . HOH C 3 .   ? 3.871   7.667   -5.669  0.68 13.96  ? 2093 HOH A O   1 
HETATM 1176 O O   . HOH C 3 .   ? -6.265  -14.062 11.009  1.00 17.82  ? 2094 HOH A O   1 
HETATM 1177 O O   . HOH C 3 .   ? 5.088   13.374  2.034   1.00 18.90  ? 2095 HOH A O   1 
HETATM 1178 O O   . HOH C 3 .   ? 10.867  8.498   -0.977  1.00 16.71  ? 2096 HOH A O   1 
HETATM 1179 O O   . HOH C 3 .   ? 5.044   -11.939 0.738   1.00 11.70  ? 2097 HOH A O   1 
HETATM 1180 O O   . HOH C 3 .   ? -10.335 5.869   -4.395  1.00 20.83  ? 2098 HOH A O   1 
HETATM 1181 O O   . HOH C 3 .   ? -1.947  -21.984 18.894  1.00 19.42  ? 2099 HOH A O   1 
HETATM 1182 O O   . HOH C 3 .   ? 0.946   -9.216  17.614  1.00 16.76  ? 2100 HOH A O   1 
HETATM 1183 O O   . HOH C 3 .   ? -3.384  -8.906  -6.333  1.00 31.04  ? 2101 HOH A O   1 
HETATM 1184 O O   . HOH C 3 .   ? 7.296   -3.198  -10.624 1.00 36.01  ? 2102 HOH A O   1 
HETATM 1185 O O   . HOH C 3 .   ? 6.711   3.685   -15.904 0.68 28.77  ? 2103 HOH A O   1 
HETATM 1186 O O   . HOH C 3 .   ? 0.539   -10.375 -5.135  1.00 24.50  ? 2104 HOH A O   1 
HETATM 1187 O O   . HOH C 3 .   ? 1.179   4.063   -13.406 0.68 17.23  ? 2105 HOH A O   1 
HETATM 1188 O O   . HOH C 3 .   ? 1.596   18.443  -0.345  0.68 23.89  ? 2106 HOH A O   1 
HETATM 1189 O O   . HOH C 3 .   ? -6.093  8.282   4.339   1.00 19.73  ? 2107 HOH A O   1 
HETATM 1190 O O   . HOH C 3 .   ? 18.402  15.935  -4.413  1.00 45.79  ? 2108 HOH A O   1 
HETATM 1191 O O   . HOH C 3 .   ? -13.173 3.493   -10.202 1.00 35.20  ? 2109 HOH A O   1 
HETATM 1192 O O   . HOH C 3 .   ? 8.791   -3.583  -2.303  1.00 27.35  ? 2110 HOH A O   1 
HETATM 1193 O O   . HOH C 3 .   ? -9.421  8.944   -14.287 1.00 34.03  ? 2111 HOH A O   1 
HETATM 1194 O O   . HOH C 3 .   ? -11.438 -2.484  10.909  1.00 29.43  ? 2112 HOH A O   1 
HETATM 1195 O O   . HOH C 3 .   ? 15.045  12.283  -11.621 1.00 27.88  ? 2113 HOH A O   1 
HETATM 1196 O O   . HOH C 3 .   ? -4.109  -18.435 5.430   1.00 17.73  ? 2114 HOH A O   1 
HETATM 1197 O O   . HOH C 3 .   ? 0.394   -5.854  -11.497 1.00 35.98  ? 2115 HOH A O   1 
HETATM 1198 O O   . HOH C 3 .   ? -8.226  -13.013 9.285   1.00 19.38  ? 2116 HOH A O   1 
HETATM 1199 O O   . HOH C 3 .   ? 0.934   -20.459 23.079  1.00 30.25  ? 2117 HOH A O   1 
HETATM 1200 O O   . HOH C 3 .   ? 11.905  3.603   7.352   1.00 35.97  ? 2118 HOH A O   1 
HETATM 1201 O O   . HOH C 3 .   ? -9.806  0.739   13.189  1.00 38.64  ? 2119 HOH A O   1 
HETATM 1202 O O   . HOH C 3 .   ? -10.626 -8.557  -4.999  1.00 28.03  ? 2120 HOH A O   1 
HETATM 1203 O O   . HOH C 3 .   ? 0.367   -7.238  19.362  1.00 18.09  ? 2121 HOH A O   1 
HETATM 1204 O O   . HOH C 3 .   ? 16.288  13.038  -15.388 1.00 25.94  ? 2122 HOH A O   1 
HETATM 1205 O O   . HOH C 3 .   ? 11.834  11.015  -0.519  1.00 25.50  ? 2123 HOH A O   1 
HETATM 1206 O O   . HOH C 3 .   ? 3.951   -17.495 9.038   1.00 21.59  ? 2124 HOH A O   1 
HETATM 1207 O O   . HOH C 3 .   ? -11.468 5.069   -8.349  0.68 22.53  ? 2125 HOH A O   1 
HETATM 1208 O O   . HOH C 3 .   ? 9.118   -8.433  10.063  1.00 31.49  ? 2126 HOH A O   1 
HETATM 1209 O O   . HOH C 3 .   ? 7.542   5.355   -8.757  0.68 16.28  ? 2127 HOH A O   1 
HETATM 1210 O O   . HOH C 3 .   ? 0.914   -15.973 4.499   1.00 14.90  ? 2128 HOH A O   1 
HETATM 1211 O O   . HOH C 3 .   ? 2.593   -15.458 6.780   1.00 20.99  ? 2129 HOH A O   1 
HETATM 1212 O O   . HOH C 3 .   ? -2.007  13.968  3.043   1.00 26.42  ? 2130 HOH A O   1 
HETATM 1213 O O   . HOH C 3 .   ? -3.248  -13.055 9.213   1.00 11.92  ? 2131 HOH A O   1 
HETATM 1214 O O   . HOH C 3 .   ? -11.652 0.737   -13.857 1.00 26.58  ? 2132 HOH A O   1 
HETATM 1215 O O   . HOH C 3 .   ? 6.774   -14.828 10.704  0.50 38.45  ? 2133 HOH A O   1 
HETATM 1216 O O   . HOH C 3 .   ? 10.685  -0.085  0.333   1.00 33.70  ? 2134 HOH A O   1 
HETATM 1217 O O   . HOH C 3 .   ? -6.177  -14.009 -4.473  1.00 35.14  ? 2135 HOH A O   1 
HETATM 1218 O O   . HOH C 3 .   ? -1.691  16.164  -11.339 1.00 16.66  ? 2136 HOH A O   1 
HETATM 1219 O O   . HOH C 3 .   ? -9.405  -14.738 5.072   1.00 40.88  ? 2137 HOH A O   1 
HETATM 1220 O O   . HOH C 3 .   ? -2.515  1.467   11.251  1.00 26.63  ? 2138 HOH A O   1 
HETATM 1221 O O   . HOH C 3 .   ? 11.166  -9.352  -5.159  1.00 39.65  ? 2139 HOH A O   1 
HETATM 1222 O O   . HOH C 3 .   ? -5.813  -6.565  -11.083 1.00 35.78  ? 2140 HOH A O   1 
HETATM 1223 O O   . HOH C 3 .   ? 9.851   6.088   -10.415 0.68 19.76  ? 2141 HOH A O   1 
HETATM 1224 O O   . HOH C 3 .   ? 3.424   2.144   8.131   1.00 17.29  ? 2142 HOH A O   1 
HETATM 1225 O O   . HOH C 3 .   ? -9.298  1.240   -14.436 1.00 36.35  ? 2143 HOH A O   1 
HETATM 1226 O O   . HOH C 3 .   ? -8.932  -9.193  7.860   1.00 29.68  ? 2144 HOH A O   1 
HETATM 1227 O O   . HOH C 3 .   ? -12.638 -1.089  -6.263  1.00 31.20  ? 2145 HOH A O   1 
HETATM 1228 O O   . HOH C 3 .   ? -5.425  6.367   -20.056 1.00 41.24  ? 2146 HOH A O   1 
HETATM 1229 O O   . HOH C 3 .   ? 2.734   -6.774  -10.412 1.00 30.22  ? 2147 HOH A O   1 
HETATM 1230 O O   . HOH C 3 .   ? -7.404  1.191   12.639  1.00 42.66  ? 2148 HOH A O   1 
HETATM 1231 O O   . HOH C 3 .   ? 2.445   -1.722  13.156  1.00 28.80  ? 2149 HOH A O   1 
HETATM 1232 O O   . HOH C 3 .   ? 10.621  5.513   -15.649 1.00 35.57  ? 2150 HOH A O   1 
HETATM 1233 O O   . HOH C 3 .   ? -2.060  17.980  4.051   1.00 32.96  ? 2151 HOH A O   1 
HETATM 1234 O O   . HOH C 3 .   ? 17.336  17.995  -5.075  1.00 44.23  ? 2152 HOH A O   1 
HETATM 1235 O O   . HOH C 3 .   ? -0.384  13.873  -15.704 0.68 37.17  ? 2153 HOH A O   1 
HETATM 1236 O O   . HOH C 3 .   ? -8.657  -8.397  16.405  1.00 36.84  ? 2154 HOH A O   1 
HETATM 1237 O O   . HOH C 3 .   ? -12.450 11.321  -14.410 1.00 36.13  ? 2155 HOH A O   1 
HETATM 1238 O O   . HOH C 3 .   ? 5.749   13.595  -20.911 0.68 37.45  ? 2156 HOH A O   1 
HETATM 1239 O O   . HOH C 3 .   ? 6.732   -2.760  9.111   1.00 31.21  ? 2157 HOH A O   1 
HETATM 1240 O O   . HOH C 3 .   ? -9.727  4.187   7.994   1.00 32.01  ? 2158 HOH A O   1 
HETATM 1241 O O   . HOH C 3 .   ? 1.264   10.731  3.094   1.00 15.66  ? 2159 HOH A O   1 
HETATM 1242 O O   . HOH C 3 .   ? -4.302  -14.655 22.929  1.00 14.99  ? 2160 HOH A O   1 
HETATM 1243 O O   . HOH C 3 .   ? -7.211  8.696   -18.695 1.00 55.36  ? 2161 HOH A O   1 
HETATM 1244 O O   . HOH C 3 .   ? -10.800 10.939  0.851   1.00 26.32  ? 2162 HOH A O   1 
HETATM 1245 O O   . HOH C 3 .   ? -2.468  -13.366 24.653  1.00 35.21  ? 2163 HOH A O   1 
HETATM 1246 O O   . HOH C 3 .   ? 3.161   9.840   -23.835 0.68 33.29  ? 2164 HOH A O   1 
HETATM 1247 O O   . HOH C 3 .   ? -8.560  16.655  -2.312  1.00 24.65  ? 2165 HOH A O   1 
HETATM 1248 O O   . HOH C 3 .   ? -11.318 -11.852 14.691  1.00 38.49  ? 2166 HOH A O   1 
HETATM 1249 O O   . HOH C 3 .   ? -6.127  -0.784  -17.535 1.00 26.80  ? 2167 HOH A O   1 
HETATM 1250 O O   . HOH C 3 .   ? 2.694   -10.901 19.058  1.00 29.14  ? 2168 HOH A O   1 
HETATM 1251 O O   . HOH C 3 .   ? 3.405   7.284   5.463   1.00 152.71 ? 2169 HOH A O   1 
HETATM 1252 O O   . HOH C 3 .   ? 11.402  7.514   1.668   1.00 34.51  ? 2170 HOH A O   1 
HETATM 1253 O O   . HOH C 3 .   ? 7.730   8.558   4.881   1.00 25.34  ? 2171 HOH A O   1 
HETATM 1254 O O   . HOH C 3 .   ? -11.445 -5.706  14.164  1.00 26.94  ? 2172 HOH A O   1 
HETATM 1255 O O   . HOH C 3 .   ? -13.183 6.713   -9.359  1.00 40.16  ? 2173 HOH A O   1 
HETATM 1256 O O   . HOH C 3 .   ? 5.275   16.212  1.988   1.00 23.67  ? 2174 HOH A O   1 
HETATM 1257 O O   . HOH C 3 .   ? 0.927   6.544   8.804   1.00 34.92  ? 2175 HOH A O   1 
HETATM 1258 O O   . HOH C 3 .   ? -0.841  7.440   4.662   1.00 20.37  ? 2176 HOH A O   1 
HETATM 1259 O O   . HOH C 3 .   ? -14.390 -5.587  7.948   1.00 40.17  ? 2177 HOH A O   1 
HETATM 1260 O O   . HOH C 3 .   ? 1.190   -1.117  10.352  1.00 30.03  ? 2178 HOH A O   1 
HETATM 1261 O O   . HOH C 3 .   ? -12.262 -8.490  -3.097  1.00 44.25  ? 2179 HOH A O   1 
HETATM 1262 O O   . HOH C 3 .   ? -10.622 -12.351 -7.466  1.00 37.26  ? 2180 HOH A O   1 
HETATM 1263 O O   . HOH C 3 .   ? -5.129  0.469   10.953  1.00 18.63  ? 2181 HOH A O   1 
HETATM 1264 O O   . HOH C 3 .   ? -10.406 -5.599  1.744   1.00 37.87  ? 2182 HOH A O   1 
HETATM 1265 O O   . HOH C 3 .   ? 10.049  5.036   6.836   1.00 32.16  ? 2183 HOH A O   1 
HETATM 1266 O O   . HOH C 3 .   ? -9.960  -10.464 -9.967  1.00 31.66  ? 2184 HOH A O   1 
HETATM 1267 O O   . HOH C 3 .   ? -5.747  -17.463 3.199   1.00 23.64  ? 2185 HOH A O   1 
HETATM 1268 O O   . HOH C 3 .   ? 1.461   2.868   13.013  1.00 54.08  ? 2186 HOH A O   1 
HETATM 1269 O O   . HOH C 3 .   ? -1.723  -17.388 1.019   1.00 21.01  ? 2187 HOH A O   1 
HETATM 1270 O O   . HOH C 3 .   ? -9.783  13.325  -0.020  1.00 31.98  ? 2188 HOH A O   1 
HETATM 1271 O O   . HOH C 3 .   ? -1.228  11.500  2.068   1.00 14.43  ? 2189 HOH A O   1 
HETATM 1272 O O   . HOH C 3 .   ? -10.744 -18.640 -5.570  1.00 23.29  ? 2190 HOH A O   1 
HETATM 1273 O O   . HOH C 3 .   ? 8.731   4.119   4.316   1.00 24.32  ? 2191 HOH A O   1 
HETATM 1274 O O   . HOH C 3 .   ? 10.738  1.753   -8.885  0.68 23.96  ? 2192 HOH A O   1 
HETATM 1275 O O   . HOH C 3 .   ? 6.856   -4.156  10.943  1.00 39.12  ? 2193 HOH A O   1 
HETATM 1276 O O   . HOH C 3 .   ? -4.458  14.356  4.192   1.00 36.16  ? 2194 HOH A O   1 
HETATM 1277 O O   . HOH C 3 .   ? 2.737   5.244   11.744  1.00 42.85  ? 2195 HOH A O   1 
HETATM 1278 O O   . HOH C 3 .   ? 11.724  4.229   -10.670 0.68 26.04  ? 2196 HOH A O   1 
HETATM 1279 O O   . HOH C 3 .   ? 4.085   13.901  -23.228 1.00 30.07  ? 2197 HOH A O   1 
HETATM 1280 O O   . HOH C 3 .   ? -11.669 5.100   7.488   1.00 29.33  ? 2198 HOH A O   1 
HETATM 1281 O O   . HOH C 3 .   ? -12.825 -15.465 -4.193  1.00 35.02  ? 2199 HOH A O   1 
HETATM 1282 O O   . HOH C 3 .   ? 2.393   -11.194 21.784  1.00 43.05  ? 2200 HOH A O   1 
HETATM 1283 O O   . HOH C 3 .   ? 0.799   -18.562 2.988   0.50 12.97  ? 2201 HOH A O   1 
HETATM 1284 O O   . HOH C 3 .   ? 11.416  3.227   -13.157 0.68 37.43  ? 2202 HOH A O   1 
HETATM 1285 O O   . HOH C 3 .   ? -7.665  7.554   6.303   1.00 31.17  ? 2203 HOH A O   1 
HETATM 1286 O O   . HOH C 3 .   ? 11.259  -2.623  -3.519  1.00 36.04  ? 2204 HOH A O   1 
HETATM 1287 O O   . HOH C 3 .   ? 1.473   -7.528  21.793  1.00 29.12  ? 2205 HOH A O   1 
HETATM 1288 O O   . HOH C 3 .   ? 17.254  10.790  -15.155 1.00 41.34  ? 2206 HOH A O   1 
HETATM 1289 O O   . HOH C 3 .   ? -14.068 -4.233  10.567  1.00 37.51  ? 2207 HOH A O   1 
HETATM 1290 O O   . HOH C 3 .   ? -6.643  12.909  3.605   1.00 34.36  ? 2208 HOH A O   1 
HETATM 1291 O O   . HOH C 3 .   ? 2.466   -8.102  15.415  1.00 22.49  ? 2209 HOH A O   1 
# 
